data_7QEA
#
_entry.id   7QEA
#
_cell.length_a   63.268
_cell.length_b   81.565
_cell.length_c   93.393
_cell.angle_alpha   66.640
_cell.angle_beta   89.380
_cell.angle_gamma   89.570
#
_symmetry.space_group_name_H-M   'P 1'
#
loop_
_entity.id
_entity.type
_entity.pdbx_description
1 polymer SN243
2 non-polymer "(2~{S},3~{S},4~{S},5~{R},6~{S})-3,4,5-tris(oxidanyl)-6-[(1~{R})-6'-oxidanyl-3-oxidanylidene-spiro[2-benzofuran-1,9'-xanthene]-3'-yl]oxy-oxane-2-carboxylic acid"
3 non-polymer 'ZINC ION'
4 non-polymer 'ACETATE ION'
5 non-polymer 'SULFATE ION'
6 water water
#
_entity_poly.entity_id   1
_entity_poly.type   'polypeptide(L)'
_entity_poly.pdbx_seq_one_letter_code
;SATTPPGDLEQPELEARVKEIIEVDGYQFRDLNDNGELDPYEDWRLPTPERVADLVGQMSLVEKSGLMLINTLNAACDPQ
TGEFGVLPAQADNYINTQHMHRFVFRNVVDVRAEGVECTGTGTPVVSPAEAATFTNAVQEMSEATRLGIPSLFKSNARNH
IDPDARVGINEAAGAFSAFPKEAGIAAAALGEQARRTGEATTGDMSVVADFADVMGEEWASIGLRGMYGYMADLSTEPRW
YRTHETFTEDAYLAAEIMETLVQTLQGEELTDNGLALSPQTRVALTLKHFPGGGPQELGLDPHYAFGKAQVYPAGRFEEH
FLPFQAAIDAGVSSIMPYYGVPVDVPVVGGEPGETYPHTGFAFSDSIVNGLLRDQLGFTGYVNSATGIINDRAWGLEGNT
VPERVAAAINGGTDTLSGFSDVSVITDLYEADLISEERIDLAAERLLEPLFDMGLFENPYVDPDVATATVGADDHRAVGL
DLQRKSLVLLQNEETDEGPVLPLKEGGDVYILGDFTEETVESYGYEVTNGNVAEGEERPSAAGSDYVLISMTAKTNAGDY
VSDDPSLGLNPDHGTNPSVIIGDDGEPLPGLDGQSLWGAADVCVHKEGHEENPSCTDNRLRFGGAYPWESSILDFTGMEA
AESWEVVPSLETIQEVMAEVEDPSKVILHVYFRQPYVLDEESGLRDAGAILAGFGMTDTALMDVLTGAYAPQGKLPFALA
GTREAIIEQDSDRPGYDETEDGALYPFGYGLTYEDDTEE
;
_entity_poly.pdbx_strand_id   A,B
#
loop_
_chem_comp.id
_chem_comp.type
_chem_comp.name
_chem_comp.formula
ACT non-polymer 'ACETATE ION' 'C2 H3 O2 -1'
B9I non-polymer '(2~{S},3~{S},4~{S},5~{R},6~{S})-3,4,5-tris(oxidanyl)-6-[(1~{R})-6'-oxidanyl-3-oxidanylidene-spiro[2-benzofuran-1,9'-xanthene]-3'-yl]oxy-oxane-2-carboxylic acid' 'C26 H20 O11'
SO4 non-polymer 'SULFATE ION' 'O4 S -2'
ZN non-polymer 'ZINC ION' 'Zn 2'
#
# COMPACT_ATOMS: atom_id res chain seq x y z
N GLU A 10 1.57 30.19 23.42
CA GLU A 10 2.94 30.58 23.70
C GLU A 10 3.79 29.38 24.11
N GLN A 11 3.24 28.61 25.04
CA GLN A 11 3.90 27.49 25.70
C GLN A 11 4.20 26.32 24.78
N PRO A 12 5.46 26.06 24.44
CA PRO A 12 5.79 24.87 23.65
C PRO A 12 5.88 23.61 24.51
N GLU A 13 5.57 22.47 23.90
CA GLU A 13 5.71 21.18 24.58
C GLU A 13 7.16 20.93 24.99
N LEU A 14 7.36 20.46 26.22
CA LEU A 14 8.70 20.13 26.72
C LEU A 14 8.76 18.67 27.15
N GLU A 15 9.79 17.97 26.68
CA GLU A 15 10.14 16.66 27.21
C GLU A 15 11.57 16.70 27.72
N ALA A 16 11.78 16.09 28.89
CA ALA A 16 13.09 16.00 29.55
C ALA A 16 13.22 14.63 30.20
N ARG A 17 14.21 13.83 29.77
CA ARG A 17 14.34 12.48 30.29
C ARG A 17 15.40 12.33 31.38
N VAL A 18 16.23 13.34 31.61
CA VAL A 18 17.22 13.25 32.69
C VAL A 18 17.28 14.58 33.45
N LYS A 19 17.41 15.69 32.75
CA LYS A 19 17.32 16.96 33.45
C LYS A 19 15.87 17.21 33.90
N GLU A 20 15.67 18.28 34.68
CA GLU A 20 14.38 18.63 35.27
C GLU A 20 13.76 19.85 34.59
N ILE A 21 12.44 19.88 34.64
CA ILE A 21 11.63 21.02 34.20
C ILE A 21 11.44 21.95 35.39
N ILE A 22 11.42 23.26 35.14
CA ILE A 22 11.29 24.26 36.20
C ILE A 22 10.19 25.26 35.84
N GLU A 23 9.36 25.60 36.84
CA GLU A 23 8.28 26.58 36.72
C GLU A 23 8.81 27.98 36.99
N VAL A 24 8.52 28.93 36.09
CA VAL A 24 8.85 30.35 36.30
C VAL A 24 7.83 31.20 35.54
N ASP A 25 7.44 32.33 36.15
CA ASP A 25 6.52 33.33 35.61
C ASP A 25 5.26 32.71 34.99
N GLY A 26 4.77 31.62 35.56
CA GLY A 26 3.59 30.97 35.05
C GLY A 26 3.84 30.07 33.86
N TYR A 27 5.10 29.91 33.45
CA TYR A 27 5.50 29.13 32.30
C TYR A 27 6.48 28.04 32.75
N GLN A 28 6.69 27.04 31.90
CA GLN A 28 7.54 25.90 32.20
C GLN A 28 8.79 25.93 31.31
N PHE A 29 9.91 25.43 31.83
CA PHE A 29 11.20 25.53 31.17
C PHE A 29 12.06 24.31 31.50
N ARG A 30 12.98 23.96 30.58
CA ARG A 30 13.92 22.87 30.82
C ARG A 30 15.20 23.42 31.47
N ASP A 31 15.56 22.87 32.63
CA ASP A 31 16.77 23.27 33.36
C ASP A 31 17.95 22.41 32.94
N LEU A 32 18.63 22.83 31.87
CA LEU A 32 19.55 21.94 31.17
C LEU A 32 20.93 21.85 31.83
N ASN A 33 21.39 22.91 32.51
CA ASN A 33 22.67 22.89 33.20
C ASN A 33 22.59 22.41 34.66
N ASP A 34 21.40 22.06 35.15
CA ASP A 34 21.23 21.34 36.41
C ASP A 34 21.71 22.14 37.61
N ASN A 35 21.53 23.45 37.53
CA ASN A 35 21.73 24.31 38.70
C ASN A 35 20.42 24.51 39.43
N GLY A 36 19.34 24.32 38.72
CA GLY A 36 18.02 24.45 39.23
C GLY A 36 17.38 25.77 38.89
N GLU A 37 18.11 26.76 38.33
CA GLU A 37 17.20 27.86 38.09
C GLU A 37 17.48 28.38 36.67
N LEU A 38 16.72 29.38 36.23
CA LEU A 38 16.49 29.64 34.80
C LEU A 38 17.49 30.61 34.18
N ASP A 39 18.41 30.05 33.32
CA ASP A 39 19.30 30.80 32.45
C ASP A 39 18.57 31.33 31.21
N PRO A 40 19.03 32.45 30.65
CA PRO A 40 18.45 32.93 29.39
C PRO A 40 18.49 31.91 28.24
N TYR A 41 19.47 30.99 28.20
CA TYR A 41 19.51 30.06 27.07
C TYR A 41 18.40 29.02 27.15
N GLU A 42 17.92 28.70 28.36
CA GLU A 42 16.76 27.83 28.55
C GLU A 42 15.43 28.57 28.44
N ASP A 43 15.47 29.90 28.34
CA ASP A 43 14.26 30.73 28.37
C ASP A 43 13.79 30.93 26.95
N TRP A 44 12.85 30.10 26.53
CA TRP A 44 12.32 30.11 25.17
C TRP A 44 11.52 31.35 24.86
N ARG A 45 11.33 32.24 25.83
CA ARG A 45 10.62 33.47 25.56
C ARG A 45 11.52 34.49 24.86
N LEU A 46 12.85 34.36 24.99
CA LEU A 46 13.81 35.31 24.45
C LEU A 46 14.12 35.02 22.99
N PRO A 47 14.56 36.04 22.25
CA PRO A 47 15.07 35.78 20.90
C PRO A 47 16.25 34.82 20.94
N THR A 48 16.46 34.17 19.83
CA THR A 48 17.48 33.14 19.71
C THR A 48 18.89 33.73 19.88
N PRO A 49 19.21 34.90 19.31
CA PRO A 49 20.56 35.44 19.52
C PRO A 49 20.94 35.58 20.99
N GLU A 50 19.98 35.92 21.87
CA GLU A 50 20.27 36.10 23.30
C GLU A 50 20.37 34.77 24.04
N ARG A 51 19.65 33.74 23.59
CA ARG A 51 19.87 32.39 24.11
C ARG A 51 21.25 31.88 23.72
N VAL A 52 21.64 32.13 22.46
CA VAL A 52 22.97 31.77 21.99
C VAL A 52 24.03 32.47 22.83
N ALA A 53 23.94 33.80 22.92
CA ALA A 53 24.87 34.61 23.71
C ALA A 53 25.11 34.03 25.10
N ASP A 54 24.00 33.72 25.81
CA ASP A 54 24.11 33.17 27.16
C ASP A 54 24.72 31.78 27.16
N LEU A 55 24.39 30.96 26.15
CA LEU A 55 24.92 29.60 26.09
C LEU A 55 26.41 29.58 25.79
N VAL A 56 26.83 30.26 24.72
CA VAL A 56 28.24 30.30 24.38
C VAL A 56 29.05 30.91 25.52
N GLY A 57 28.41 31.79 26.31
CA GLY A 57 29.12 32.39 27.44
C GLY A 57 29.50 31.40 28.52
N GLN A 58 28.67 30.40 28.77
CA GLN A 58 28.93 29.39 29.81
C GLN A 58 29.74 28.22 29.29
N MET A 59 30.13 28.20 28.02
CA MET A 59 30.71 26.99 27.45
C MET A 59 32.23 27.00 27.64
N SER A 60 32.77 25.83 27.92
CA SER A 60 34.21 25.70 27.94
C SER A 60 34.75 25.71 26.52
N LEU A 61 36.08 25.77 26.40
CA LEU A 61 36.67 25.82 25.07
C LEU A 61 36.46 24.49 24.35
N VAL A 62 36.71 23.38 25.04
CA VAL A 62 36.50 22.07 24.45
C VAL A 62 35.03 21.85 24.09
N GLU A 63 34.11 22.35 24.92
CA GLU A 63 32.69 22.20 24.63
C GLU A 63 32.34 22.93 23.33
N LYS A 64 32.92 24.09 23.10
CA LYS A 64 32.66 24.82 21.86
C LYS A 64 33.35 24.17 20.68
N SER A 65 34.53 23.59 20.90
CA SER A 65 35.24 22.92 19.81
C SER A 65 34.55 21.61 19.39
N GLY A 66 33.90 20.92 20.34
CA GLY A 66 33.17 19.70 20.01
C GLY A 66 32.05 19.93 19.03
N LEU A 67 31.45 21.13 19.05
CA LEU A 67 30.44 21.48 18.06
C LEU A 67 30.99 21.47 16.63
N MET A 68 32.31 21.57 16.45
CA MET A 68 32.87 21.74 15.12
C MET A 68 33.18 20.40 14.45
N LEU A 69 32.68 19.30 14.98
CA LEU A 69 32.87 17.98 14.41
C LEU A 69 31.51 17.35 14.12
N ILE A 70 31.43 16.61 13.02
CA ILE A 70 30.26 15.79 12.68
C ILE A 70 30.76 14.47 12.09
N ASN A 71 30.28 13.35 12.63
CA ASN A 71 30.79 12.05 12.25
C ASN A 71 29.67 11.03 12.18
N THR A 72 29.96 9.90 11.52
CA THR A 72 28.98 8.83 11.38
C THR A 72 28.62 8.24 12.75
N LEU A 73 27.32 8.18 13.05
CA LEU A 73 26.87 7.49 14.27
C LEU A 73 25.67 6.62 13.94
N ASN A 74 25.93 5.36 13.64
CA ASN A 74 24.92 4.43 13.18
C ASN A 74 24.37 3.61 14.33
N ALA A 75 23.10 3.23 14.21
CA ALA A 75 22.52 2.24 15.11
C ALA A 75 23.29 0.92 15.01
N ALA A 76 23.33 0.20 16.11
CA ALA A 76 23.97 -1.10 16.22
C ALA A 76 22.96 -2.09 16.81
N CYS A 77 23.38 -3.34 16.99
CA CYS A 77 22.59 -4.40 17.60
C CYS A 77 23.51 -5.19 18.54
N ASP A 78 23.04 -5.66 19.73
CA ASP A 78 23.92 -6.56 20.51
C ASP A 78 23.18 -7.89 20.31
N PRO A 79 23.81 -8.97 19.92
CA PRO A 79 23.06 -10.20 19.90
C PRO A 79 22.56 -10.77 21.25
N GLN A 80 21.89 -10.08 22.20
CA GLN A 80 21.47 -10.88 23.37
C GLN A 80 20.15 -10.52 24.06
N THR A 81 19.54 -9.36 23.77
CA THR A 81 18.21 -9.05 24.30
C THR A 81 17.15 -9.02 23.19
N GLY A 82 17.54 -9.26 21.94
CA GLY A 82 16.67 -9.03 20.79
C GLY A 82 16.45 -7.57 20.47
N GLU A 83 17.25 -6.66 21.02
CA GLU A 83 17.12 -5.24 20.75
C GLU A 83 17.98 -4.85 19.55
N PHE A 84 17.33 -4.33 18.51
CA PHE A 84 17.99 -3.60 17.43
C PHE A 84 17.78 -2.12 17.71
N GLY A 85 18.81 -1.31 17.47
CA GLY A 85 18.66 0.11 17.73
C GLY A 85 19.32 0.53 19.02
N VAL A 86 20.46 -0.07 19.32
CA VAL A 86 21.26 0.30 20.45
C VAL A 86 22.35 1.27 19.99
N LEU A 87 23.03 1.88 20.94
CA LEU A 87 24.08 2.81 20.59
C LEU A 87 25.33 2.06 20.15
N PRO A 88 26.08 2.63 19.21
CA PRO A 88 27.29 1.96 18.69
C PRO A 88 28.45 2.10 19.65
N ALA A 89 29.58 1.48 19.27
CA ALA A 89 30.72 1.39 20.17
C ALA A 89 31.24 2.78 20.56
N GLN A 90 31.35 3.68 19.59
CA GLN A 90 31.94 5.00 19.77
C GLN A 90 30.95 6.03 20.33
N ALA A 91 29.75 5.64 20.76
CA ALA A 91 28.77 6.62 21.23
C ALA A 91 29.25 7.39 22.46
N ASP A 92 29.80 6.68 23.45
CA ASP A 92 30.25 7.38 24.65
C ASP A 92 31.41 8.32 24.33
N ASN A 93 32.39 7.84 23.56
CA ASN A 93 33.56 8.66 23.26
C ASN A 93 33.18 9.91 22.47
N TYR A 94 32.33 9.79 21.46
CA TYR A 94 31.99 10.94 20.64
C TYR A 94 31.28 12.01 21.47
N ILE A 95 30.41 11.59 22.38
CA ILE A 95 29.53 12.52 23.08
C ILE A 95 30.18 13.07 24.35
N ASN A 96 30.90 12.23 25.09
CA ASN A 96 31.38 12.62 26.40
C ASN A 96 32.84 13.02 26.43
N THR A 97 33.64 12.54 25.49
CA THR A 97 35.03 12.90 25.32
C THR A 97 35.23 13.97 24.25
N GLN A 98 34.59 13.82 23.09
CA GLN A 98 34.75 14.78 22.02
C GLN A 98 33.71 15.90 22.06
N HIS A 99 32.64 15.73 22.84
CA HIS A 99 31.62 16.76 23.00
C HIS A 99 30.92 17.09 21.69
N MET A 100 30.60 16.05 20.92
CA MET A 100 29.94 16.19 19.62
C MET A 100 28.42 16.24 19.78
N HIS A 101 27.78 16.97 18.86
CA HIS A 101 26.33 17.09 18.83
C HIS A 101 25.75 16.94 17.43
N ARG A 102 26.59 16.71 16.43
CA ARG A 102 26.12 16.53 15.06
C ARG A 102 26.59 15.18 14.57
N PHE A 103 25.67 14.41 13.99
CA PHE A 103 25.98 13.04 13.59
C PHE A 103 25.36 12.72 12.23
N VAL A 104 25.95 11.73 11.57
CA VAL A 104 25.46 11.24 10.28
C VAL A 104 24.89 9.85 10.46
N PHE A 105 23.62 9.69 10.08
CA PHE A 105 22.89 8.44 10.29
C PHE A 105 22.77 7.72 8.96
N ARG A 106 23.39 6.54 8.85
CA ARG A 106 23.53 5.83 7.59
C ARG A 106 22.78 4.50 7.49
N ASN A 107 22.17 4.00 8.57
CA ASN A 107 21.49 2.72 8.47
C ASN A 107 20.38 2.74 7.43
N VAL A 108 20.20 1.62 6.74
CA VAL A 108 18.96 1.41 5.98
C VAL A 108 17.83 1.23 6.98
N VAL A 109 16.72 1.93 6.76
CA VAL A 109 15.53 1.77 7.59
C VAL A 109 14.50 0.96 6.80
N ASP A 110 14.22 -0.24 7.28
CA ASP A 110 13.32 -1.18 6.63
C ASP A 110 12.87 -2.18 7.68
N VAL A 111 11.93 -3.03 7.30
CA VAL A 111 11.55 -4.18 8.12
C VAL A 111 12.41 -5.37 7.69
N ARG A 112 13.11 -5.97 8.65
CA ARG A 112 13.97 -7.11 8.39
C ARG A 112 13.15 -8.39 8.24
N ALA A 113 13.63 -9.25 7.31
CA ALA A 113 13.06 -10.57 7.08
C ALA A 113 13.17 -11.40 8.36
N GLU A 114 12.17 -12.28 8.53
CA GLU A 114 12.24 -13.37 9.51
C GLU A 114 13.57 -14.12 9.41
N GLY A 115 14.17 -14.52 10.56
CA GLY A 115 15.45 -15.26 10.58
C GLY A 115 16.71 -14.42 10.77
N VAL A 116 16.58 -13.10 10.67
CA VAL A 116 17.70 -12.19 10.73
C VAL A 116 17.99 -11.83 12.19
N GLU A 117 19.15 -12.26 12.69
CA GLU A 117 19.73 -11.85 13.97
C GLU A 117 20.81 -10.82 13.62
N CYS A 118 21.42 -10.25 14.65
CA CYS A 118 22.58 -9.38 14.42
C CYS A 118 23.79 -10.22 14.02
N THR A 119 24.35 -9.92 12.83
CA THR A 119 25.45 -10.66 12.24
C THR A 119 26.78 -10.37 12.91
N GLY A 120 27.73 -9.76 12.18
CA GLY A 120 28.99 -9.33 12.76
C GLY A 120 29.04 -7.82 12.66
N THR A 121 29.90 -7.32 11.78
CA THR A 121 29.97 -5.89 11.51
C THR A 121 28.82 -5.42 10.63
N GLY A 122 29.11 -4.55 9.67
CA GLY A 122 28.10 -4.01 8.79
C GLY A 122 27.17 -3.09 9.54
N THR A 123 26.47 -2.26 8.79
CA THR A 123 25.50 -1.37 9.38
C THR A 123 24.15 -2.06 9.38
N PRO A 124 23.59 -2.37 10.54
CA PRO A 124 22.36 -3.18 10.56
C PRO A 124 21.17 -2.40 10.02
N VAL A 125 20.20 -3.16 9.49
CA VAL A 125 18.91 -2.61 9.12
C VAL A 125 18.06 -2.47 10.38
N VAL A 126 17.36 -1.35 10.50
CA VAL A 126 16.56 -1.07 11.69
C VAL A 126 15.20 -0.57 11.25
N SER A 127 14.18 -0.91 12.03
CA SER A 127 12.83 -0.49 11.74
C SER A 127 12.66 0.99 12.02
N PRO A 128 11.60 1.62 11.49
CA PRO A 128 11.29 3.00 11.90
C PRO A 128 11.26 3.19 13.42
N ALA A 129 10.52 2.36 14.15
CA ALA A 129 10.45 2.51 15.61
C ALA A 129 11.82 2.31 16.26
N GLU A 130 12.59 1.33 15.80
CA GLU A 130 13.93 1.12 16.35
C GLU A 130 14.83 2.30 16.03
N ALA A 131 14.69 2.88 14.82
CA ALA A 131 15.51 4.03 14.45
C ALA A 131 15.21 5.23 15.35
N ALA A 132 13.92 5.48 15.63
CA ALA A 132 13.55 6.58 16.49
C ALA A 132 14.00 6.34 17.93
N THR A 133 14.00 5.07 18.34
CA THR A 133 14.53 4.68 19.64
C THR A 133 16.02 4.97 19.76
N PHE A 134 16.77 4.58 18.72
CA PHE A 134 18.20 4.87 18.68
C PHE A 134 18.47 6.37 18.80
N THR A 135 17.82 7.18 17.96
CA THR A 135 18.07 8.62 18.00
C THR A 135 17.58 9.26 19.30
N ASN A 136 16.48 8.74 19.87
CA ASN A 136 16.07 9.20 21.19
C ASN A 136 17.13 8.87 22.23
N ALA A 137 17.70 7.67 22.18
CA ALA A 137 18.75 7.28 23.13
C ALA A 137 19.98 8.15 22.98
N VAL A 138 20.27 8.61 21.77
CA VAL A 138 21.36 9.57 21.62
C VAL A 138 20.96 10.91 22.21
N GLN A 139 19.73 11.36 21.96
CA GLN A 139 19.27 12.62 22.54
C GLN A 139 19.28 12.57 24.06
N GLU A 140 19.01 11.39 24.63
CA GLU A 140 19.03 11.26 26.09
C GLU A 140 20.43 11.46 26.63
N MET A 141 21.43 10.90 25.94
CA MET A 141 22.81 11.03 26.36
C MET A 141 23.32 12.45 26.12
N SER A 142 22.83 13.11 25.08
CA SER A 142 23.09 14.54 24.88
C SER A 142 22.55 15.38 26.04
N GLU A 143 21.28 15.18 26.41
CA GLU A 143 20.69 15.96 27.50
C GLU A 143 21.44 15.71 28.78
N ALA A 144 22.00 14.52 28.95
CA ALA A 144 22.85 14.17 30.07
C ALA A 144 24.20 14.88 30.04
N THR A 145 24.53 15.68 29.02
CA THR A 145 25.78 16.41 29.10
C THR A 145 25.62 17.62 30.04
N ARG A 146 26.75 18.22 30.41
CA ARG A 146 26.76 19.28 31.42
C ARG A 146 25.71 20.35 31.12
N LEU A 147 25.66 20.85 29.89
CA LEU A 147 24.71 21.89 29.53
C LEU A 147 23.49 21.35 28.80
N GLY A 148 23.38 20.04 28.65
CA GLY A 148 22.22 19.42 27.99
C GLY A 148 21.91 19.94 26.60
N ILE A 149 22.93 20.28 25.82
CA ILE A 149 22.71 20.68 24.43
C ILE A 149 22.22 19.48 23.63
N PRO A 150 21.20 19.62 22.79
CA PRO A 150 20.70 18.49 22.01
C PRO A 150 21.60 18.14 20.84
N SER A 151 21.25 17.03 20.19
CA SER A 151 22.00 16.55 19.04
C SER A 151 21.22 16.74 17.75
N LEU A 152 21.95 16.85 16.63
CA LEU A 152 21.36 16.88 15.30
C LEU A 152 21.89 15.72 14.49
N PHE A 153 20.97 14.96 13.88
CA PHE A 153 21.32 13.89 12.96
C PHE A 153 21.11 14.36 11.54
N LYS A 154 22.08 14.09 10.68
CA LYS A 154 21.92 14.29 9.24
C LYS A 154 22.00 12.95 8.54
N SER A 155 21.59 12.95 7.27
CA SER A 155 21.58 11.72 6.50
C SER A 155 21.59 12.07 5.02
N ASN A 156 22.12 11.16 4.22
CA ASN A 156 21.93 11.24 2.78
C ASN A 156 20.49 10.87 2.43
N ALA A 157 20.13 11.01 1.16
CA ALA A 157 18.76 10.72 0.73
C ALA A 157 18.39 9.28 1.01
N ARG A 158 17.10 9.07 1.30
CA ARG A 158 16.54 7.74 1.59
C ARG A 158 15.27 7.40 0.82
N ASN A 159 14.71 8.31 0.03
CA ASN A 159 13.38 8.17 -0.50
C ASN A 159 13.37 7.79 -1.99
N HIS A 160 14.46 7.27 -2.51
CA HIS A 160 14.58 7.03 -3.93
C HIS A 160 14.84 5.56 -4.23
N ILE A 161 14.27 5.09 -5.34
CA ILE A 161 14.46 3.72 -5.80
C ILE A 161 15.87 3.55 -6.36
N ASP A 162 16.59 2.50 -5.93
CA ASP A 162 17.85 2.12 -6.56
C ASP A 162 17.60 1.04 -7.62
N PRO A 163 17.56 1.39 -8.93
CA PRO A 163 17.40 0.30 -9.92
C PRO A 163 18.65 -0.59 -10.03
N ALA A 173 13.76 3.67 -0.25
CA ALA A 173 14.82 2.83 0.34
C ALA A 173 14.34 2.23 1.65
N GLY A 174 14.23 0.91 1.65
CA GLY A 174 13.65 0.25 2.80
C GLY A 174 12.16 0.58 2.92
N ALA A 175 11.77 1.02 4.12
CA ALA A 175 10.38 1.37 4.41
C ALA A 175 10.04 2.81 4.07
N PHE A 176 11.03 3.66 3.77
CA PHE A 176 10.66 5.02 3.36
C PHE A 176 9.93 4.94 2.03
N SER A 177 8.94 5.80 1.84
CA SER A 177 8.21 5.82 0.58
C SER A 177 9.17 6.04 -0.57
N ALA A 178 8.99 5.23 -1.62
CA ALA A 178 9.97 5.12 -2.71
C ALA A 178 9.58 6.07 -3.84
N PHE A 179 10.50 6.95 -4.22
CA PHE A 179 10.27 7.87 -5.34
C PHE A 179 11.27 7.56 -6.45
N PRO A 180 11.07 8.07 -7.66
CA PRO A 180 12.14 8.01 -8.66
C PRO A 180 13.35 8.79 -8.17
N LYS A 181 14.49 8.57 -8.82
CA LYS A 181 15.67 9.36 -8.48
C LYS A 181 15.42 10.84 -8.79
N GLU A 182 16.36 11.68 -8.32
CA GLU A 182 16.22 13.13 -8.45
C GLU A 182 15.86 13.58 -9.87
N ALA A 183 16.58 13.08 -10.86
CA ALA A 183 16.31 13.48 -12.23
C ALA A 183 14.94 12.99 -12.68
N GLY A 184 14.44 11.92 -12.09
CA GLY A 184 13.06 11.52 -12.32
C GLY A 184 12.06 12.52 -11.79
N ILE A 185 12.38 13.13 -10.65
CA ILE A 185 11.47 14.11 -10.07
C ILE A 185 11.45 15.39 -10.91
N ALA A 186 12.61 15.78 -11.44
CA ALA A 186 12.63 16.91 -12.38
C ALA A 186 11.87 16.59 -13.67
N ALA A 187 12.09 15.39 -14.24
CA ALA A 187 11.34 14.98 -15.43
C ALA A 187 9.84 15.09 -15.20
N ALA A 188 9.38 14.66 -14.03
CA ALA A 188 7.94 14.77 -13.74
C ALA A 188 7.54 16.23 -13.60
N ALA A 189 8.37 17.06 -12.96
CA ALA A 189 8.02 18.47 -12.84
C ALA A 189 7.92 19.13 -14.22
N LEU A 190 8.93 18.92 -15.09
CA LEU A 190 8.87 19.50 -16.42
C LEU A 190 7.68 18.95 -17.20
N GLY A 191 7.49 17.63 -17.16
CA GLY A 191 6.38 17.02 -17.89
C GLY A 191 5.04 17.55 -17.46
N GLU A 192 4.87 17.80 -16.16
CA GLU A 192 3.59 18.31 -15.66
C GLU A 192 3.40 19.77 -16.03
N GLN A 193 4.46 20.58 -16.02
CA GLN A 193 4.32 21.92 -16.55
C GLN A 193 3.92 21.87 -18.02
N ALA A 194 4.52 20.96 -18.78
CA ALA A 194 4.19 20.83 -20.20
C ALA A 194 2.74 20.42 -20.40
N ARG A 195 2.20 19.57 -19.51
CA ARG A 195 0.83 19.08 -19.65
C ARG A 195 -0.21 20.14 -19.25
N ARG A 196 0.23 21.31 -18.83
CA ARG A 196 -0.69 22.40 -18.55
C ARG A 196 -0.44 23.59 -19.46
N THR A 197 0.77 24.09 -19.50
CA THR A 197 1.14 25.23 -20.33
C THR A 197 1.61 24.88 -21.74
N GLY A 198 1.87 23.62 -22.05
CA GLY A 198 2.56 23.37 -23.30
C GLY A 198 3.99 23.86 -23.34
N GLU A 199 4.60 24.08 -22.16
CA GLU A 199 5.97 24.57 -22.03
C GLU A 199 6.74 23.80 -20.95
N ALA A 200 8.05 23.67 -21.15
CA ALA A 200 8.95 22.96 -20.22
C ALA A 200 10.15 23.87 -19.97
N THR A 201 10.05 24.75 -18.98
CA THR A 201 11.16 25.66 -18.67
C THR A 201 11.70 25.37 -17.28
N THR A 202 10.95 25.73 -16.23
CA THR A 202 11.39 25.58 -14.83
C THR A 202 10.48 24.65 -14.05
N GLY A 203 9.50 24.03 -14.69
CA GLY A 203 8.75 22.94 -14.10
C GLY A 203 7.67 23.38 -13.15
N ASP A 204 6.75 22.45 -12.89
CA ASP A 204 5.64 22.62 -11.96
C ASP A 204 6.11 22.16 -10.58
N MET A 205 6.40 23.13 -9.70
CA MET A 205 6.95 22.81 -8.41
C MET A 205 5.95 22.16 -7.46
N SER A 206 4.69 21.97 -7.84
CA SER A 206 3.80 21.21 -6.96
C SER A 206 4.25 19.76 -6.85
N VAL A 207 4.84 19.21 -7.92
CA VAL A 207 5.37 17.85 -7.87
C VAL A 207 6.51 17.78 -6.86
N VAL A 208 7.39 18.78 -6.85
CA VAL A 208 8.52 18.79 -5.93
C VAL A 208 8.04 18.95 -4.50
N ALA A 209 7.12 19.91 -4.29
CA ALA A 209 6.55 20.10 -2.96
C ALA A 209 5.86 18.84 -2.47
N ASP A 210 5.16 18.13 -3.37
CA ASP A 210 4.45 16.92 -2.98
C ASP A 210 5.42 15.81 -2.57
N PHE A 211 6.54 15.69 -3.28
CA PHE A 211 7.58 14.76 -2.85
C PHE A 211 8.19 15.19 -1.51
N ALA A 212 8.50 16.49 -1.37
CA ALA A 212 9.18 16.94 -0.15
C ALA A 212 8.28 16.90 1.07
N ASP A 213 6.96 17.02 0.88
CA ASP A 213 6.04 16.94 1.99
C ASP A 213 6.05 15.54 2.61
N VAL A 214 6.13 14.50 1.78
CA VAL A 214 6.17 13.13 2.31
C VAL A 214 7.49 12.87 3.01
N MET A 215 8.60 13.27 2.40
CA MET A 215 9.92 13.00 2.99
C MET A 215 10.09 13.74 4.31
N GLY A 216 9.66 14.99 4.36
CA GLY A 216 9.75 15.77 5.59
C GLY A 216 9.06 15.10 6.75
N GLU A 217 7.81 14.65 6.54
CA GLU A 217 7.04 14.02 7.62
C GLU A 217 7.72 12.73 8.05
N GLU A 218 8.20 11.92 7.11
CA GLU A 218 8.80 10.64 7.48
C GLU A 218 10.13 10.83 8.19
N TRP A 219 11.00 11.72 7.67
CA TRP A 219 12.28 11.96 8.32
C TRP A 219 12.07 12.48 9.74
N ALA A 220 11.22 13.49 9.90
CA ALA A 220 11.01 14.08 11.21
C ALA A 220 10.50 13.07 12.21
N SER A 221 9.69 12.12 11.74
CA SER A 221 9.06 11.14 12.61
C SER A 221 10.07 10.22 13.30
N ILE A 222 11.23 9.99 12.69
CA ILE A 222 12.27 9.19 13.35
C ILE A 222 13.36 10.08 13.93
N GLY A 223 13.10 11.38 14.04
CA GLY A 223 14.07 12.22 14.71
C GLY A 223 15.29 12.47 13.87
N LEU A 224 15.12 12.49 12.55
CA LEU A 224 16.18 12.74 11.57
C LEU A 224 15.90 14.11 10.99
N ARG A 225 16.47 15.15 11.61
CA ARG A 225 16.06 16.52 11.37
C ARG A 225 17.00 17.29 10.46
N GLY A 226 18.03 16.64 9.91
CA GLY A 226 18.97 17.31 9.04
C GLY A 226 19.37 16.42 7.89
N MET A 227 19.82 17.05 6.80
CA MET A 227 20.16 16.34 5.58
C MET A 227 21.51 16.78 5.03
N TYR A 228 22.32 15.82 4.58
CA TYR A 228 23.39 16.07 3.62
C TYR A 228 22.76 16.13 2.22
N GLY A 229 22.28 17.32 1.88
CA GLY A 229 21.68 17.56 0.60
C GLY A 229 20.49 18.48 0.72
N TYR A 230 19.69 18.55 -0.35
CA TYR A 230 19.93 17.85 -1.60
C TYR A 230 21.06 18.47 -2.39
N MET A 231 21.33 17.83 -3.53
CA MET A 231 22.40 18.26 -4.43
C MET A 231 21.84 19.24 -5.45
N ALA A 232 22.41 20.44 -5.46
CA ALA A 232 22.11 21.46 -6.46
C ALA A 232 23.10 21.41 -7.59
N ASP A 233 23.97 20.40 -7.59
CA ASP A 233 24.95 20.25 -8.66
C ASP A 233 24.25 20.11 -10.00
N LEU A 234 24.88 20.62 -11.05
CA LEU A 234 24.29 20.55 -12.38
C LEU A 234 24.95 19.46 -13.19
N SER A 235 24.14 18.69 -13.92
CA SER A 235 24.66 17.58 -14.70
C SER A 235 25.12 18.04 -16.08
N THR A 236 26.00 19.03 -16.09
CA THR A 236 26.53 19.59 -17.34
C THR A 236 27.71 18.79 -17.86
N GLU A 237 28.26 17.88 -17.06
CA GLU A 237 29.31 16.97 -17.51
C GLU A 237 28.79 15.54 -17.39
N PRO A 238 28.36 14.94 -18.50
CA PRO A 238 27.73 13.61 -18.44
C PRO A 238 28.69 12.50 -17.98
N ARG A 239 29.99 12.71 -18.02
CA ARG A 239 30.91 11.67 -17.58
C ARG A 239 31.04 11.62 -16.07
N TRP A 240 30.36 12.50 -15.34
CA TRP A 240 30.44 12.54 -13.88
C TRP A 240 29.49 11.49 -13.28
N TYR A 241 30.06 10.49 -12.59
CA TYR A 241 29.22 9.40 -12.10
C TYR A 241 28.09 9.91 -11.22
N ARG A 242 28.27 11.07 -10.59
CA ARG A 242 27.26 11.62 -9.69
C ARG A 242 26.10 12.29 -10.40
N THR A 243 26.04 12.24 -11.73
CA THR A 243 24.78 12.61 -12.37
C THR A 243 23.63 11.70 -11.95
N HIS A 244 23.91 10.60 -11.24
CA HIS A 244 22.82 9.72 -10.82
C HIS A 244 21.97 10.37 -9.73
N GLU A 245 22.51 11.36 -9.06
CA GLU A 245 21.79 12.03 -8.00
C GLU A 245 21.61 13.53 -8.26
N THR A 246 21.85 13.99 -9.50
CA THR A 246 21.54 15.38 -9.83
C THR A 246 20.11 15.46 -10.34
N PHE A 247 19.52 16.65 -10.22
CA PHE A 247 18.19 16.86 -10.75
C PHE A 247 18.22 17.17 -12.23
N THR A 248 19.06 18.10 -12.64
CA THR A 248 19.01 18.53 -14.03
C THR A 248 20.33 19.18 -14.39
N GLU A 249 20.54 19.37 -15.70
CA GLU A 249 21.66 20.14 -16.22
C GLU A 249 21.37 21.63 -16.28
N ASP A 250 20.10 22.02 -16.13
CA ASP A 250 19.66 23.40 -16.28
C ASP A 250 19.70 24.12 -14.94
N ALA A 251 20.44 25.24 -14.87
CA ALA A 251 20.55 26.00 -13.63
C ALA A 251 19.22 26.61 -13.21
N TYR A 252 18.41 27.06 -14.17
CA TYR A 252 17.19 27.75 -13.80
C TYR A 252 16.15 26.78 -13.22
N LEU A 253 16.09 25.57 -13.78
CA LEU A 253 15.25 24.54 -13.20
C LEU A 253 15.79 24.07 -11.84
N ALA A 254 17.11 23.92 -11.72
CA ALA A 254 17.72 23.61 -10.43
C ALA A 254 17.37 24.67 -9.39
N ALA A 255 17.54 25.95 -9.76
CA ALA A 255 17.16 27.05 -8.89
C ALA A 255 15.75 26.90 -8.38
N GLU A 256 14.81 26.58 -9.30
CA GLU A 256 13.41 26.43 -8.90
C GLU A 256 13.20 25.23 -7.98
N ILE A 257 13.94 24.14 -8.18
CA ILE A 257 13.75 22.97 -7.33
C ILE A 257 14.31 23.19 -5.93
N MET A 258 15.50 23.82 -5.82
CA MET A 258 16.08 24.10 -4.49
C MET A 258 15.18 25.03 -3.67
N GLU A 259 14.68 26.09 -4.30
CA GLU A 259 13.73 27.00 -3.66
C GLU A 259 12.55 26.22 -3.06
N THR A 260 11.93 25.37 -3.87
CA THR A 260 10.78 24.60 -3.41
C THR A 260 11.16 23.64 -2.30
N LEU A 261 12.31 22.98 -2.43
CA LEU A 261 12.74 22.03 -1.41
C LEU A 261 12.90 22.71 -0.05
N VAL A 262 13.57 23.86 -0.05
CA VAL A 262 13.83 24.57 1.20
C VAL A 262 12.52 25.05 1.81
N GLN A 263 11.66 25.67 1.00
CA GLN A 263 10.38 26.14 1.51
C GLN A 263 9.61 24.99 2.15
N THR A 264 9.61 23.82 1.51
CA THR A 264 8.74 22.74 2.00
C THR A 264 9.37 21.97 3.15
N LEU A 265 10.67 21.77 3.10
CA LEU A 265 11.30 20.92 4.11
C LEU A 265 11.71 21.74 5.33
N GLN A 266 12.11 23.00 5.12
CA GLN A 266 12.50 23.91 6.20
C GLN A 266 11.37 24.84 6.65
N GLY A 267 10.45 25.18 5.76
CA GLY A 267 9.37 26.10 6.05
C GLY A 267 9.51 27.41 5.28
N GLU A 268 8.46 28.24 5.38
CA GLU A 268 8.49 29.56 4.78
C GLU A 268 8.69 30.67 5.79
N GLU A 269 8.71 30.33 7.08
CA GLU A 269 8.97 31.29 8.15
C GLU A 269 10.47 31.55 8.26
N LEU A 270 10.91 32.74 7.83
CA LEU A 270 12.31 33.14 7.97
C LEU A 270 12.54 33.85 9.30
N THR A 271 13.70 33.61 9.89
CA THR A 271 14.11 34.38 11.05
C THR A 271 14.55 35.77 10.61
N ASP A 272 14.93 36.58 11.59
CA ASP A 272 15.50 37.91 11.32
C ASP A 272 16.94 37.82 10.83
N ASN A 273 17.60 36.69 11.05
CA ASN A 273 18.85 36.39 10.36
C ASN A 273 18.63 35.85 8.95
N GLY A 274 17.40 35.59 8.53
CA GLY A 274 17.14 35.20 7.14
C GLY A 274 17.18 33.72 6.89
N LEU A 275 16.98 32.90 7.92
CA LEU A 275 17.00 31.45 7.80
C LEU A 275 15.60 30.90 8.04
N ALA A 276 15.18 29.98 7.19
CA ALA A 276 13.87 29.34 7.29
C ALA A 276 13.94 28.26 8.37
N LEU A 277 13.87 28.71 9.63
CA LEU A 277 14.02 27.80 10.77
C LEU A 277 12.96 28.11 11.82
N SER A 278 12.16 27.11 12.14
CA SER A 278 11.08 27.21 13.12
C SER A 278 10.97 25.83 13.79
N PRO A 279 10.17 25.75 14.86
CA PRO A 279 9.85 24.40 15.38
C PRO A 279 9.10 23.55 14.37
N GLN A 280 8.52 24.17 13.35
CA GLN A 280 7.87 23.44 12.27
C GLN A 280 8.83 23.12 11.13
N THR A 281 10.13 23.37 11.32
CA THR A 281 11.13 22.90 10.37
C THR A 281 11.24 21.38 10.54
N ARG A 282 10.84 20.64 9.51
CA ARG A 282 10.91 19.19 9.58
C ARG A 282 12.33 18.69 9.31
N VAL A 283 12.96 19.15 8.22
CA VAL A 283 14.34 18.77 7.93
C VAL A 283 15.12 20.00 7.50
N ALA A 284 16.16 20.34 8.25
CA ALA A 284 17.11 21.36 7.85
C ALA A 284 18.07 20.80 6.81
N LEU A 285 18.25 21.53 5.71
CA LEU A 285 19.07 21.08 4.60
C LEU A 285 20.50 21.58 4.71
N THR A 286 21.43 20.70 4.38
CA THR A 286 22.81 21.08 4.17
C THR A 286 23.03 20.91 2.68
N LEU A 287 22.77 21.99 1.94
CA LEU A 287 22.83 21.96 0.50
C LEU A 287 24.26 21.67 0.04
N LYS A 288 24.38 20.89 -1.03
CA LYS A 288 25.67 20.46 -1.52
C LYS A 288 25.65 20.48 -3.04
N HIS A 289 26.84 20.50 -3.67
CA HIS A 289 28.16 20.77 -3.08
C HIS A 289 28.68 22.13 -3.56
N PHE A 290 28.65 23.13 -2.69
CA PHE A 290 28.93 24.51 -3.09
C PHE A 290 30.37 24.69 -3.59
N PRO A 291 30.60 25.52 -4.63
CA PRO A 291 29.63 26.33 -5.39
C PRO A 291 28.99 25.56 -6.52
N GLY A 292 29.21 24.25 -6.57
CA GLY A 292 28.68 23.45 -7.66
C GLY A 292 29.65 22.37 -8.11
N GLY A 293 29.29 21.12 -7.80
CA GLY A 293 30.15 19.99 -8.08
C GLY A 293 30.04 19.47 -9.51
N GLY A 294 29.13 20.02 -10.31
CA GLY A 294 28.88 19.53 -11.65
C GLY A 294 30.07 19.46 -12.60
N PRO A 295 30.85 20.58 -12.78
CA PRO A 295 31.78 20.64 -13.95
C PRO A 295 33.14 19.97 -13.77
N GLN A 296 33.14 18.66 -13.62
CA GLN A 296 34.36 17.91 -13.32
C GLN A 296 35.14 17.64 -14.61
N GLU A 297 36.46 17.88 -14.57
CA GLU A 297 37.28 17.73 -15.77
C GLU A 297 37.30 16.26 -16.16
N LEU A 298 36.92 15.97 -17.40
CA LEU A 298 36.81 14.59 -17.89
C LEU A 298 35.87 13.76 -17.02
N GLY A 299 35.00 14.41 -16.24
CA GLY A 299 34.09 13.72 -15.36
C GLY A 299 34.73 13.09 -14.14
N LEU A 300 36.03 13.27 -13.92
CA LEU A 300 36.65 12.58 -12.80
C LEU A 300 36.25 13.25 -11.49
N ASP A 301 35.99 12.46 -10.50
CA ASP A 301 35.35 13.03 -9.33
C ASP A 301 36.39 13.35 -8.27
N PRO A 302 36.32 14.47 -7.57
CA PRO A 302 37.36 14.77 -6.57
C PRO A 302 37.30 13.98 -5.26
N HIS A 303 36.46 12.95 -5.15
CA HIS A 303 36.70 11.96 -4.10
C HIS A 303 38.06 11.33 -4.29
N TYR A 304 38.52 11.28 -5.54
CA TYR A 304 39.72 10.59 -5.96
C TYR A 304 40.81 11.58 -6.33
N ALA A 305 42.07 11.13 -6.22
CA ALA A 305 43.17 12.06 -6.40
C ALA A 305 43.35 12.46 -7.86
N PHE A 306 43.00 11.60 -8.83
CA PHE A 306 43.12 12.02 -10.22
C PHE A 306 42.06 13.03 -10.64
N GLY A 307 41.04 13.27 -9.81
CA GLY A 307 39.91 14.09 -10.25
C GLY A 307 39.74 15.35 -9.43
N LYS A 308 40.85 15.89 -8.92
CA LYS A 308 40.78 17.10 -8.10
C LYS A 308 40.19 18.30 -8.84
N ALA A 309 40.34 18.37 -10.17
CA ALA A 309 40.10 19.61 -10.90
C ALA A 309 38.66 19.79 -11.37
N GLN A 310 38.15 21.00 -11.21
CA GLN A 310 36.91 21.45 -11.84
C GLN A 310 37.28 22.54 -12.85
N VAL A 311 36.80 22.39 -14.08
CA VAL A 311 37.17 23.30 -15.16
C VAL A 311 35.90 23.95 -15.72
N TYR A 312 36.07 25.15 -16.26
CA TYR A 312 34.94 26.00 -16.68
C TYR A 312 35.17 26.52 -18.09
N PRO A 313 35.32 25.62 -19.07
CA PRO A 313 35.68 26.08 -20.42
C PRO A 313 34.70 27.05 -21.02
N ALA A 314 33.42 26.96 -20.65
CA ALA A 314 32.43 27.86 -21.20
C ALA A 314 32.21 29.08 -20.32
N GLY A 315 32.97 29.23 -19.24
CA GLY A 315 32.83 30.38 -18.36
C GLY A 315 31.54 30.47 -17.57
N ARG A 316 31.03 29.33 -17.09
CA ARG A 316 29.73 29.30 -16.40
C ARG A 316 29.88 29.12 -14.89
N PHE A 317 31.02 29.48 -14.32
CA PHE A 317 31.17 29.43 -12.87
C PHE A 317 29.98 30.10 -12.15
N GLU A 318 29.56 31.29 -12.59
CA GLU A 318 28.41 31.94 -11.95
C GLU A 318 27.13 31.13 -12.14
N GLU A 319 26.91 30.51 -13.32
CA GLU A 319 25.66 29.77 -13.50
C GLU A 319 25.55 28.60 -12.53
N HIS A 320 26.67 27.96 -12.20
CA HIS A 320 26.63 26.80 -11.31
C HIS A 320 26.28 27.17 -9.87
N PHE A 321 26.59 28.37 -9.39
CA PHE A 321 26.11 28.64 -8.02
C PHE A 321 24.75 29.31 -7.99
N LEU A 322 24.12 29.50 -9.14
CA LEU A 322 22.77 30.06 -9.18
C LEU A 322 21.79 29.27 -8.33
N PRO A 323 21.73 27.93 -8.37
CA PRO A 323 20.78 27.24 -7.47
C PRO A 323 21.14 27.42 -6.02
N PHE A 324 22.39 27.68 -5.71
CA PHE A 324 22.73 27.93 -4.32
C PHE A 324 22.21 29.30 -3.89
N GLN A 325 22.29 30.31 -4.76
N GLN A 325 22.35 30.32 -4.76
CA GLN A 325 21.72 31.60 -4.41
CA GLN A 325 21.72 31.61 -4.54
C GLN A 325 20.22 31.50 -4.17
C GLN A 325 20.26 31.44 -4.16
N ALA A 326 19.50 30.73 -5.00
CA ALA A 326 18.06 30.57 -4.75
C ALA A 326 17.82 29.86 -3.43
N ALA A 327 18.64 28.86 -3.10
CA ALA A 327 18.45 28.16 -1.84
C ALA A 327 18.83 29.04 -0.65
N ILE A 328 19.89 29.83 -0.78
CA ILE A 328 20.29 30.75 0.28
C ILE A 328 19.21 31.80 0.51
N ASP A 329 18.68 32.36 -0.57
CA ASP A 329 17.63 33.37 -0.42
C ASP A 329 16.38 32.80 0.22
N ALA A 330 16.06 31.52 -0.01
CA ALA A 330 14.93 30.91 0.69
C ALA A 330 15.28 30.49 2.10
N GLY A 331 16.51 30.73 2.55
CA GLY A 331 16.86 30.49 3.93
C GLY A 331 17.43 29.13 4.26
N VAL A 332 18.13 28.47 3.34
CA VAL A 332 18.68 27.16 3.67
C VAL A 332 19.65 27.28 4.85
N SER A 333 19.68 26.23 5.67
CA SER A 333 20.35 26.26 6.95
C SER A 333 21.87 26.12 6.83
N SER A 334 22.35 25.32 5.89
CA SER A 334 23.74 24.92 5.91
C SER A 334 24.23 24.71 4.48
N ILE A 335 25.55 24.80 4.32
CA ILE A 335 26.18 24.65 3.02
C ILE A 335 27.39 23.74 3.16
N MET A 336 27.49 22.77 2.27
CA MET A 336 28.66 21.89 2.18
C MET A 336 29.42 22.21 0.90
N PRO A 337 30.66 22.69 1.00
CA PRO A 337 31.52 22.86 -0.17
C PRO A 337 32.04 21.52 -0.64
N TYR A 338 32.42 21.47 -1.91
CA TYR A 338 32.94 20.23 -2.50
C TYR A 338 34.45 20.14 -2.40
N TYR A 339 34.96 18.93 -2.61
CA TYR A 339 36.39 18.68 -2.59
C TYR A 339 37.11 19.41 -3.71
N GLY A 340 36.40 19.67 -4.81
CA GLY A 340 37.00 20.19 -6.02
C GLY A 340 37.91 21.38 -5.87
N VAL A 341 38.84 21.48 -6.82
CA VAL A 341 39.75 22.60 -6.98
C VAL A 341 39.33 23.38 -8.21
N PRO A 342 38.90 24.63 -8.07
CA PRO A 342 38.57 25.45 -9.24
C PRO A 342 39.84 25.84 -9.98
N VAL A 343 39.83 25.67 -11.30
CA VAL A 343 41.05 25.89 -12.07
C VAL A 343 40.89 27.19 -12.86
N ASP A 344 41.67 28.20 -12.47
CA ASP A 344 41.74 29.49 -13.16
C ASP A 344 40.38 30.18 -13.22
N VAL A 345 39.75 30.36 -12.07
CA VAL A 345 38.37 30.85 -12.01
C VAL A 345 38.39 32.29 -11.50
N PRO A 346 37.91 33.25 -12.27
CA PRO A 346 37.90 34.66 -11.84
C PRO A 346 37.13 34.84 -10.55
N VAL A 347 37.74 35.57 -9.61
CA VAL A 347 37.07 35.85 -8.35
C VAL A 347 35.86 36.72 -8.62
N VAL A 348 34.70 36.27 -8.15
CA VAL A 348 33.46 37.00 -8.41
C VAL A 348 33.41 38.24 -7.52
N GLY A 349 33.06 39.38 -8.13
CA GLY A 349 33.07 40.64 -7.44
C GLY A 349 34.44 40.96 -6.94
N GLY A 350 35.44 40.81 -7.83
CA GLY A 350 36.83 40.88 -7.45
C GLY A 350 37.64 41.83 -8.32
N GLU A 351 38.79 42.28 -7.75
CA GLU A 351 39.79 42.99 -8.54
C GLU A 351 40.24 42.19 -9.75
N PRO A 352 40.18 42.78 -10.93
CA PRO A 352 40.38 42.04 -12.17
C PRO A 352 41.72 41.35 -12.27
N GLY A 353 41.70 40.17 -12.90
CA GLY A 353 42.88 39.34 -13.04
C GLY A 353 43.07 38.33 -11.93
N GLU A 354 42.36 38.49 -10.83
CA GLU A 354 42.44 37.63 -9.66
C GLU A 354 41.68 36.32 -9.87
N THR A 355 42.32 35.18 -9.53
CA THR A 355 41.65 33.90 -9.58
C THR A 355 41.56 33.31 -8.18
N TYR A 356 40.64 32.35 -8.03
CA TYR A 356 40.43 31.66 -6.77
C TYR A 356 41.59 30.71 -6.51
N PRO A 357 41.88 30.42 -5.24
CA PRO A 357 43.02 29.54 -4.95
C PRO A 357 42.84 28.17 -5.59
N HIS A 358 43.96 27.59 -6.05
CA HIS A 358 43.93 26.21 -6.53
C HIS A 358 44.04 25.24 -5.35
N THR A 359 43.07 25.36 -4.44
CA THR A 359 42.89 24.42 -3.34
C THR A 359 41.43 23.98 -3.33
N GLY A 360 41.13 22.94 -2.56
CA GLY A 360 39.74 22.59 -2.32
C GLY A 360 38.93 23.74 -1.74
N PHE A 361 37.64 23.76 -2.11
CA PHE A 361 36.75 24.88 -1.80
C PHE A 361 36.64 25.15 -0.30
N ALA A 362 36.62 24.10 0.52
CA ALA A 362 36.48 24.31 1.96
C ALA A 362 37.67 25.07 2.56
N PHE A 363 38.83 25.13 1.88
CA PHE A 363 40.04 25.78 2.40
C PHE A 363 40.22 27.21 1.94
N SER A 364 39.44 27.69 0.98
CA SER A 364 39.63 29.02 0.40
C SER A 364 38.66 30.00 1.04
N ASP A 365 39.24 30.92 1.82
CA ASP A 365 38.52 32.03 2.41
C ASP A 365 37.74 32.82 1.38
N SER A 366 38.33 33.02 0.19
CA SER A 366 37.66 33.68 -0.93
C SER A 366 36.38 32.95 -1.34
N ILE A 367 36.34 31.62 -1.21
CA ILE A 367 35.14 30.87 -1.60
C ILE A 367 34.12 30.87 -0.46
N VAL A 368 34.54 30.45 0.73
CA VAL A 368 33.57 30.25 1.80
C VAL A 368 33.15 31.57 2.43
N ASN A 369 34.11 32.43 2.81
CA ASN A 369 33.71 33.72 3.37
C ASN A 369 33.45 34.74 2.27
N GLY A 370 34.34 34.84 1.31
CA GLY A 370 34.18 35.83 0.26
C GLY A 370 32.97 35.60 -0.64
N LEU A 371 32.98 34.51 -1.42
CA LEU A 371 31.87 34.28 -2.36
C LEU A 371 30.59 33.94 -1.61
N LEU A 372 30.64 32.93 -0.75
CA LEU A 372 29.41 32.44 -0.13
C LEU A 372 28.77 33.47 0.80
N ARG A 373 29.55 34.01 1.75
CA ARG A 373 28.95 34.88 2.76
C ARG A 373 28.82 36.31 2.27
N ASP A 374 29.91 36.89 1.76
CA ASP A 374 29.90 38.29 1.35
C ASP A 374 29.15 38.51 0.05
N GLN A 375 29.44 37.71 -0.97
CA GLN A 375 28.81 37.98 -2.26
C GLN A 375 27.38 37.45 -2.31
N LEU A 376 27.15 36.23 -1.83
CA LEU A 376 25.83 35.64 -1.97
C LEU A 376 24.97 35.85 -0.74
N GLY A 377 25.55 36.32 0.36
CA GLY A 377 24.76 36.70 1.53
C GLY A 377 24.40 35.59 2.48
N PHE A 378 25.07 34.45 2.42
CA PHE A 378 24.67 33.32 3.25
C PHE A 378 24.98 33.63 4.71
N THR A 379 24.01 33.37 5.59
CA THR A 379 24.12 33.72 7.01
C THR A 379 24.03 32.50 7.93
N GLY A 380 24.06 31.27 7.39
CA GLY A 380 24.09 30.06 8.17
C GLY A 380 25.51 29.58 8.41
N TYR A 381 25.64 28.29 8.68
CA TYR A 381 26.95 27.68 8.91
C TYR A 381 27.36 26.78 7.75
N VAL A 382 28.67 26.49 7.71
CA VAL A 382 29.29 25.75 6.62
C VAL A 382 29.76 24.41 7.16
N ASN A 383 29.40 23.33 6.47
CA ASN A 383 29.72 21.98 6.89
C ASN A 383 30.64 21.36 5.82
N SER A 384 31.84 20.94 6.21
CA SER A 384 32.73 20.38 5.18
C SER A 384 32.21 19.06 4.62
N ALA A 385 32.60 18.77 3.37
CA ALA A 385 32.45 17.40 2.88
C ALA A 385 33.34 16.48 3.71
N THR A 386 33.01 15.19 3.66
CA THR A 386 33.59 14.23 4.58
C THR A 386 35.00 13.82 4.18
N GLY A 387 35.91 13.81 5.17
CA GLY A 387 37.26 13.34 4.92
C GLY A 387 38.23 14.34 4.33
N ILE A 388 37.90 15.64 4.28
CA ILE A 388 38.85 16.61 3.71
C ILE A 388 40.12 16.74 4.57
N ILE A 389 40.08 16.41 5.86
CA ILE A 389 41.29 16.65 6.65
C ILE A 389 42.33 15.58 6.39
N ASN A 390 41.94 14.31 6.56
CA ASN A 390 42.90 13.22 6.43
C ASN A 390 43.13 12.80 4.97
N ASP A 391 42.07 12.76 4.17
CA ASP A 391 42.14 12.06 2.89
C ASP A 391 42.09 12.96 1.67
N ARG A 392 41.42 14.10 1.71
CA ARG A 392 41.16 14.90 0.50
C ARG A 392 41.42 16.37 0.75
N ALA A 393 42.56 16.69 1.34
CA ALA A 393 42.94 18.09 1.52
C ALA A 393 43.62 18.57 0.25
N TRP A 394 42.82 18.76 -0.81
CA TRP A 394 43.40 19.00 -2.13
C TRP A 394 44.10 20.35 -2.23
N GLY A 395 45.36 20.32 -2.68
CA GLY A 395 46.18 21.50 -2.70
C GLY A 395 47.03 21.70 -1.45
N LEU A 396 46.76 20.94 -0.39
CA LEU A 396 47.46 20.99 0.89
C LEU A 396 48.16 19.67 1.15
N GLU A 397 48.73 19.09 0.09
CA GLU A 397 49.25 17.74 0.21
C GLU A 397 50.42 17.68 1.16
N GLY A 398 51.30 18.69 1.11
CA GLY A 398 52.44 18.71 2.00
C GLY A 398 52.14 19.13 3.43
N ASN A 399 50.99 19.77 3.64
CA ASN A 399 50.65 20.24 4.97
C ASN A 399 50.24 19.10 5.88
N THR A 400 50.39 19.34 7.17
CA THR A 400 50.02 18.42 8.23
C THR A 400 48.53 18.52 8.55
N VAL A 401 48.05 17.53 9.33
CA VAL A 401 46.65 17.51 9.77
C VAL A 401 46.28 18.75 10.50
N PRO A 402 46.96 19.21 11.60
CA PRO A 402 46.57 20.45 12.27
C PRO A 402 46.59 21.65 11.34
N GLU A 403 47.56 21.73 10.44
CA GLU A 403 47.59 22.78 9.43
C GLU A 403 46.36 22.73 8.54
N ARG A 404 45.91 21.53 8.17
CA ARG A 404 44.73 21.46 7.30
C ARG A 404 43.48 21.86 8.05
N VAL A 405 43.39 21.47 9.33
CA VAL A 405 42.26 21.83 10.17
C VAL A 405 42.19 23.35 10.33
N ALA A 406 43.32 23.99 10.66
CA ALA A 406 43.30 25.43 10.82
C ALA A 406 42.87 26.11 9.52
N ALA A 407 43.39 25.64 8.39
CA ALA A 407 43.09 26.28 7.10
C ALA A 407 41.60 26.21 6.77
N ALA A 408 40.94 25.11 7.11
CA ALA A 408 39.52 24.98 6.79
C ALA A 408 38.67 25.83 7.71
N ILE A 409 38.96 25.79 9.01
CA ILE A 409 38.21 26.60 9.95
C ILE A 409 38.42 28.08 9.66
N ASN A 410 39.68 28.47 9.47
CA ASN A 410 39.98 29.87 9.18
C ASN A 410 39.54 30.26 7.78
N GLY A 411 39.50 29.31 6.85
CA GLY A 411 38.88 29.55 5.56
C GLY A 411 37.39 29.86 5.63
N GLY A 412 36.75 29.53 6.74
CA GLY A 412 35.32 29.76 6.89
C GLY A 412 34.50 28.53 7.18
N THR A 413 35.09 27.36 7.30
CA THR A 413 34.31 26.17 7.57
C THR A 413 34.13 26.03 9.07
N ASP A 414 32.90 25.70 9.48
CA ASP A 414 32.51 25.71 10.89
C ASP A 414 32.44 24.34 11.53
N THR A 415 32.25 23.28 10.74
CA THR A 415 32.16 21.92 11.26
C THR A 415 32.80 20.99 10.23
N LEU A 416 33.61 20.05 10.72
CA LEU A 416 34.40 19.14 9.91
C LEU A 416 33.76 17.76 9.94
N SER A 417 33.45 17.22 8.74
CA SER A 417 32.77 15.92 8.64
C SER A 417 33.81 14.82 8.53
N GLY A 418 33.66 13.76 9.31
CA GLY A 418 34.67 12.72 9.27
C GLY A 418 35.88 12.96 10.14
N PHE A 419 35.92 14.07 10.87
CA PHE A 419 36.99 14.38 11.80
C PHE A 419 36.43 14.33 13.21
N SER A 420 37.00 13.49 14.07
CA SER A 420 36.37 13.24 15.36
C SER A 420 37.33 13.56 16.51
N ASP A 421 38.45 14.24 16.22
CA ASP A 421 39.53 14.48 17.19
C ASP A 421 39.48 15.95 17.62
N VAL A 422 38.74 16.22 18.70
CA VAL A 422 38.54 17.60 19.14
C VAL A 422 39.83 18.18 19.74
N SER A 423 40.65 17.34 20.38
CA SER A 423 42.02 17.63 20.74
C SER A 423 42.78 18.48 19.72
N VAL A 424 42.63 18.17 18.43
CA VAL A 424 43.38 18.93 17.43
C VAL A 424 42.93 20.38 17.41
N ILE A 425 41.63 20.62 17.60
CA ILE A 425 41.09 21.97 17.57
C ILE A 425 41.52 22.74 18.80
N THR A 426 41.48 22.11 19.98
CA THR A 426 41.99 22.78 21.18
C THR A 426 43.49 23.03 21.07
N ASP A 427 44.27 22.05 20.60
CA ASP A 427 45.70 22.29 20.45
C ASP A 427 45.99 23.43 19.50
N LEU A 428 45.15 23.65 18.50
CA LEU A 428 45.42 24.76 17.59
C LEU A 428 45.08 26.10 18.23
N TYR A 429 44.17 26.10 19.19
CA TYR A 429 43.83 27.33 19.86
C TYR A 429 44.92 27.72 20.86
N GLU A 430 45.35 26.77 21.70
CA GLU A 430 46.48 27.02 22.60
C GLU A 430 47.75 27.42 21.85
N ALA A 431 47.83 27.16 20.55
CA ALA A 431 48.96 27.59 19.76
C ALA A 431 48.68 28.83 18.93
N ASP A 432 47.50 29.44 19.11
CA ASP A 432 47.12 30.66 18.44
C ASP A 432 47.06 30.49 16.93
N LEU A 433 46.74 29.27 16.49
CA LEU A 433 46.46 29.02 15.09
C LEU A 433 44.98 29.18 14.77
N ILE A 434 44.10 29.07 15.76
CA ILE A 434 42.71 29.49 15.64
C ILE A 434 42.40 30.41 16.81
N SER A 435 41.83 31.57 16.54
CA SER A 435 41.46 32.53 17.57
C SER A 435 40.15 32.13 18.24
N GLU A 436 39.98 32.56 19.51
CA GLU A 436 38.73 32.32 20.22
C GLU A 436 37.55 33.06 19.60
N GLU A 437 37.81 34.15 18.89
CA GLU A 437 36.72 34.78 18.15
C GLU A 437 36.17 33.82 17.09
N ARG A 438 37.06 33.08 16.41
CA ARG A 438 36.63 32.16 15.36
C ARG A 438 35.79 31.01 15.92
N ILE A 439 36.27 30.39 17.00
CA ILE A 439 35.54 29.28 17.61
C ILE A 439 34.21 29.76 18.18
N ASP A 440 34.19 30.97 18.74
CA ASP A 440 32.94 31.56 19.21
C ASP A 440 31.99 31.80 18.05
N LEU A 441 32.53 32.29 16.93
CA LEU A 441 31.70 32.54 15.76
C LEU A 441 31.16 31.25 15.17
N ALA A 442 31.98 30.19 15.11
CA ALA A 442 31.45 28.89 14.69
C ALA A 442 30.37 28.42 15.65
N ALA A 443 30.66 28.47 16.96
CA ALA A 443 29.73 28.01 17.98
C ALA A 443 28.38 28.71 17.87
N GLU A 444 28.39 30.01 17.62
CA GLU A 444 27.12 30.73 17.49
C GLU A 444 26.31 30.20 16.33
N ARG A 445 26.99 29.91 15.21
CA ARG A 445 26.32 29.48 13.99
C ARG A 445 25.78 28.06 14.09
N LEU A 446 26.48 27.17 14.79
CA LEU A 446 26.05 25.80 14.90
C LEU A 446 24.91 25.65 15.90
N LEU A 447 24.86 26.54 16.88
CA LEU A 447 23.81 26.45 17.90
C LEU A 447 22.54 27.14 17.43
N GLU A 448 22.66 28.24 16.68
CA GLU A 448 21.49 28.98 16.17
C GLU A 448 20.38 28.09 15.61
N PRO A 449 20.64 27.15 14.69
CA PRO A 449 19.52 26.36 14.16
C PRO A 449 18.93 25.41 15.17
N LEU A 450 19.74 24.83 16.05
CA LEU A 450 19.17 23.98 17.09
C LEU A 450 18.16 24.75 17.95
N PHE A 451 18.41 26.03 18.21
CA PHE A 451 17.47 26.81 18.99
C PHE A 451 16.18 27.06 18.21
N ASP A 452 16.30 27.64 17.02
CA ASP A 452 15.12 28.02 16.24
C ASP A 452 14.25 26.81 15.89
N MET A 453 14.87 25.63 15.72
CA MET A 453 14.14 24.42 15.41
C MET A 453 13.42 23.84 16.61
N GLY A 454 13.60 24.43 17.79
CA GLY A 454 12.85 24.02 18.95
C GLY A 454 13.35 22.77 19.64
N LEU A 455 14.59 22.38 19.36
CA LEU A 455 15.16 21.19 19.98
C LEU A 455 15.62 21.42 21.42
N PHE A 456 15.80 22.66 21.87
CA PHE A 456 16.15 22.85 23.28
C PHE A 456 14.95 22.59 24.18
N GLU A 457 13.74 22.74 23.62
CA GLU A 457 12.48 22.46 24.33
C GLU A 457 12.12 20.98 24.25
N ASN A 458 12.11 20.42 23.03
CA ASN A 458 11.77 19.01 22.86
C ASN A 458 12.62 18.38 21.77
N PRO A 459 13.61 17.55 22.13
CA PRO A 459 14.46 16.87 21.15
C PRO A 459 14.09 15.42 20.87
N TYR A 460 12.97 14.94 21.38
CA TYR A 460 12.65 13.52 21.27
C TYR A 460 11.52 13.33 20.26
N VAL A 461 11.28 12.06 19.93
CA VAL A 461 10.20 11.66 19.03
C VAL A 461 9.56 10.38 19.58
N ASP A 462 8.33 10.13 19.11
CA ASP A 462 7.59 8.93 19.51
C ASP A 462 7.91 7.80 18.55
N PRO A 463 8.55 6.70 19.00
CA PRO A 463 8.87 5.61 18.07
C PRO A 463 7.65 4.97 17.43
N ASP A 464 6.49 5.02 18.09
CA ASP A 464 5.29 4.41 17.53
C ASP A 464 4.66 5.28 16.46
N VAL A 465 4.86 6.60 16.53
CA VAL A 465 4.35 7.45 15.46
C VAL A 465 5.20 7.30 14.22
N ALA A 466 6.50 7.03 14.38
CA ALA A 466 7.30 6.68 13.22
C ALA A 466 6.69 5.49 12.49
N THR A 467 6.29 4.46 13.23
CA THR A 467 5.64 3.32 12.61
C THR A 467 4.41 3.74 11.80
N ALA A 468 3.58 4.63 12.35
CA ALA A 468 2.40 5.11 11.63
C ALA A 468 2.70 6.11 10.52
N THR A 469 3.94 6.57 10.38
CA THR A 469 4.29 7.58 9.38
C THR A 469 5.16 7.05 8.25
N VAL A 470 6.19 6.27 8.58
CA VAL A 470 7.17 5.82 7.58
C VAL A 470 6.52 4.81 6.63
N GLY A 471 6.22 5.24 5.41
CA GLY A 471 5.62 4.33 4.45
C GLY A 471 4.11 4.33 4.45
N ALA A 472 3.47 5.35 5.04
CA ALA A 472 2.03 5.42 5.07
C ALA A 472 1.46 5.27 3.67
N ASP A 473 0.27 4.65 3.59
CA ASP A 473 -0.33 4.29 2.31
C ASP A 473 -0.42 5.47 1.36
N ASP A 474 -0.97 6.59 1.84
CA ASP A 474 -1.07 7.78 0.99
C ASP A 474 0.32 8.27 0.53
N HIS A 475 1.36 8.09 1.36
CA HIS A 475 2.71 8.52 1.01
C HIS A 475 3.27 7.70 -0.14
N ARG A 476 3.10 6.37 -0.08
CA ARG A 476 3.57 5.54 -1.18
C ARG A 476 2.81 5.83 -2.46
N ALA A 477 1.57 6.29 -2.34
CA ALA A 477 0.79 6.61 -3.53
C ALA A 477 1.34 7.84 -4.25
N VAL A 478 1.73 8.87 -3.50
CA VAL A 478 2.39 10.03 -4.10
C VAL A 478 3.67 9.59 -4.80
N GLY A 479 4.41 8.66 -4.19
CA GLY A 479 5.61 8.17 -4.83
C GLY A 479 5.27 7.42 -6.10
N LEU A 480 4.23 6.58 -6.04
CA LEU A 480 3.82 5.84 -7.23
C LEU A 480 3.40 6.78 -8.34
N ASP A 481 2.63 7.82 -8.00
CA ASP A 481 2.24 8.82 -8.98
C ASP A 481 3.47 9.50 -9.60
N LEU A 482 4.45 9.85 -8.77
CA LEU A 482 5.64 10.53 -9.31
C LEU A 482 6.48 9.60 -10.17
N GLN A 483 6.55 8.31 -9.82
CA GLN A 483 7.19 7.34 -10.70
C GLN A 483 6.56 7.33 -12.09
N ARG A 484 5.23 7.26 -12.15
CA ARG A 484 4.56 7.17 -13.44
C ARG A 484 4.69 8.45 -14.26
N LYS A 485 4.79 9.60 -13.59
CA LYS A 485 4.94 10.90 -14.23
C LYS A 485 6.38 11.23 -14.59
N SER A 486 7.35 10.47 -14.08
CA SER A 486 8.76 10.71 -14.35
C SER A 486 9.25 10.03 -15.61
N LEU A 487 8.56 8.96 -16.02
CA LEU A 487 8.92 8.20 -17.21
C LEU A 487 8.92 9.10 -18.44
N VAL A 488 9.93 8.96 -19.29
CA VAL A 488 10.04 9.77 -20.50
C VAL A 488 10.00 8.85 -21.72
N LEU A 489 8.99 9.03 -22.57
CA LEU A 489 8.92 8.32 -23.85
C LEU A 489 9.77 9.07 -24.87
N LEU A 490 10.86 8.44 -25.30
CA LEU A 490 11.77 9.06 -26.26
C LEU A 490 11.41 8.71 -27.70
N GLN A 491 10.87 7.53 -27.93
CA GLN A 491 10.65 7.07 -29.29
C GLN A 491 9.51 6.07 -29.27
N ASN A 492 8.50 6.31 -30.12
CA ASN A 492 7.34 5.43 -30.24
C ASN A 492 7.01 5.31 -31.74
N GLU A 493 7.53 4.26 -32.39
CA GLU A 493 7.37 4.12 -33.83
C GLU A 493 5.91 3.87 -34.23
N GLU A 494 5.54 4.37 -35.40
CA GLU A 494 4.21 4.15 -35.96
C GLU A 494 4.32 2.99 -36.93
N THR A 495 3.77 1.84 -36.55
CA THR A 495 3.73 0.66 -37.41
C THR A 495 2.50 0.74 -38.32
N ASP A 496 2.24 -0.31 -39.10
CA ASP A 496 1.03 -0.31 -39.90
C ASP A 496 -0.22 -0.51 -39.05
N GLU A 497 -0.09 -1.15 -37.89
CA GLU A 497 -1.19 -1.30 -36.95
C GLU A 497 -1.36 -0.12 -36.01
N GLY A 498 -0.54 0.94 -36.12
CA GLY A 498 -0.56 2.00 -35.14
C GLY A 498 0.71 2.04 -34.33
N PRO A 499 0.81 2.99 -33.40
CA PRO A 499 2.05 3.11 -32.61
C PRO A 499 2.27 1.88 -31.72
N VAL A 500 3.55 1.58 -31.51
CA VAL A 500 3.94 0.42 -30.71
C VAL A 500 3.31 0.46 -29.32
N LEU A 501 3.37 1.62 -28.65
CA LEU A 501 2.79 1.90 -27.33
C LEU A 501 1.58 2.80 -27.44
N PRO A 502 0.51 2.54 -26.66
CA PRO A 502 0.47 1.52 -25.60
C PRO A 502 0.36 0.10 -26.10
N LEU A 503 0.77 -0.87 -25.26
CA LEU A 503 0.64 -2.26 -25.66
C LEU A 503 -0.82 -2.61 -25.87
N LYS A 504 -1.06 -3.58 -26.73
CA LYS A 504 -2.40 -4.10 -26.83
C LYS A 504 -2.64 -5.10 -25.72
N GLU A 505 -3.92 -5.33 -25.41
CA GLU A 505 -4.27 -6.31 -24.39
C GLU A 505 -3.95 -7.71 -24.91
N GLY A 506 -3.27 -8.50 -24.08
CA GLY A 506 -2.95 -9.86 -24.47
C GLY A 506 -1.84 -9.99 -25.50
N GLY A 507 -1.25 -11.17 -25.56
CA GLY A 507 -0.14 -11.42 -26.46
C GLY A 507 0.97 -12.22 -25.80
N ASP A 508 1.91 -12.72 -26.59
CA ASP A 508 3.12 -13.35 -26.09
C ASP A 508 4.21 -12.31 -25.89
N VAL A 509 4.75 -12.22 -24.67
CA VAL A 509 5.72 -11.19 -24.33
C VAL A 509 7.03 -11.87 -23.94
N TYR A 510 8.13 -11.39 -24.52
CA TYR A 510 9.46 -11.79 -24.10
C TYR A 510 10.00 -10.71 -23.16
N ILE A 511 10.57 -11.12 -22.03
CA ILE A 511 11.13 -10.15 -21.09
C ILE A 511 12.62 -10.41 -20.94
N LEU A 512 13.37 -9.32 -20.85
CA LEU A 512 14.81 -9.38 -20.62
C LEU A 512 15.16 -8.21 -19.73
N GLY A 513 15.84 -8.45 -18.63
CA GLY A 513 16.16 -7.36 -17.71
C GLY A 513 15.39 -7.47 -16.41
N ASP A 514 15.35 -6.36 -15.68
CA ASP A 514 14.73 -6.32 -14.35
C ASP A 514 13.20 -6.19 -14.43
N PHE A 515 12.58 -7.18 -15.06
CA PHE A 515 11.13 -7.37 -15.04
C PHE A 515 10.79 -8.56 -14.16
N THR A 516 9.74 -8.44 -13.34
CA THR A 516 9.28 -9.58 -12.55
C THR A 516 8.16 -10.26 -13.33
N GLU A 517 8.43 -11.47 -13.81
CA GLU A 517 7.58 -12.20 -14.75
C GLU A 517 6.11 -12.23 -14.33
N GLU A 518 5.84 -12.56 -13.06
CA GLU A 518 4.45 -12.73 -12.63
C GLU A 518 3.71 -11.40 -12.63
N THR A 519 4.42 -10.30 -12.38
CA THR A 519 3.81 -8.97 -12.46
C THR A 519 3.45 -8.63 -13.90
N VAL A 520 4.28 -9.03 -14.87
CA VAL A 520 3.93 -8.81 -16.28
C VAL A 520 2.84 -9.77 -16.71
N GLU A 521 2.94 -11.04 -16.28
CA GLU A 521 1.83 -11.96 -16.45
C GLU A 521 0.55 -11.38 -15.87
N SER A 522 0.66 -10.69 -14.75
CA SER A 522 -0.52 -10.15 -14.08
C SER A 522 -1.31 -9.18 -14.95
N TYR A 523 -0.71 -8.52 -15.94
CA TYR A 523 -1.48 -7.64 -16.81
C TYR A 523 -2.09 -8.38 -17.98
N GLY A 524 -2.10 -9.71 -17.94
CA GLY A 524 -2.77 -10.53 -18.93
C GLY A 524 -1.94 -10.88 -20.15
N TYR A 525 -0.66 -11.22 -19.93
CA TYR A 525 0.25 -11.55 -21.00
C TYR A 525 0.86 -12.92 -20.72
N GLU A 526 1.10 -13.68 -21.79
CA GLU A 526 1.88 -14.91 -21.73
C GLU A 526 3.35 -14.54 -21.90
N VAL A 527 4.16 -14.90 -20.92
CA VAL A 527 5.51 -14.33 -20.78
C VAL A 527 6.54 -15.44 -20.96
N THR A 528 7.50 -15.22 -21.86
CA THR A 528 8.71 -16.03 -21.94
C THR A 528 9.85 -15.25 -21.29
N ASN A 529 10.61 -15.89 -20.42
CA ASN A 529 11.61 -15.19 -19.62
C ASN A 529 13.00 -15.45 -20.19
N GLY A 530 13.57 -14.42 -20.82
CA GLY A 530 14.93 -14.47 -21.31
C GLY A 530 15.99 -14.38 -20.24
N ASN A 531 15.65 -14.11 -18.99
CA ASN A 531 16.63 -14.06 -17.91
C ASN A 531 16.86 -15.46 -17.39
N VAL A 532 17.99 -16.05 -17.75
CA VAL A 532 18.34 -17.40 -17.33
C VAL A 532 19.68 -17.31 -16.62
N ALA A 533 19.89 -18.21 -15.67
CA ALA A 533 21.19 -18.32 -15.02
C ALA A 533 22.24 -18.65 -16.08
N GLU A 534 23.46 -18.18 -15.87
CA GLU A 534 24.50 -18.55 -16.82
C GLU A 534 24.78 -20.04 -16.68
N GLY A 535 24.86 -20.72 -17.83
CA GLY A 535 24.87 -22.17 -17.89
C GLY A 535 23.62 -22.78 -18.50
N GLU A 536 22.44 -22.16 -18.32
CA GLU A 536 21.24 -22.63 -18.99
C GLU A 536 21.12 -22.05 -20.41
N GLU A 537 20.40 -22.75 -21.28
CA GLU A 537 19.70 -22.10 -22.40
C GLU A 537 18.80 -20.93 -22.14
N ARG A 538 18.94 -19.95 -22.98
CA ARG A 538 18.04 -18.84 -23.11
C ARG A 538 17.03 -19.16 -24.20
N PRO A 539 15.72 -19.13 -23.90
CA PRO A 539 14.71 -19.37 -24.95
C PRO A 539 14.74 -18.27 -25.98
N SER A 540 14.46 -18.65 -27.22
CA SER A 540 14.50 -17.67 -28.29
C SER A 540 13.31 -16.74 -28.17
N ALA A 541 13.47 -15.51 -28.67
CA ALA A 541 12.37 -14.57 -28.68
C ALA A 541 11.56 -14.62 -29.98
N ALA A 542 11.89 -15.55 -30.87
CA ALA A 542 11.14 -15.66 -32.13
C ALA A 542 9.70 -16.04 -31.83
N GLY A 543 8.78 -15.34 -32.49
CA GLY A 543 7.36 -15.56 -32.32
C GLY A 543 6.70 -14.68 -31.28
N SER A 544 7.42 -13.73 -30.70
CA SER A 544 6.90 -12.89 -29.64
C SER A 544 6.17 -11.71 -30.27
N ASP A 545 5.05 -11.31 -29.66
CA ASP A 545 4.36 -10.10 -30.12
C ASP A 545 5.01 -8.84 -29.57
N TYR A 546 5.65 -8.96 -28.41
CA TYR A 546 6.33 -7.85 -27.75
C TYR A 546 7.61 -8.37 -27.12
N VAL A 547 8.67 -7.58 -27.21
CA VAL A 547 9.88 -7.80 -26.42
C VAL A 547 10.04 -6.59 -25.50
N LEU A 548 10.13 -6.85 -24.20
CA LEU A 548 10.34 -5.79 -23.21
C LEU A 548 11.72 -5.98 -22.62
N ILE A 549 12.61 -5.00 -22.84
CA ILE A 549 13.95 -5.03 -22.31
C ILE A 549 14.09 -3.86 -21.36
N SER A 550 14.47 -4.15 -20.14
CA SER A 550 14.80 -3.11 -19.16
C SER A 550 16.29 -3.19 -18.95
N MET A 551 17.01 -2.14 -19.32
CA MET A 551 18.47 -2.20 -19.41
C MET A 551 19.13 -0.95 -18.82
N THR A 552 20.39 -1.11 -18.44
CA THR A 552 21.17 0.01 -17.94
C THR A 552 22.65 -0.36 -18.10
N ALA A 553 23.53 0.55 -17.66
CA ALA A 553 24.95 0.27 -17.57
C ALA A 553 25.44 0.62 -16.17
N LYS A 554 26.42 -0.15 -15.67
CA LYS A 554 27.00 0.03 -14.35
C LYS A 554 28.51 0.08 -14.45
N THR A 555 29.15 0.72 -13.47
CA THR A 555 30.59 0.65 -13.45
C THR A 555 31.00 -0.62 -12.71
N ASN A 556 32.19 -1.09 -13.00
CA ASN A 556 32.74 -2.27 -12.37
C ASN A 556 34.23 -2.05 -12.14
N ALA A 557 34.56 -1.08 -11.27
CA ALA A 557 35.92 -0.62 -11.11
C ALA A 557 36.50 -0.96 -9.74
N GLY A 558 35.94 -1.98 -9.06
CA GLY A 558 36.42 -2.33 -7.73
C GLY A 558 37.82 -2.86 -7.69
N ASP A 559 38.37 -3.30 -8.82
CA ASP A 559 39.74 -3.79 -8.90
C ASP A 559 40.77 -2.68 -9.04
N TYR A 560 40.35 -1.45 -9.33
CA TYR A 560 41.30 -0.35 -9.49
C TYR A 560 42.25 -0.25 -8.30
N VAL A 561 43.54 -0.13 -8.59
CA VAL A 561 44.58 0.14 -7.60
C VAL A 561 45.49 1.22 -8.18
N SER A 562 45.72 2.27 -7.40
CA SER A 562 46.42 3.44 -7.92
C SER A 562 47.87 3.14 -8.24
N ASP A 563 48.58 2.43 -7.35
CA ASP A 563 50.01 2.21 -7.52
C ASP A 563 50.33 0.86 -8.16
N ASP A 564 49.34 0.18 -8.70
CA ASP A 564 49.57 -1.08 -9.40
C ASP A 564 50.06 -0.79 -10.81
N PRO A 565 51.22 -1.29 -11.22
CA PRO A 565 51.70 -1.05 -12.60
C PRO A 565 50.80 -1.65 -13.67
N SER A 566 49.90 -2.57 -13.32
CA SER A 566 48.90 -3.09 -14.24
C SER A 566 47.75 -2.12 -14.48
N LEU A 567 47.53 -1.20 -13.54
CA LEU A 567 46.33 -0.36 -13.57
C LEU A 567 46.71 1.11 -13.54
N GLY A 568 46.74 1.69 -12.33
CA GLY A 568 46.92 3.11 -12.19
C GLY A 568 48.27 3.62 -12.67
N LEU A 569 49.30 2.78 -12.59
CA LEU A 569 50.64 3.12 -13.06
C LEU A 569 51.00 2.40 -14.35
N ASN A 570 50.00 2.09 -15.19
CA ASN A 570 50.23 1.39 -16.44
C ASN A 570 50.39 2.40 -17.55
N PRO A 571 51.56 2.50 -18.19
CA PRO A 571 51.69 3.48 -19.28
C PRO A 571 50.78 3.18 -20.45
N ASP A 572 50.40 1.92 -20.63
CA ASP A 572 49.45 1.57 -21.65
C ASP A 572 48.04 2.09 -21.36
N HIS A 573 47.78 2.66 -20.17
CA HIS A 573 46.51 3.33 -19.87
C HIS A 573 46.55 4.83 -20.13
N GLY A 574 47.66 5.35 -20.66
CA GLY A 574 47.73 6.74 -21.04
C GLY A 574 48.20 7.60 -19.89
N THR A 575 48.04 8.91 -20.09
CA THR A 575 48.37 9.89 -19.06
C THR A 575 47.12 10.67 -18.68
N ASN A 576 47.19 11.26 -17.51
CA ASN A 576 46.17 12.13 -16.94
C ASN A 576 46.31 13.53 -17.52
N PRO A 577 45.43 13.95 -18.42
CA PRO A 577 45.56 15.29 -19.01
C PRO A 577 45.31 16.43 -18.05
N SER A 578 44.85 16.16 -16.84
CA SER A 578 44.45 17.26 -15.99
C SER A 578 45.68 17.98 -15.47
N VAL A 579 45.64 19.32 -15.49
CA VAL A 579 46.75 20.15 -14.99
C VAL A 579 46.22 21.07 -13.90
N ILE A 580 46.87 21.04 -12.74
CA ILE A 580 46.56 21.98 -11.67
C ILE A 580 47.89 22.55 -11.20
N ILE A 581 48.13 23.83 -11.49
CA ILE A 581 49.34 24.48 -11.02
C ILE A 581 49.08 24.94 -9.59
N GLY A 582 49.93 24.50 -8.67
CA GLY A 582 49.83 24.97 -7.30
C GLY A 582 50.00 26.48 -7.21
N ASP A 583 49.49 27.04 -6.12
CA ASP A 583 49.74 28.47 -5.91
C ASP A 583 51.22 28.76 -5.73
N ASP A 584 52.02 27.74 -5.41
CA ASP A 584 53.48 27.80 -5.42
C ASP A 584 54.10 27.89 -6.82
N GLY A 585 53.33 27.67 -7.89
CA GLY A 585 53.85 27.67 -9.25
C GLY A 585 54.32 26.33 -9.80
N GLU A 586 54.34 25.27 -8.97
CA GLU A 586 54.69 23.93 -9.43
C GLU A 586 53.45 23.04 -9.42
N PRO A 587 53.28 22.17 -10.42
CA PRO A 587 52.04 21.38 -10.51
C PRO A 587 51.81 20.51 -9.29
N LEU A 588 50.53 20.29 -8.98
CA LEU A 588 50.18 19.31 -7.97
C LEU A 588 50.69 17.93 -8.39
N PRO A 589 51.06 17.09 -7.44
CA PRO A 589 51.65 15.79 -7.80
C PRO A 589 50.68 14.95 -8.63
N GLY A 590 51.18 14.42 -9.74
CA GLY A 590 50.38 13.63 -10.64
C GLY A 590 49.49 14.44 -11.55
N LEU A 591 49.46 15.75 -11.41
CA LEU A 591 48.54 16.57 -12.19
C LEU A 591 49.29 17.65 -12.94
N ASP A 592 50.33 17.24 -13.66
CA ASP A 592 51.06 18.12 -14.55
C ASP A 592 50.62 17.97 -15.99
N GLY A 593 49.74 17.01 -16.28
CA GLY A 593 49.25 16.82 -17.61
C GLY A 593 50.01 15.79 -18.39
N GLN A 594 50.95 15.06 -17.77
N GLN A 594 50.91 15.03 -17.73
CA GLN A 594 51.65 14.00 -18.48
CA GLN A 594 51.83 14.10 -18.37
C GLN A 594 52.06 12.88 -17.52
C GLN A 594 52.06 12.87 -17.52
N SER A 595 51.33 12.69 -16.43
CA SER A 595 51.64 11.64 -15.47
C SER A 595 50.70 10.45 -15.58
N LEU A 596 51.19 9.32 -15.08
CA LEU A 596 50.38 8.12 -14.97
C LEU A 596 49.16 8.38 -14.09
N TRP A 597 48.05 7.70 -14.40
CA TRP A 597 46.77 7.99 -13.75
C TRP A 597 46.88 7.87 -12.24
N GLY A 598 47.56 6.84 -11.77
CA GLY A 598 47.66 6.67 -10.34
C GLY A 598 48.62 7.59 -9.63
N ALA A 599 49.35 8.44 -10.34
CA ALA A 599 50.48 9.16 -9.75
C ALA A 599 50.04 10.30 -8.84
N ALA A 600 48.79 10.71 -8.94
CA ALA A 600 48.25 11.77 -8.09
C ALA A 600 47.81 11.26 -6.73
N ASP A 601 47.68 9.95 -6.54
CA ASP A 601 47.28 9.40 -5.26
C ASP A 601 48.44 9.51 -4.27
N VAL A 602 48.12 9.76 -2.99
CA VAL A 602 49.17 9.98 -1.99
C VAL A 602 50.06 8.74 -1.80
N CYS A 603 49.49 7.53 -1.91
CA CYS A 603 50.32 6.32 -1.91
C CYS A 603 51.52 6.39 -2.88
N VAL A 604 51.38 7.12 -3.98
CA VAL A 604 52.45 7.19 -4.99
C VAL A 604 53.38 8.37 -4.75
N HIS A 605 52.83 9.57 -4.51
CA HIS A 605 53.68 10.75 -4.38
C HIS A 605 54.22 10.93 -2.98
N LYS A 606 53.54 10.41 -1.96
CA LYS A 606 54.03 10.41 -0.57
C LYS A 606 54.40 11.82 -0.08
N GLU A 607 53.94 12.87 -0.76
CA GLU A 607 54.05 14.20 -0.19
C GLU A 607 53.21 14.24 1.08
N GLY A 608 53.73 14.93 2.08
CA GLY A 608 53.06 14.91 3.36
C GLY A 608 53.86 14.16 4.41
N HIS A 609 53.33 14.23 5.62
CA HIS A 609 54.03 13.85 6.84
C HIS A 609 53.81 12.41 7.24
N GLU A 610 53.63 11.47 6.32
CA GLU A 610 53.25 10.14 6.78
C GLU A 610 54.05 9.07 6.05
N GLU A 611 54.15 7.88 6.67
CA GLU A 611 55.21 6.92 6.37
C GLU A 611 55.02 6.19 5.04
N ASN A 612 54.09 5.23 4.97
CA ASN A 612 53.64 4.68 3.69
C ASN A 612 52.13 4.78 3.72
N PRO A 613 51.59 5.88 3.21
CA PRO A 613 50.16 6.12 3.28
C PRO A 613 49.38 5.15 2.40
N SER A 614 48.18 4.79 2.86
CA SER A 614 47.29 3.99 2.03
C SER A 614 46.84 4.81 0.83
N CYS A 615 46.49 4.13 -0.25
CA CYS A 615 45.88 4.80 -1.39
C CYS A 615 44.49 5.31 -1.01
N THR A 616 44.16 6.51 -1.44
CA THR A 616 42.78 7.01 -1.31
C THR A 616 41.86 6.52 -2.43
N ASP A 617 42.38 6.09 -3.57
CA ASP A 617 41.54 5.81 -4.72
C ASP A 617 41.28 4.32 -4.92
N ASN A 618 41.90 3.46 -4.13
CA ASN A 618 41.74 2.03 -4.40
C ASN A 618 40.28 1.62 -4.31
N ARG A 619 39.86 0.77 -5.24
CA ARG A 619 38.53 0.18 -5.36
C ARG A 619 37.50 1.17 -5.91
N LEU A 620 37.88 2.43 -6.21
CA LEU A 620 36.98 3.48 -6.71
C LEU A 620 35.64 3.35 -6.02
N ARG A 621 35.72 3.35 -4.71
CA ARG A 621 34.66 2.67 -3.98
C ARG A 621 33.41 3.54 -3.87
N PHE A 622 33.48 4.83 -4.23
CA PHE A 622 32.33 5.72 -4.25
C PHE A 622 31.58 5.65 -5.58
N GLY A 623 32.12 4.99 -6.60
CA GLY A 623 31.55 5.00 -7.93
C GLY A 623 32.53 5.63 -8.90
N GLY A 624 32.15 5.57 -10.17
CA GLY A 624 32.96 6.01 -11.30
C GLY A 624 33.69 4.85 -11.94
N ALA A 625 34.09 5.06 -13.21
CA ALA A 625 34.80 4.05 -13.99
C ALA A 625 36.31 4.21 -13.80
N TYR A 626 37.09 3.24 -14.31
CA TYR A 626 38.52 3.47 -14.44
C TYR A 626 38.74 4.83 -15.09
N PRO A 627 39.65 5.66 -14.57
CA PRO A 627 39.74 7.04 -15.10
C PRO A 627 39.94 7.11 -16.58
N TRP A 628 40.66 6.16 -17.18
CA TRP A 628 40.91 6.14 -18.62
C TRP A 628 39.71 5.67 -19.44
N GLU A 629 38.61 5.30 -18.78
CA GLU A 629 37.39 4.84 -19.43
C GLU A 629 36.20 5.74 -19.08
N SER A 630 36.46 6.92 -18.53
CA SER A 630 35.38 7.81 -18.11
C SER A 630 34.64 8.42 -19.28
N SER A 631 35.20 8.40 -20.50
CA SER A 631 34.48 8.95 -21.65
C SER A 631 33.62 7.93 -22.36
N ILE A 632 33.66 6.67 -21.94
CA ILE A 632 32.97 5.59 -22.64
C ILE A 632 31.55 5.53 -22.07
N LEU A 633 30.69 6.39 -22.62
CA LEU A 633 29.27 6.37 -22.27
C LEU A 633 28.39 5.80 -23.38
N ASP A 634 28.98 5.29 -24.46
CA ASP A 634 28.19 4.66 -25.51
C ASP A 634 28.03 3.17 -25.25
N PHE A 635 26.84 2.63 -25.52
CA PHE A 635 26.58 1.26 -25.11
C PHE A 635 27.52 0.26 -25.79
N THR A 636 27.93 0.52 -27.03
CA THR A 636 28.90 -0.37 -27.69
C THR A 636 30.26 -0.29 -27.02
N GLY A 637 30.75 0.93 -26.77
CA GLY A 637 31.97 1.08 -26.01
C GLY A 637 31.91 0.41 -24.66
N MET A 638 30.81 0.64 -23.91
CA MET A 638 30.72 0.14 -22.55
C MET A 638 30.71 -1.39 -22.52
N GLU A 639 30.09 -2.02 -23.52
CA GLU A 639 30.10 -3.48 -23.58
C GLU A 639 31.52 -4.03 -23.67
N ALA A 640 32.40 -3.35 -24.41
CA ALA A 640 33.78 -3.76 -24.59
C ALA A 640 34.75 -3.28 -23.49
N ALA A 641 34.34 -2.36 -22.62
CA ALA A 641 35.26 -1.71 -21.70
C ALA A 641 35.68 -2.62 -20.54
N GLU A 642 36.79 -2.27 -19.91
CA GLU A 642 37.25 -3.03 -18.73
C GLU A 642 36.35 -2.82 -17.52
N SER A 643 35.97 -1.58 -17.23
CA SER A 643 35.31 -1.26 -15.97
C SER A 643 33.86 -0.80 -16.16
N TRP A 644 33.30 -0.97 -17.35
CA TRP A 644 31.87 -0.84 -17.57
C TRP A 644 31.22 -2.18 -17.80
N GLU A 645 29.93 -2.22 -17.49
CA GLU A 645 29.03 -3.33 -17.76
C GLU A 645 27.62 -2.87 -18.09
N VAL A 646 27.10 -3.52 -19.15
CA VAL A 646 25.75 -3.34 -19.67
C VAL A 646 24.90 -4.50 -19.21
N VAL A 647 23.74 -4.18 -18.65
CA VAL A 647 22.88 -5.14 -17.96
C VAL A 647 21.48 -5.06 -18.54
N PRO A 648 20.98 -6.12 -19.19
CA PRO A 648 21.76 -7.31 -19.51
C PRO A 648 22.78 -6.98 -20.60
N SER A 649 23.71 -7.87 -20.89
CA SER A 649 24.75 -7.60 -21.86
C SER A 649 24.16 -7.16 -23.19
N LEU A 650 24.80 -6.17 -23.82
CA LEU A 650 24.37 -5.72 -25.13
C LEU A 650 24.42 -6.85 -26.16
N GLU A 651 25.41 -7.75 -26.05
CA GLU A 651 25.44 -8.92 -26.94
C GLU A 651 24.12 -9.69 -26.85
N THR A 652 23.67 -9.98 -25.62
CA THR A 652 22.41 -10.70 -25.48
C THR A 652 21.23 -9.90 -26.02
N ILE A 653 21.22 -8.59 -25.77
CA ILE A 653 20.15 -7.75 -26.29
C ILE A 653 20.11 -7.81 -27.80
N GLN A 654 21.28 -7.87 -28.43
CA GLN A 654 21.37 -7.88 -29.88
C GLN A 654 20.96 -9.22 -30.45
N GLU A 655 21.33 -10.31 -29.77
CA GLU A 655 20.78 -11.62 -30.10
C GLU A 655 19.26 -11.60 -30.03
N VAL A 656 18.72 -11.05 -28.93
CA VAL A 656 17.28 -11.04 -28.74
C VAL A 656 16.59 -10.22 -29.83
N MET A 657 17.11 -9.02 -30.11
CA MET A 657 16.47 -8.16 -31.10
C MET A 657 16.45 -8.79 -32.48
N ALA A 658 17.37 -9.72 -32.74
CA ALA A 658 17.44 -10.37 -34.03
C ALA A 658 16.60 -11.64 -34.11
N GLU A 659 16.37 -12.33 -32.99
CA GLU A 659 15.51 -13.50 -33.03
C GLU A 659 14.05 -13.13 -33.28
N VAL A 660 13.65 -11.90 -32.96
CA VAL A 660 12.28 -11.49 -33.21
C VAL A 660 12.15 -10.89 -34.60
N GLU A 661 13.28 -10.64 -35.27
CA GLU A 661 13.36 -10.04 -36.60
C GLU A 661 12.78 -8.63 -36.66
N ASP A 662 11.45 -8.47 -36.62
CA ASP A 662 10.96 -7.09 -36.63
C ASP A 662 11.30 -6.35 -35.33
N PRO A 663 12.27 -5.42 -35.32
CA PRO A 663 12.67 -4.77 -34.06
C PRO A 663 11.65 -3.75 -33.59
N SER A 664 10.64 -3.44 -34.40
CA SER A 664 9.58 -2.57 -33.96
C SER A 664 8.72 -3.22 -32.88
N LYS A 665 8.96 -4.51 -32.55
CA LYS A 665 8.28 -5.12 -31.41
C LYS A 665 9.09 -5.05 -30.13
N VAL A 666 10.25 -4.39 -30.14
CA VAL A 666 11.10 -4.30 -28.96
C VAL A 666 10.82 -2.98 -28.25
N ILE A 667 10.57 -3.05 -26.95
CA ILE A 667 10.36 -1.88 -26.11
C ILE A 667 11.55 -1.82 -25.17
N LEU A 668 12.34 -0.76 -25.28
CA LEU A 668 13.51 -0.56 -24.43
C LEU A 668 13.17 0.41 -23.31
N HIS A 669 13.25 -0.05 -22.09
CA HIS A 669 13.26 0.83 -20.92
C HIS A 669 14.71 0.97 -20.52
N VAL A 670 15.22 2.20 -20.51
CA VAL A 670 16.62 2.46 -20.22
C VAL A 670 16.70 3.29 -18.94
N TYR A 671 17.48 2.80 -17.97
CA TYR A 671 17.83 3.58 -16.81
C TYR A 671 19.09 4.38 -17.12
N PHE A 672 18.93 5.65 -17.48
CA PHE A 672 20.05 6.54 -17.76
C PHE A 672 20.65 7.05 -16.45
N ARG A 673 21.35 6.16 -15.75
CA ARG A 673 22.02 6.55 -14.52
C ARG A 673 23.00 7.68 -14.78
N GLN A 674 23.72 7.61 -15.90
CA GLN A 674 24.47 8.70 -16.49
C GLN A 674 23.89 8.93 -17.88
N PRO A 675 24.10 10.12 -18.50
CA PRO A 675 23.53 10.37 -19.84
C PRO A 675 24.17 9.47 -20.89
N TYR A 676 23.80 8.19 -20.86
CA TYR A 676 24.40 7.20 -21.72
C TYR A 676 24.05 7.49 -23.18
N VAL A 677 24.88 6.97 -24.09
CA VAL A 677 24.80 7.30 -25.52
C VAL A 677 24.28 6.08 -26.29
N LEU A 678 23.10 6.22 -26.88
CA LEU A 678 22.52 5.20 -27.78
C LEU A 678 23.20 5.30 -29.13
N ASP A 679 24.33 4.63 -29.27
CA ASP A 679 25.14 4.79 -30.47
C ASP A 679 24.55 3.97 -31.63
N GLU A 680 24.67 4.51 -32.85
CA GLU A 680 24.01 3.87 -33.98
C GLU A 680 24.53 2.46 -34.19
N GLU A 681 25.82 2.22 -33.97
CA GLU A 681 26.36 0.88 -34.13
C GLU A 681 25.71 -0.17 -33.21
N SER A 682 25.08 0.24 -32.10
CA SER A 682 24.58 -0.76 -31.16
C SER A 682 23.27 -1.39 -31.62
N GLY A 683 22.53 -0.72 -32.49
CA GLY A 683 21.26 -1.18 -32.99
C GLY A 683 20.10 -0.86 -32.07
N LEU A 684 20.35 -0.20 -30.92
CA LEU A 684 19.28 0.06 -29.97
C LEU A 684 18.25 1.04 -30.52
N ARG A 685 18.70 2.02 -31.32
CA ARG A 685 17.78 2.98 -31.93
C ARG A 685 16.73 2.30 -32.81
N ASP A 686 16.96 1.05 -33.22
CA ASP A 686 16.03 0.32 -34.10
C ASP A 686 14.80 -0.21 -33.38
N ALA A 687 14.69 -0.01 -32.07
CA ALA A 687 13.55 -0.49 -31.28
C ALA A 687 12.29 0.32 -31.56
N GLY A 688 11.14 -0.34 -31.43
CA GLY A 688 9.88 0.33 -31.75
C GLY A 688 9.52 1.39 -30.74
N ALA A 689 9.95 1.21 -29.49
CA ALA A 689 9.75 2.22 -28.47
C ALA A 689 10.99 2.26 -27.58
N ILE A 690 11.31 3.47 -27.12
CA ILE A 690 12.41 3.71 -26.18
C ILE A 690 11.88 4.66 -25.12
N LEU A 691 11.97 4.24 -23.84
CA LEU A 691 11.62 5.02 -22.66
C LEU A 691 12.85 5.29 -21.81
N ALA A 692 12.92 6.48 -21.21
CA ALA A 692 13.92 6.79 -20.20
C ALA A 692 13.26 6.70 -18.83
N GLY A 693 13.76 5.80 -17.99
CA GLY A 693 13.24 5.64 -16.64
C GLY A 693 14.25 6.13 -15.62
N PHE A 694 13.76 6.66 -14.50
CA PHE A 694 14.64 7.14 -13.44
C PHE A 694 14.32 6.46 -12.11
N GLY A 695 13.81 5.23 -12.17
CA GLY A 695 13.49 4.42 -11.02
C GLY A 695 12.00 4.26 -10.82
N MET A 696 11.48 3.03 -10.92
CA MET A 696 10.05 2.84 -10.72
C MET A 696 9.73 1.36 -10.53
N THR A 697 8.62 1.10 -9.85
CA THR A 697 8.19 -0.28 -9.74
C THR A 697 7.74 -0.82 -11.10
N ASP A 698 7.73 -2.15 -11.21
CA ASP A 698 7.21 -2.77 -12.41
C ASP A 698 5.74 -2.43 -12.60
N THR A 699 5.00 -2.34 -11.49
CA THR A 699 3.59 -1.95 -11.58
C THR A 699 3.43 -0.60 -12.27
N ALA A 700 4.32 0.34 -11.98
CA ALA A 700 4.19 1.68 -12.55
C ALA A 700 4.64 1.69 -14.01
N LEU A 701 5.68 0.94 -14.33
CA LEU A 701 6.08 0.83 -15.72
C LEU A 701 4.99 0.13 -16.53
N MET A 702 4.42 -0.95 -16.01
CA MET A 702 3.35 -1.65 -16.75
C MET A 702 2.09 -0.81 -16.85
N ASP A 703 1.79 -0.01 -15.82
CA ASP A 703 0.62 0.87 -15.89
C ASP A 703 0.76 1.86 -17.03
N VAL A 704 1.98 2.28 -17.33
CA VAL A 704 2.17 3.22 -18.43
C VAL A 704 2.28 2.50 -19.76
N LEU A 705 2.98 1.36 -19.79
CA LEU A 705 3.17 0.60 -21.03
C LEU A 705 1.83 0.14 -21.59
N THR A 706 0.90 -0.28 -20.73
CA THR A 706 -0.40 -0.77 -21.16
C THR A 706 -1.43 0.33 -21.33
N GLY A 707 -1.08 1.58 -21.03
CA GLY A 707 -1.98 2.68 -21.34
C GLY A 707 -2.97 3.10 -20.27
N ALA A 708 -2.92 2.49 -19.08
CA ALA A 708 -3.67 3.03 -17.96
C ALA A 708 -3.31 4.49 -17.68
N TYR A 709 -2.04 4.86 -17.91
CA TYR A 709 -1.60 6.25 -17.83
C TYR A 709 -0.75 6.56 -19.04
N ALA A 710 -0.79 7.81 -19.47
CA ALA A 710 0.03 8.18 -20.61
C ALA A 710 1.37 8.75 -20.12
N PRO A 711 2.50 8.42 -20.73
CA PRO A 711 3.76 9.02 -20.27
C PRO A 711 3.72 10.51 -20.54
N GLN A 712 4.29 11.27 -19.60
CA GLN A 712 4.33 12.71 -19.74
C GLN A 712 5.63 13.36 -19.26
N GLY A 713 6.57 12.59 -18.73
CA GLY A 713 7.84 13.17 -18.35
C GLY A 713 8.58 13.77 -19.54
N LYS A 714 9.48 14.69 -19.21
CA LYS A 714 10.37 15.36 -20.15
C LYS A 714 11.80 15.27 -19.65
N LEU A 715 12.74 15.18 -20.57
CA LEU A 715 14.13 14.96 -20.20
C LEU A 715 14.64 16.17 -19.42
N PRO A 716 15.23 15.97 -18.25
CA PRO A 716 15.84 17.09 -17.52
C PRO A 716 17.31 17.33 -17.87
N PHE A 717 17.84 16.56 -18.81
CA PHE A 717 19.18 16.79 -19.38
C PHE A 717 19.13 16.26 -20.80
N ALA A 718 20.07 16.74 -21.64
CA ALA A 718 20.14 16.29 -23.02
C ALA A 718 20.88 14.98 -23.13
N LEU A 719 20.57 14.22 -24.18
CA LEU A 719 21.27 13.00 -24.53
C LEU A 719 22.02 13.20 -25.84
N ALA A 720 23.24 12.67 -25.92
CA ALA A 720 24.02 12.71 -27.15
C ALA A 720 23.96 11.36 -27.85
N GLY A 721 24.30 11.37 -29.14
CA GLY A 721 24.23 10.16 -29.95
C GLY A 721 25.59 9.58 -30.32
N THR A 722 26.69 10.26 -29.94
CA THR A 722 27.99 9.83 -30.41
C THR A 722 28.99 9.99 -29.27
N ARG A 723 30.00 9.12 -29.25
CA ARG A 723 31.09 9.29 -28.29
C ARG A 723 31.82 10.60 -28.54
N GLU A 724 31.87 11.04 -29.80
CA GLU A 724 32.55 12.28 -30.14
C GLU A 724 31.92 13.45 -29.41
N ALA A 725 30.58 13.48 -29.37
CA ALA A 725 29.92 14.58 -28.70
C ALA A 725 30.26 14.60 -27.21
N ILE A 726 30.36 13.42 -26.58
CA ILE A 726 30.70 13.32 -25.16
C ILE A 726 32.09 13.92 -24.91
N ILE A 727 33.05 13.60 -25.77
CA ILE A 727 34.43 14.03 -25.56
C ILE A 727 34.62 15.50 -25.92
N GLU A 728 33.73 16.05 -26.74
CA GLU A 728 33.82 17.42 -27.20
C GLU A 728 33.13 18.45 -26.32
N GLN A 729 32.09 18.07 -25.55
CA GLN A 729 31.25 19.08 -24.89
C GLN A 729 31.97 19.75 -23.72
N ASP A 730 31.56 20.99 -23.42
CA ASP A 730 32.13 21.72 -22.30
C ASP A 730 31.61 21.19 -20.97
N SER A 731 32.54 20.89 -20.07
CA SER A 731 32.18 20.31 -18.77
C SER A 731 31.17 21.17 -18.03
N ASP A 732 31.23 22.48 -18.20
CA ASP A 732 30.38 23.36 -17.41
C ASP A 732 29.17 23.84 -18.18
N ARG A 733 29.00 23.40 -19.41
CA ARG A 733 27.94 23.87 -20.26
C ARG A 733 26.88 22.79 -20.41
N PRO A 734 25.59 23.12 -20.30
CA PRO A 734 24.55 22.13 -20.55
C PRO A 734 24.38 21.89 -22.05
N GLY A 735 23.91 20.69 -22.38
CA GLY A 735 23.60 20.38 -23.77
C GLY A 735 24.79 19.90 -24.59
N TYR A 736 24.59 19.93 -25.91
CA TYR A 736 25.59 19.50 -26.87
C TYR A 736 25.58 20.40 -28.09
N ASP A 737 25.03 21.61 -27.99
CA ASP A 737 24.87 22.48 -29.14
C ASP A 737 26.18 23.06 -29.63
N GLU A 738 27.24 23.00 -28.83
CA GLU A 738 28.55 23.45 -29.24
C GLU A 738 29.40 22.35 -29.86
N THR A 739 28.87 21.14 -29.99
CA THR A 739 29.61 20.03 -30.54
C THR A 739 29.24 19.85 -32.01
N GLU A 740 30.05 19.07 -32.71
CA GLU A 740 29.83 18.80 -34.14
C GLU A 740 28.61 17.89 -34.35
N ASP A 741 28.49 16.84 -33.55
CA ASP A 741 27.41 15.89 -33.73
C ASP A 741 26.13 16.34 -33.04
N GLY A 742 26.24 17.15 -32.01
CA GLY A 742 25.04 17.62 -31.38
C GLY A 742 24.31 16.54 -30.59
N ALA A 743 23.15 16.94 -30.10
CA ALA A 743 22.31 16.11 -29.24
C ALA A 743 21.47 15.11 -30.04
N LEU A 744 21.26 13.92 -29.44
CA LEU A 744 20.29 12.95 -29.96
C LEU A 744 18.87 13.27 -29.49
N TYR A 745 18.73 13.70 -28.23
CA TYR A 745 17.48 14.23 -27.69
C TYR A 745 17.82 15.45 -26.85
N PRO A 746 17.06 16.52 -26.98
CA PRO A 746 17.31 17.73 -26.19
C PRO A 746 16.58 17.72 -24.85
N PHE A 747 17.12 18.55 -23.94
CA PHE A 747 16.43 18.94 -22.72
C PHE A 747 15.00 19.36 -23.05
N GLY A 748 14.06 18.88 -22.25
CA GLY A 748 12.65 19.21 -22.45
C GLY A 748 11.92 18.27 -23.39
N TYR A 749 12.61 17.32 -24.02
CA TYR A 749 11.96 16.42 -24.96
C TYR A 749 11.24 15.27 -24.27
N GLY A 750 10.09 14.89 -24.83
CA GLY A 750 9.29 13.79 -24.32
C GLY A 750 8.00 13.63 -25.09
N LEU A 751 7.74 12.41 -25.61
CA LEU A 751 6.50 12.16 -26.33
C LEU A 751 5.38 11.74 -25.37
N THR A 752 4.16 11.68 -25.89
CA THR A 752 3.03 11.13 -25.16
C THR A 752 2.18 10.28 -26.10
N TYR A 753 1.22 9.58 -25.53
CA TYR A 753 0.24 8.88 -26.33
C TYR A 753 -0.75 9.88 -26.93
N GLU A 754 -1.08 9.66 -28.19
CA GLU A 754 -2.01 10.49 -28.93
C GLU A 754 -3.18 9.61 -29.31
N ASP A 755 -4.39 10.18 -29.28
CA ASP A 755 -5.62 9.42 -29.55
C ASP A 755 -5.96 8.47 -28.38
N GLU B 10 -8.46 -18.68 -32.53
CA GLU B 10 -9.64 -19.45 -32.13
C GLU B 10 -9.28 -20.47 -31.04
N GLN B 11 -8.09 -21.06 -31.13
CA GLN B 11 -7.62 -22.09 -30.20
C GLN B 11 -7.51 -21.52 -28.79
N PRO B 12 -8.33 -21.98 -27.84
CA PRO B 12 -8.20 -21.52 -26.45
C PRO B 12 -7.05 -22.21 -25.73
N GLU B 13 -6.47 -21.50 -24.77
CA GLU B 13 -5.37 -22.06 -23.99
C GLU B 13 -5.82 -23.32 -23.27
N LEU B 14 -4.98 -24.35 -23.32
CA LEU B 14 -5.24 -25.63 -22.66
C LEU B 14 -4.14 -25.95 -21.66
N GLU B 15 -4.55 -26.34 -20.45
CA GLU B 15 -3.66 -26.98 -19.51
C GLU B 15 -4.21 -28.35 -19.14
N ALA B 16 -3.32 -29.33 -19.10
CA ALA B 16 -3.66 -30.70 -18.73
C ALA B 16 -2.51 -31.26 -17.90
N ARG B 17 -2.79 -31.58 -16.65
CA ARG B 17 -1.77 -32.10 -15.76
C ARG B 17 -1.84 -33.60 -15.59
N VAL B 18 -2.87 -34.27 -16.13
CA VAL B 18 -2.97 -35.71 -15.99
C VAL B 18 -3.34 -36.35 -17.32
N LYS B 19 -4.43 -35.88 -17.92
CA LYS B 19 -4.85 -36.32 -19.25
C LYS B 19 -3.93 -35.71 -20.32
N GLU B 20 -4.07 -36.21 -21.56
CA GLU B 20 -3.23 -35.79 -22.67
C GLU B 20 -4.01 -34.91 -23.65
N ILE B 21 -3.26 -34.03 -24.35
CA ILE B 21 -3.78 -33.20 -25.43
C ILE B 21 -3.69 -34.00 -26.73
N ILE B 22 -4.70 -33.88 -27.59
CA ILE B 22 -4.75 -34.58 -28.86
C ILE B 22 -5.07 -33.59 -29.97
N GLU B 23 -4.34 -33.71 -31.09
CA GLU B 23 -4.58 -32.88 -32.26
C GLU B 23 -5.67 -33.51 -33.11
N VAL B 24 -6.60 -32.69 -33.57
CA VAL B 24 -7.62 -33.10 -34.54
C VAL B 24 -7.95 -31.89 -35.39
N ASP B 25 -8.11 -32.12 -36.70
CA ASP B 25 -8.41 -31.07 -37.68
C ASP B 25 -7.51 -29.84 -37.51
N GLY B 26 -6.24 -30.08 -37.14
CA GLY B 26 -5.29 -28.98 -36.96
C GLY B 26 -5.43 -28.24 -35.65
N TYR B 27 -6.30 -28.68 -34.75
CA TYR B 27 -6.60 -27.98 -33.51
C TYR B 27 -6.26 -28.90 -32.34
N GLN B 28 -6.18 -28.31 -31.14
CA GLN B 28 -5.80 -29.06 -29.95
C GLN B 28 -6.98 -29.23 -28.99
N PHE B 29 -7.01 -30.36 -28.29
CA PHE B 29 -8.13 -30.71 -27.42
C PHE B 29 -7.64 -31.57 -26.26
N ARG B 30 -8.35 -31.48 -25.13
CA ARG B 30 -8.04 -32.32 -23.98
C ARG B 30 -8.84 -33.62 -24.07
N ASP B 31 -8.14 -34.75 -24.06
CA ASP B 31 -8.80 -36.06 -24.14
C ASP B 31 -9.15 -36.50 -22.72
N LEU B 32 -10.33 -36.05 -22.26
CA LEU B 32 -10.65 -36.11 -20.84
C LEU B 32 -11.14 -37.47 -20.38
N ASN B 33 -11.80 -38.24 -21.25
CA ASN B 33 -12.16 -39.61 -20.87
C ASN B 33 -11.09 -40.62 -21.25
N ASP B 34 -10.00 -40.18 -21.90
CA ASP B 34 -8.79 -40.98 -22.10
C ASP B 34 -9.04 -42.21 -22.98
N ASN B 35 -9.87 -42.05 -24.02
CA ASN B 35 -10.02 -43.12 -24.99
C ASN B 35 -9.09 -42.94 -26.19
N GLY B 36 -8.58 -41.73 -26.42
CA GLY B 36 -7.65 -41.44 -27.50
C GLY B 36 -8.28 -40.82 -28.72
N GLU B 37 -9.59 -40.57 -28.68
CA GLU B 37 -10.31 -39.93 -29.76
C GLU B 37 -11.04 -38.74 -29.17
N LEU B 38 -11.62 -37.93 -30.04
CA LEU B 38 -12.20 -36.66 -29.64
C LEU B 38 -13.68 -36.88 -29.43
N ASP B 39 -14.12 -36.90 -28.15
CA ASP B 39 -15.54 -36.93 -27.89
C ASP B 39 -16.12 -35.54 -28.09
N PRO B 40 -17.41 -35.43 -28.49
CA PRO B 40 -18.02 -34.10 -28.63
C PRO B 40 -17.99 -33.22 -27.37
N TYR B 41 -18.01 -33.80 -26.16
CA TYR B 41 -17.94 -32.93 -24.98
C TYR B 41 -16.54 -32.35 -24.80
N GLU B 42 -15.51 -33.05 -25.30
CA GLU B 42 -14.16 -32.49 -25.27
C GLU B 42 -13.92 -31.50 -26.39
N ASP B 43 -14.83 -31.41 -27.35
CA ASP B 43 -14.65 -30.61 -28.56
C ASP B 43 -15.22 -29.22 -28.27
N TRP B 44 -14.33 -28.28 -27.96
CA TRP B 44 -14.74 -26.91 -27.65
C TRP B 44 -15.30 -26.16 -28.84
N ARG B 45 -15.32 -26.75 -30.03
CA ARG B 45 -15.87 -26.05 -31.20
C ARG B 45 -17.39 -26.10 -31.24
N LEU B 46 -18.02 -27.08 -30.60
CA LEU B 46 -19.45 -27.23 -30.65
C LEU B 46 -20.12 -26.31 -29.63
N PRO B 47 -21.39 -25.97 -29.85
CA PRO B 47 -22.14 -25.26 -28.80
C PRO B 47 -22.21 -26.12 -27.54
N THR B 48 -22.42 -25.46 -26.41
CA THR B 48 -22.39 -26.15 -25.12
C THR B 48 -23.47 -27.23 -24.95
N PRO B 49 -24.72 -26.99 -25.35
CA PRO B 49 -25.74 -28.06 -25.19
C PRO B 49 -25.33 -29.40 -25.82
N GLU B 50 -24.59 -29.39 -26.91
CA GLU B 50 -24.14 -30.66 -27.48
C GLU B 50 -22.92 -31.22 -26.76
N ARG B 51 -22.08 -30.35 -26.17
CA ARG B 51 -21.06 -30.88 -25.27
C ARG B 51 -21.71 -31.51 -24.06
N VAL B 52 -22.71 -30.83 -23.48
CA VAL B 52 -23.44 -31.39 -22.35
C VAL B 52 -24.10 -32.71 -22.72
N ALA B 53 -24.91 -32.68 -23.79
CA ALA B 53 -25.61 -33.88 -24.26
C ALA B 53 -24.67 -35.09 -24.34
N ASP B 54 -23.53 -34.93 -25.00
CA ASP B 54 -22.59 -36.03 -25.11
C ASP B 54 -22.06 -36.44 -23.75
N LEU B 55 -21.75 -35.47 -22.88
CA LEU B 55 -21.19 -35.79 -21.57
C LEU B 55 -22.20 -36.52 -20.70
N VAL B 56 -23.42 -35.96 -20.57
CA VAL B 56 -24.45 -36.62 -19.79
C VAL B 56 -24.75 -38.01 -20.34
N GLY B 57 -24.51 -38.22 -21.65
CA GLY B 57 -24.69 -39.54 -22.23
C GLY B 57 -23.71 -40.58 -21.73
N GLN B 58 -22.47 -40.16 -21.45
CA GLN B 58 -21.42 -41.08 -21.01
C GLN B 58 -21.38 -41.30 -19.51
N MET B 59 -22.23 -40.63 -18.74
CA MET B 59 -22.08 -40.63 -17.29
C MET B 59 -22.89 -41.77 -16.67
N SER B 60 -22.31 -42.41 -15.65
CA SER B 60 -23.10 -43.36 -14.88
C SER B 60 -24.05 -42.62 -13.96
N LEU B 61 -24.92 -43.39 -13.29
CA LEU B 61 -25.93 -42.75 -12.44
C LEU B 61 -25.30 -42.03 -11.25
N VAL B 62 -24.39 -42.72 -10.55
CA VAL B 62 -23.70 -42.10 -9.42
C VAL B 62 -22.86 -40.91 -9.88
N GLU B 63 -22.27 -40.99 -11.07
CA GLU B 63 -21.47 -39.86 -11.56
C GLU B 63 -22.33 -38.62 -11.72
N LYS B 64 -23.58 -38.78 -12.16
CA LYS B 64 -24.50 -37.66 -12.29
C LYS B 64 -25.04 -37.24 -10.93
N SER B 65 -25.28 -38.22 -10.06
CA SER B 65 -25.78 -37.84 -8.75
C SER B 65 -24.75 -37.08 -7.94
N GLY B 66 -23.45 -37.36 -8.15
CA GLY B 66 -22.39 -36.65 -7.44
C GLY B 66 -22.39 -35.16 -7.69
N LEU B 67 -22.82 -34.75 -8.89
CA LEU B 67 -22.93 -33.33 -9.18
C LEU B 67 -23.92 -32.62 -8.25
N MET B 68 -24.82 -33.36 -7.61
CA MET B 68 -25.88 -32.73 -6.85
C MET B 68 -25.48 -32.49 -5.40
N LEU B 69 -24.19 -32.56 -5.10
CA LEU B 69 -23.66 -32.29 -3.77
C LEU B 69 -22.63 -31.18 -3.84
N ILE B 70 -22.63 -30.31 -2.85
CA ILE B 70 -21.59 -29.30 -2.66
C ILE B 70 -21.28 -29.24 -1.18
N ASN B 71 -20.00 -29.36 -0.82
CA ASN B 71 -19.61 -29.44 0.58
C ASN B 71 -18.30 -28.71 0.80
N THR B 72 -18.04 -28.42 2.08
CA THR B 72 -16.81 -27.72 2.45
C THR B 72 -15.60 -28.56 2.09
N LEU B 73 -14.67 -27.95 1.38
CA LEU B 73 -13.38 -28.59 1.10
C LEU B 73 -12.28 -27.55 1.31
N ASN B 74 -11.66 -27.55 2.50
CA ASN B 74 -10.73 -26.50 2.88
C ASN B 74 -9.28 -26.92 2.61
N ALA B 75 -8.42 -25.94 2.31
CA ALA B 75 -6.99 -26.21 2.30
C ALA B 75 -6.54 -26.70 3.67
N ALA B 76 -5.56 -27.59 3.68
CA ALA B 76 -5.03 -28.18 4.89
C ALA B 76 -3.54 -27.87 4.98
N CYS B 77 -2.89 -28.37 6.02
CA CYS B 77 -1.45 -28.17 6.17
C CYS B 77 -0.78 -29.50 6.49
N ASP B 78 0.42 -29.69 5.94
CA ASP B 78 1.21 -30.85 6.26
C ASP B 78 2.27 -30.44 7.27
N PRO B 79 2.27 -31.05 8.44
CA PRO B 79 3.24 -30.66 9.47
C PRO B 79 4.64 -31.10 9.17
N GLN B 80 4.82 -32.14 8.34
CA GLN B 80 6.16 -32.64 8.12
C GLN B 80 6.93 -31.85 7.08
N THR B 81 6.24 -31.13 6.19
CA THR B 81 6.92 -30.27 5.22
C THR B 81 6.68 -28.81 5.48
N GLY B 82 5.83 -28.45 6.43
CA GLY B 82 5.44 -27.07 6.55
C GLY B 82 4.62 -26.55 5.39
N GLU B 83 4.08 -27.42 4.52
CA GLU B 83 3.32 -26.91 3.40
C GLU B 83 1.89 -26.62 3.87
N PHE B 84 1.45 -25.37 3.61
CA PHE B 84 0.07 -24.98 3.74
C PHE B 84 -0.57 -25.02 2.34
N GLY B 85 -1.77 -25.58 2.27
CA GLY B 85 -2.43 -25.74 1.01
C GLY B 85 -2.34 -27.12 0.41
N VAL B 86 -2.33 -28.16 1.23
CA VAL B 86 -2.41 -29.51 0.75
C VAL B 86 -3.87 -29.95 0.81
N LEU B 87 -4.15 -31.11 0.25
CA LEU B 87 -5.52 -31.58 0.23
C LEU B 87 -5.94 -32.05 1.61
N PRO B 88 -7.19 -31.84 1.99
CA PRO B 88 -7.66 -32.30 3.30
C PRO B 88 -7.99 -33.80 3.26
N ALA B 89 -8.37 -34.32 4.43
CA ALA B 89 -8.57 -35.76 4.57
C ALA B 89 -9.68 -36.27 3.67
N GLN B 90 -10.79 -35.53 3.56
CA GLN B 90 -11.94 -36.00 2.80
C GLN B 90 -11.85 -35.69 1.31
N ALA B 91 -10.72 -35.16 0.83
CA ALA B 91 -10.64 -34.80 -0.60
C ALA B 91 -10.82 -36.02 -1.48
N ASP B 92 -10.13 -37.11 -1.11
CA ASP B 92 -10.24 -38.35 -1.88
C ASP B 92 -11.66 -38.90 -1.83
N ASN B 93 -12.27 -38.93 -0.64
CA ASN B 93 -13.63 -39.47 -0.55
C ASN B 93 -14.62 -38.63 -1.36
N TYR B 94 -14.53 -37.31 -1.24
CA TYR B 94 -15.47 -36.45 -1.95
C TYR B 94 -15.35 -36.57 -3.46
N ILE B 95 -14.14 -36.74 -3.96
CA ILE B 95 -13.94 -36.67 -5.41
C ILE B 95 -14.09 -38.02 -6.07
N ASN B 96 -13.53 -39.07 -5.47
CA ASN B 96 -13.46 -40.37 -6.12
C ASN B 96 -14.49 -41.36 -5.62
N THR B 97 -15.05 -41.15 -4.42
CA THR B 97 -16.13 -41.96 -3.88
C THR B 97 -17.50 -41.30 -4.04
N GLN B 98 -17.62 -40.03 -3.74
CA GLN B 98 -18.89 -39.33 -3.89
C GLN B 98 -19.05 -38.65 -5.23
N HIS B 99 -17.96 -38.52 -5.99
CA HIS B 99 -17.98 -37.94 -7.35
C HIS B 99 -18.40 -36.48 -7.36
N MET B 100 -17.89 -35.69 -6.39
CA MET B 100 -18.27 -34.29 -6.27
C MET B 100 -17.40 -33.40 -7.16
N HIS B 101 -17.98 -32.28 -7.59
CA HIS B 101 -17.25 -31.31 -8.40
C HIS B 101 -17.46 -29.88 -7.96
N ARG B 102 -18.23 -29.65 -6.89
CA ARG B 102 -18.49 -28.33 -6.36
C ARG B 102 -18.07 -28.36 -4.90
N PHE B 103 -17.30 -27.34 -4.49
CA PHE B 103 -16.78 -27.28 -3.14
C PHE B 103 -16.85 -25.85 -2.64
N VAL B 104 -16.86 -25.73 -1.32
CA VAL B 104 -16.87 -24.44 -0.64
C VAL B 104 -15.51 -24.27 0.04
N PHE B 105 -14.85 -23.17 -0.26
CA PHE B 105 -13.50 -22.87 0.22
C PHE B 105 -13.62 -21.83 1.32
N ARG B 106 -13.24 -22.18 2.54
CA ARG B 106 -13.53 -21.31 3.67
C ARG B 106 -12.30 -20.77 4.38
N ASN B 107 -11.11 -21.18 4.00
CA ASN B 107 -9.90 -20.68 4.64
C ASN B 107 -9.81 -19.18 4.50
N VAL B 108 -9.27 -18.53 5.52
CA VAL B 108 -8.85 -17.15 5.38
C VAL B 108 -7.62 -17.12 4.47
N VAL B 109 -7.61 -16.21 3.51
CA VAL B 109 -6.46 -15.98 2.65
C VAL B 109 -5.73 -14.75 3.21
N ASP B 110 -4.51 -14.96 3.70
CA ASP B 110 -3.72 -13.88 4.30
C ASP B 110 -2.27 -14.35 4.43
N VAL B 111 -1.40 -13.43 4.85
CA VAL B 111 -0.04 -13.78 5.23
C VAL B 111 -0.04 -14.13 6.71
N ARG B 112 0.50 -15.30 7.05
CA ARG B 112 0.50 -15.75 8.43
C ARG B 112 1.55 -15.02 9.26
N ALA B 113 1.21 -14.71 10.50
CA ALA B 113 2.17 -14.12 11.41
C ALA B 113 3.37 -15.03 11.62
N GLU B 114 4.51 -14.40 11.87
CA GLU B 114 5.69 -15.15 12.29
C GLU B 114 5.41 -16.05 13.49
N GLY B 115 5.98 -17.27 13.43
CA GLY B 115 5.82 -18.23 14.50
C GLY B 115 4.66 -19.18 14.31
N VAL B 116 3.79 -18.95 13.33
CA VAL B 116 2.56 -19.73 13.15
C VAL B 116 2.93 -20.95 12.33
N GLU B 117 2.81 -22.12 12.94
CA GLU B 117 3.00 -23.40 12.27
C GLU B 117 1.67 -24.12 12.13
N CYS B 118 1.75 -25.31 11.55
CA CYS B 118 0.59 -26.21 11.42
C CYS B 118 0.16 -26.79 12.76
N THR B 119 -1.11 -26.58 13.15
CA THR B 119 -1.62 -27.06 14.43
C THR B 119 -2.34 -28.41 14.32
N GLY B 120 -2.78 -28.78 13.12
CA GLY B 120 -3.42 -30.07 12.88
C GLY B 120 -4.93 -30.08 13.08
N THR B 121 -5.51 -28.98 13.55
CA THR B 121 -6.95 -28.81 13.71
C THR B 121 -7.30 -27.41 13.19
N GLY B 122 -8.60 -27.11 13.08
CA GLY B 122 -8.96 -25.79 12.61
C GLY B 122 -8.71 -25.56 11.13
N THR B 123 -9.19 -24.44 10.60
CA THR B 123 -8.98 -24.08 9.20
C THR B 123 -7.77 -23.15 9.09
N PRO B 124 -6.65 -23.59 8.53
CA PRO B 124 -5.44 -22.75 8.53
C PRO B 124 -5.57 -21.60 7.56
N VAL B 125 -4.88 -20.50 7.90
CA VAL B 125 -4.72 -19.38 6.99
C VAL B 125 -3.74 -19.76 5.89
N VAL B 126 -4.03 -19.33 4.67
CA VAL B 126 -3.17 -19.63 3.53
C VAL B 126 -2.86 -18.36 2.77
N SER B 127 -1.69 -18.33 2.15
CA SER B 127 -1.32 -17.24 1.25
C SER B 127 -2.07 -17.36 -0.08
N PRO B 128 -2.18 -16.25 -0.81
CA PRO B 128 -2.74 -16.32 -2.18
C PRO B 128 -2.10 -17.40 -3.04
N ALA B 129 -0.78 -17.49 -3.03
CA ALA B 129 -0.12 -18.54 -3.79
C ALA B 129 -0.51 -19.92 -3.29
N GLU B 130 -0.55 -20.10 -1.97
CA GLU B 130 -0.93 -21.40 -1.40
C GLU B 130 -2.38 -21.75 -1.75
N ALA B 131 -3.26 -20.76 -1.72
CA ALA B 131 -4.66 -21.02 -2.03
C ALA B 131 -4.81 -21.50 -3.47
N ALA B 132 -4.08 -20.90 -4.41
CA ALA B 132 -4.15 -21.32 -5.80
C ALA B 132 -3.51 -22.69 -5.98
N THR B 133 -2.45 -22.96 -5.21
CA THR B 133 -1.85 -24.30 -5.24
C THR B 133 -2.86 -25.36 -4.81
N PHE B 134 -3.56 -25.09 -3.70
CA PHE B 134 -4.60 -25.99 -3.22
C PHE B 134 -5.68 -26.23 -4.28
N THR B 135 -6.28 -25.15 -4.83
CA THR B 135 -7.36 -25.32 -5.80
C THR B 135 -6.88 -26.02 -7.07
N ASN B 136 -5.64 -25.77 -7.46
CA ASN B 136 -5.02 -26.51 -8.55
C ASN B 136 -4.95 -27.98 -8.22
N ALA B 137 -4.52 -28.28 -7.00
CA ALA B 137 -4.40 -29.66 -6.57
C ALA B 137 -5.76 -30.36 -6.58
N VAL B 138 -6.84 -29.62 -6.30
CA VAL B 138 -8.16 -30.22 -6.41
C VAL B 138 -8.50 -30.43 -7.88
N GLN B 139 -8.24 -29.42 -8.72
CA GLN B 139 -8.49 -29.58 -10.15
C GLN B 139 -7.67 -30.72 -10.73
N GLU B 140 -6.46 -30.92 -10.22
CA GLU B 140 -5.64 -32.03 -10.71
C GLU B 140 -6.28 -33.37 -10.38
N MET B 141 -6.90 -33.48 -9.21
CA MET B 141 -7.58 -34.70 -8.84
C MET B 141 -8.90 -34.86 -9.58
N SER B 142 -9.60 -33.75 -9.83
CA SER B 142 -10.76 -33.76 -10.69
C SER B 142 -10.41 -34.31 -12.07
N GLU B 143 -9.37 -33.77 -12.69
CA GLU B 143 -9.00 -34.21 -14.03
C GLU B 143 -8.63 -35.69 -14.04
N ALA B 144 -8.08 -36.20 -12.94
CA ALA B 144 -7.76 -37.61 -12.90
C ALA B 144 -8.98 -38.53 -12.79
N THR B 145 -10.19 -38.00 -12.65
CA THR B 145 -11.34 -38.90 -12.62
C THR B 145 -11.69 -39.39 -14.02
N ARG B 146 -12.59 -40.38 -14.06
CA ARG B 146 -12.86 -41.11 -15.29
C ARG B 146 -13.06 -40.19 -16.49
N LEU B 147 -13.96 -39.20 -16.37
CA LEU B 147 -14.22 -38.28 -17.48
C LEU B 147 -13.56 -36.90 -17.28
N GLY B 148 -12.74 -36.73 -16.25
CA GLY B 148 -11.99 -35.48 -16.11
C GLY B 148 -12.85 -34.24 -16.09
N ILE B 149 -14.05 -34.33 -15.53
CA ILE B 149 -14.87 -33.13 -15.36
C ILE B 149 -14.20 -32.21 -14.34
N PRO B 150 -14.10 -30.90 -14.57
CA PRO B 150 -13.43 -30.02 -13.61
C PRO B 150 -14.34 -29.67 -12.42
N SER B 151 -13.74 -28.98 -11.45
CA SER B 151 -14.42 -28.55 -10.25
C SER B 151 -14.63 -27.04 -10.21
N LEU B 152 -15.66 -26.64 -9.45
CA LEU B 152 -15.94 -25.25 -9.15
C LEU B 152 -15.86 -25.05 -7.64
N PHE B 153 -15.14 -24.02 -7.22
CA PHE B 153 -15.13 -23.64 -5.80
C PHE B 153 -16.03 -22.44 -5.58
N LYS B 154 -16.81 -22.48 -4.51
CA LYS B 154 -17.52 -21.27 -4.10
C LYS B 154 -17.03 -20.83 -2.72
N SER B 155 -17.36 -19.61 -2.37
CA SER B 155 -16.97 -19.06 -1.08
C SER B 155 -17.88 -17.90 -0.76
N ASN B 156 -18.02 -17.63 0.53
CA ASN B 156 -18.68 -16.40 0.98
C ASN B 156 -17.79 -15.20 0.71
N ALA B 157 -18.33 -14.01 0.99
CA ALA B 157 -17.61 -12.77 0.70
C ALA B 157 -16.29 -12.72 1.46
N ARG B 158 -15.29 -12.06 0.85
CA ARG B 158 -13.98 -11.95 1.47
C ARG B 158 -13.38 -10.55 1.43
N ASN B 159 -14.01 -9.58 0.77
CA ASN B 159 -13.38 -8.29 0.45
C ASN B 159 -13.83 -7.17 1.37
N HIS B 160 -14.38 -7.48 2.54
CA HIS B 160 -14.96 -6.48 3.42
C HIS B 160 -14.28 -6.50 4.77
N ILE B 161 -14.18 -5.31 5.37
CA ILE B 161 -13.60 -5.16 6.70
C ILE B 161 -14.58 -5.67 7.75
N ASP B 162 -14.07 -6.49 8.68
CA ASP B 162 -14.80 -6.92 9.87
C ASP B 162 -14.44 -6.01 11.04
N PRO B 163 -15.27 -5.00 11.38
CA PRO B 163 -14.96 -4.21 12.59
C PRO B 163 -15.20 -5.00 13.90
N ALA B 172 -2.70 -5.85 4.30
CA ALA B 172 -2.46 -5.12 3.05
C ALA B 172 -2.38 -6.09 1.83
N ALA B 173 -1.16 -6.35 1.35
CA ALA B 173 -0.96 -7.31 0.27
C ALA B 173 -0.81 -8.71 0.85
N GLY B 174 -1.34 -9.71 0.13
CA GLY B 174 -1.55 -11.03 0.72
C GLY B 174 -3.00 -11.33 1.05
N ALA B 175 -3.68 -10.43 1.76
CA ALA B 175 -5.10 -10.56 2.00
C ALA B 175 -5.85 -9.88 0.87
N PHE B 176 -7.12 -10.24 0.73
CA PHE B 176 -7.94 -9.59 -0.27
C PHE B 176 -8.09 -8.12 0.07
N SER B 177 -8.17 -7.29 -0.97
CA SER B 177 -8.33 -5.84 -0.78
C SER B 177 -9.60 -5.54 -0.02
N ALA B 178 -9.48 -4.61 0.94
CA ALA B 178 -10.46 -4.32 1.98
C ALA B 178 -11.39 -3.18 1.58
N PHE B 179 -12.69 -3.46 1.59
CA PHE B 179 -13.74 -2.49 1.33
C PHE B 179 -14.66 -2.41 2.54
N PRO B 180 -15.48 -1.36 2.62
CA PRO B 180 -16.52 -1.35 3.66
C PRO B 180 -17.49 -2.51 3.45
N LYS B 181 -18.30 -2.78 4.47
CA LYS B 181 -19.31 -3.83 4.35
C LYS B 181 -20.28 -3.49 3.23
N GLU B 182 -21.17 -4.45 2.93
CA GLU B 182 -22.07 -4.28 1.79
C GLU B 182 -22.84 -2.98 1.89
N ALA B 183 -23.38 -2.68 3.07
CA ALA B 183 -24.18 -1.47 3.24
C ALA B 183 -23.33 -0.22 3.08
N GLY B 184 -22.05 -0.30 3.45
CA GLY B 184 -21.16 0.80 3.17
C GLY B 184 -21.01 1.04 1.68
N ILE B 185 -21.02 -0.04 0.89
CA ILE B 185 -20.88 0.13 -0.55
C ILE B 185 -22.12 0.79 -1.13
N ALA B 186 -23.31 0.42 -0.65
CA ALA B 186 -24.51 1.15 -1.04
C ALA B 186 -24.45 2.59 -0.57
N ALA B 187 -24.03 2.83 0.69
CA ALA B 187 -23.89 4.19 1.20
C ALA B 187 -23.01 5.05 0.31
N ALA B 188 -21.88 4.51 -0.15
CA ALA B 188 -21.02 5.25 -1.07
C ALA B 188 -21.71 5.45 -2.42
N ALA B 189 -22.47 4.46 -2.89
CA ALA B 189 -23.15 4.63 -4.17
C ALA B 189 -24.13 5.78 -4.14
N LEU B 190 -25.01 5.80 -3.13
CA LEU B 190 -25.98 6.89 -3.00
C LEU B 190 -25.26 8.23 -2.87
N GLY B 191 -24.19 8.28 -2.08
CA GLY B 191 -23.45 9.52 -1.90
C GLY B 191 -22.90 10.08 -3.20
N GLU B 192 -22.40 9.21 -4.08
CA GLU B 192 -21.81 9.66 -5.33
C GLU B 192 -22.88 10.10 -6.34
N GLN B 193 -24.01 9.41 -6.39
CA GLN B 193 -25.14 9.89 -7.17
C GLN B 193 -25.64 11.24 -6.64
N ALA B 194 -25.81 11.35 -5.31
CA ALA B 194 -26.31 12.58 -4.71
C ALA B 194 -25.34 13.73 -4.93
N ARG B 195 -24.03 13.44 -4.91
CA ARG B 195 -23.06 14.48 -5.11
C ARG B 195 -22.91 14.86 -6.58
N ARG B 196 -23.73 14.29 -7.48
CA ARG B 196 -23.75 14.80 -8.85
C ARG B 196 -25.19 15.27 -9.12
N THR B 197 -26.15 14.33 -9.01
CA THR B 197 -27.59 14.40 -9.30
C THR B 197 -28.44 15.08 -8.19
N GLY B 198 -27.90 15.40 -7.01
CA GLY B 198 -28.74 15.99 -5.93
C GLY B 198 -29.76 15.07 -5.31
N GLU B 199 -29.54 13.77 -5.54
CA GLU B 199 -30.29 12.52 -5.28
C GLU B 199 -29.62 11.33 -4.65
N ALA B 200 -30.49 10.64 -3.92
CA ALA B 200 -30.25 9.28 -3.43
C ALA B 200 -31.51 8.48 -3.79
N THR B 201 -31.51 7.92 -5.00
CA THR B 201 -32.53 6.96 -5.45
C THR B 201 -31.90 5.59 -5.70
N THR B 202 -31.07 5.50 -6.75
CA THR B 202 -30.53 4.26 -7.27
C THR B 202 -29.03 4.21 -7.21
N GLY B 203 -28.37 5.29 -6.86
CA GLY B 203 -26.94 5.30 -6.66
C GLY B 203 -26.17 5.32 -7.96
N ASP B 204 -24.89 5.69 -7.85
CA ASP B 204 -23.97 5.64 -8.96
C ASP B 204 -23.30 4.25 -8.94
N MET B 205 -23.75 3.37 -9.84
CA MET B 205 -23.24 2.01 -9.85
C MET B 205 -21.78 1.92 -10.28
N SER B 206 -21.14 3.02 -10.66
CA SER B 206 -19.72 2.96 -10.96
C SER B 206 -18.91 2.61 -9.71
N VAL B 207 -19.36 3.02 -8.53
CA VAL B 207 -18.68 2.60 -7.31
C VAL B 207 -18.85 1.10 -7.11
N VAL B 208 -20.05 0.57 -7.39
CA VAL B 208 -20.28 -0.88 -7.26
C VAL B 208 -19.43 -1.63 -8.27
N ALA B 209 -19.43 -1.18 -9.54
CA ALA B 209 -18.60 -1.77 -10.58
C ALA B 209 -17.12 -1.74 -10.22
N ASP B 210 -16.64 -0.65 -9.61
CA ASP B 210 -15.23 -0.55 -9.24
C ASP B 210 -14.86 -1.55 -8.16
N PHE B 211 -15.77 -1.79 -7.20
CA PHE B 211 -15.54 -2.81 -6.18
C PHE B 211 -15.48 -4.21 -6.79
N ALA B 212 -16.47 -4.54 -7.63
CA ALA B 212 -16.57 -5.88 -8.19
C ALA B 212 -15.46 -6.18 -9.18
N ASP B 213 -14.88 -5.16 -9.81
CA ASP B 213 -13.75 -5.41 -10.70
C ASP B 213 -12.53 -5.85 -9.91
N VAL B 214 -12.32 -5.28 -8.72
CA VAL B 214 -11.21 -5.74 -7.90
C VAL B 214 -11.49 -7.14 -7.37
N MET B 215 -12.70 -7.38 -6.87
CA MET B 215 -12.98 -8.70 -6.32
C MET B 215 -12.87 -9.79 -7.39
N GLY B 216 -13.43 -9.52 -8.57
CA GLY B 216 -13.34 -10.50 -9.64
C GLY B 216 -11.91 -10.87 -9.96
N GLU B 217 -11.04 -9.88 -10.16
CA GLU B 217 -9.66 -10.18 -10.53
C GLU B 217 -8.93 -10.94 -9.44
N GLU B 218 -9.08 -10.53 -8.18
CA GLU B 218 -8.39 -11.23 -7.09
C GLU B 218 -8.94 -12.64 -6.92
N TRP B 219 -10.27 -12.79 -6.94
CA TRP B 219 -10.88 -14.11 -6.77
C TRP B 219 -10.45 -15.09 -7.85
N ALA B 220 -10.51 -14.67 -9.11
CA ALA B 220 -10.17 -15.56 -10.21
C ALA B 220 -8.70 -15.97 -10.15
N SER B 221 -7.84 -15.09 -9.67
CA SER B 221 -6.43 -15.42 -9.63
C SER B 221 -6.12 -16.60 -8.72
N ILE B 222 -6.94 -16.90 -7.72
CA ILE B 222 -6.68 -18.08 -6.89
C ILE B 222 -7.56 -19.25 -7.31
N GLY B 223 -8.21 -19.16 -8.46
CA GLY B 223 -9.00 -20.27 -8.98
C GLY B 223 -10.29 -20.49 -8.22
N LEU B 224 -10.83 -19.42 -7.66
CA LEU B 224 -12.05 -19.38 -6.87
C LEU B 224 -13.07 -18.67 -7.75
N ARG B 225 -13.79 -19.43 -8.58
CA ARG B 225 -14.59 -18.86 -9.65
C ARG B 225 -16.07 -18.78 -9.31
N GLY B 226 -16.46 -19.05 -8.06
CA GLY B 226 -17.85 -19.03 -7.67
C GLY B 226 -18.03 -18.47 -6.28
N MET B 227 -19.25 -17.98 -6.04
CA MET B 227 -19.57 -17.30 -4.78
C MET B 227 -20.89 -17.79 -4.23
N TYR B 228 -20.96 -18.00 -2.90
CA TYR B 228 -22.24 -18.01 -2.18
C TYR B 228 -22.63 -16.56 -1.92
N GLY B 229 -23.31 -15.94 -2.88
CA GLY B 229 -23.73 -14.55 -2.79
C GLY B 229 -23.61 -13.86 -4.13
N TYR B 230 -23.74 -12.54 -4.14
CA TYR B 230 -24.02 -11.74 -2.95
C TYR B 230 -25.45 -11.87 -2.47
N MET B 231 -25.73 -11.16 -1.37
CA MET B 231 -27.04 -11.16 -0.74
C MET B 231 -27.91 -10.07 -1.35
N ALA B 232 -29.05 -10.47 -1.90
CA ALA B 232 -30.07 -9.54 -2.37
C ALA B 232 -31.14 -9.27 -1.32
N ASP B 233 -31.03 -9.87 -0.13
CA ASP B 233 -32.00 -9.64 0.92
C ASP B 233 -32.03 -8.17 1.28
N LEU B 234 -33.21 -7.70 1.65
CA LEU B 234 -33.40 -6.31 2.01
C LEU B 234 -33.49 -6.20 3.52
N SER B 235 -32.87 -5.16 4.07
CA SER B 235 -32.81 -4.97 5.52
C SER B 235 -34.06 -4.23 6.01
N THR B 236 -35.22 -4.81 5.71
CA THR B 236 -36.47 -4.20 6.09
C THR B 236 -36.90 -4.58 7.50
N GLU B 237 -36.26 -5.57 8.10
CA GLU B 237 -36.49 -5.92 9.49
C GLU B 237 -35.20 -5.65 10.26
N PRO B 238 -35.10 -4.54 10.99
CA PRO B 238 -33.82 -4.21 11.63
C PRO B 238 -33.40 -5.19 12.72
N ARG B 239 -34.30 -6.04 13.20
CA ARG B 239 -33.93 -7.01 14.24
C ARG B 239 -33.27 -8.25 13.68
N TRP B 240 -33.13 -8.36 12.35
CA TRP B 240 -32.49 -9.50 11.73
C TRP B 240 -30.97 -9.34 11.84
N TYR B 241 -30.30 -10.25 12.54
CA TYR B 241 -28.87 -10.09 12.72
C TYR B 241 -28.12 -10.02 11.39
N ARG B 242 -28.66 -10.58 10.30
CA ARG B 242 -27.99 -10.62 9.01
C ARG B 242 -28.10 -9.31 8.23
N THR B 243 -28.69 -8.27 8.80
CA THR B 243 -28.59 -6.96 8.15
C THR B 243 -27.15 -6.49 8.04
N HIS B 244 -26.21 -7.16 8.70
CA HIS B 244 -24.81 -6.73 8.62
C HIS B 244 -24.21 -7.00 7.25
N GLU B 245 -24.80 -7.91 6.47
CA GLU B 245 -24.31 -8.23 5.14
C GLU B 245 -25.33 -7.87 4.06
N THR B 246 -26.33 -7.05 4.38
CA THR B 246 -27.24 -6.56 3.35
C THR B 246 -26.71 -5.25 2.77
N PHE B 247 -27.15 -4.95 1.54
CA PHE B 247 -26.78 -3.66 0.94
C PHE B 247 -27.73 -2.54 1.37
N THR B 248 -29.03 -2.79 1.36
CA THR B 248 -30.00 -1.73 1.64
C THR B 248 -31.33 -2.33 2.03
N GLU B 249 -32.23 -1.47 2.51
CA GLU B 249 -33.61 -1.84 2.71
C GLU B 249 -34.47 -1.62 1.48
N ASP B 250 -33.96 -0.85 0.52
CA ASP B 250 -34.74 -0.40 -0.64
C ASP B 250 -34.60 -1.42 -1.76
N ALA B 251 -35.72 -1.93 -2.26
CA ALA B 251 -35.68 -2.97 -3.29
C ALA B 251 -35.07 -2.45 -4.58
N TYR B 252 -35.38 -1.21 -4.95
CA TYR B 252 -34.95 -0.71 -6.25
C TYR B 252 -33.45 -0.43 -6.31
N LEU B 253 -32.85 -0.01 -5.19
CA LEU B 253 -31.40 0.14 -5.15
C LEU B 253 -30.71 -1.23 -5.16
N ALA B 254 -31.27 -2.19 -4.42
CA ALA B 254 -30.78 -3.57 -4.44
C ALA B 254 -30.82 -4.13 -5.86
N ALA B 255 -31.97 -4.03 -6.51
CA ALA B 255 -32.08 -4.47 -7.89
C ALA B 255 -30.96 -3.89 -8.76
N GLU B 256 -30.70 -2.59 -8.63
CA GLU B 256 -29.67 -1.97 -9.45
C GLU B 256 -28.29 -2.48 -9.06
N ILE B 257 -28.07 -2.73 -7.77
CA ILE B 257 -26.74 -3.18 -7.34
C ILE B 257 -26.50 -4.61 -7.76
N MET B 258 -27.54 -5.47 -7.69
CA MET B 258 -27.41 -6.84 -8.17
C MET B 258 -27.11 -6.88 -9.67
N GLU B 259 -27.81 -6.06 -10.46
CA GLU B 259 -27.51 -5.94 -11.89
C GLU B 259 -26.01 -5.68 -12.12
N THR B 260 -25.47 -4.67 -11.45
CA THR B 260 -24.06 -4.33 -11.66
C THR B 260 -23.14 -5.46 -11.25
N LEU B 261 -23.45 -6.14 -10.14
CA LEU B 261 -22.60 -7.23 -9.68
C LEU B 261 -22.55 -8.34 -10.72
N VAL B 262 -23.71 -8.75 -11.21
CA VAL B 262 -23.76 -9.81 -12.20
C VAL B 262 -23.05 -9.36 -13.47
N GLN B 263 -23.28 -8.11 -13.86
CA GLN B 263 -22.62 -7.54 -15.04
C GLN B 263 -21.10 -7.56 -14.89
N THR B 264 -20.60 -7.14 -13.74
CA THR B 264 -19.17 -6.92 -13.58
C THR B 264 -18.42 -8.20 -13.24
N LEU B 265 -19.04 -9.09 -12.48
CA LEU B 265 -18.35 -10.30 -12.03
C LEU B 265 -18.54 -11.45 -12.99
N GLN B 266 -19.70 -11.56 -13.63
CA GLN B 266 -19.92 -12.61 -14.61
C GLN B 266 -19.70 -12.14 -16.03
N GLY B 267 -19.95 -10.85 -16.30
CA GLY B 267 -19.83 -10.28 -17.64
C GLY B 267 -21.21 -10.12 -18.26
N GLU B 268 -21.25 -9.55 -19.43
CA GLU B 268 -22.48 -9.49 -20.24
C GLU B 268 -22.65 -10.28 -21.52
N GLU B 269 -21.71 -11.11 -21.84
CA GLU B 269 -21.92 -12.17 -22.81
C GLU B 269 -22.98 -13.14 -22.29
N LEU B 270 -24.21 -13.05 -22.84
CA LEU B 270 -25.30 -13.97 -22.53
C LEU B 270 -25.20 -15.13 -23.50
N THR B 271 -25.44 -16.32 -22.99
CA THR B 271 -25.58 -17.48 -23.87
C THR B 271 -26.94 -17.37 -24.54
N ASP B 272 -27.25 -18.33 -25.39
CA ASP B 272 -28.59 -18.36 -25.94
C ASP B 272 -29.57 -18.80 -24.90
N ASN B 273 -29.10 -19.45 -23.83
CA ASN B 273 -29.95 -19.70 -22.67
C ASN B 273 -30.08 -18.50 -21.74
N GLY B 274 -29.35 -17.41 -21.97
CA GLY B 274 -29.56 -16.22 -21.19
C GLY B 274 -28.76 -16.13 -19.92
N LEU B 275 -27.66 -16.87 -19.81
CA LEU B 275 -26.80 -16.84 -18.64
C LEU B 275 -25.52 -16.12 -19.00
N ALA B 276 -25.08 -15.20 -18.14
CA ALA B 276 -23.87 -14.42 -18.40
C ALA B 276 -22.65 -15.26 -18.04
N LEU B 277 -22.31 -16.19 -18.93
CA LEU B 277 -21.22 -17.13 -18.71
C LEU B 277 -20.38 -17.25 -19.96
N SER B 278 -19.11 -16.86 -19.84
CA SER B 278 -18.10 -16.87 -20.89
C SER B 278 -16.75 -17.18 -20.25
N PRO B 279 -15.71 -17.45 -21.02
CA PRO B 279 -14.37 -17.55 -20.43
C PRO B 279 -13.90 -16.31 -19.69
N GLN B 280 -14.53 -15.16 -19.91
CA GLN B 280 -14.21 -13.95 -19.16
C GLN B 280 -15.05 -13.80 -17.89
N THR B 281 -15.84 -14.82 -17.54
CA THR B 281 -16.53 -14.81 -16.26
C THR B 281 -15.52 -15.08 -15.14
N ARG B 282 -15.28 -14.06 -14.32
CA ARG B 282 -14.35 -14.23 -13.22
C ARG B 282 -15.00 -14.97 -12.05
N VAL B 283 -16.22 -14.57 -11.65
CA VAL B 283 -16.93 -15.25 -10.56
C VAL B 283 -18.40 -15.43 -10.93
N ALA B 284 -18.84 -16.67 -10.95
CA ALA B 284 -20.26 -16.98 -11.06
C ALA B 284 -20.95 -16.76 -9.71
N LEU B 285 -22.05 -16.04 -9.72
CA LEU B 285 -22.78 -15.73 -8.50
C LEU B 285 -23.88 -16.76 -8.24
N THR B 286 -24.01 -17.13 -6.99
CA THR B 286 -25.15 -17.89 -6.48
C THR B 286 -25.89 -16.94 -5.55
N LEU B 287 -26.85 -16.20 -6.11
CA LEU B 287 -27.52 -15.17 -5.33
C LEU B 287 -28.33 -15.78 -4.20
N LYS B 288 -28.35 -15.05 -3.09
CA LYS B 288 -29.04 -15.52 -1.89
C LYS B 288 -29.75 -14.34 -1.25
N HIS B 289 -30.76 -14.62 -0.44
CA HIS B 289 -31.38 -15.94 -0.35
C HIS B 289 -32.82 -15.89 -0.93
N PHE B 290 -33.02 -16.49 -2.10
CA PHE B 290 -34.29 -16.36 -2.82
C PHE B 290 -35.44 -16.94 -1.99
N PRO B 291 -36.63 -16.29 -1.98
CA PRO B 291 -37.04 -15.07 -2.70
C PRO B 291 -36.73 -13.75 -2.00
N GLY B 292 -35.96 -13.80 -0.92
CA GLY B 292 -35.68 -12.60 -0.16
C GLY B 292 -35.70 -12.94 1.31
N GLY B 293 -34.52 -12.92 1.94
CA GLY B 293 -34.40 -13.34 3.32
C GLY B 293 -34.76 -12.29 4.35
N GLY B 294 -35.01 -11.05 3.93
CA GLY B 294 -35.26 -9.92 4.80
C GLY B 294 -36.36 -10.00 5.85
N PRO B 295 -37.59 -10.35 5.45
CA PRO B 295 -38.73 -10.08 6.36
C PRO B 295 -38.94 -11.15 7.42
N GLN B 296 -38.00 -11.25 8.34
CA GLN B 296 -38.05 -12.27 9.38
C GLN B 296 -38.96 -11.84 10.51
N GLU B 297 -39.84 -12.72 10.94
CA GLU B 297 -40.77 -12.41 12.01
C GLU B 297 -40.02 -12.20 13.31
N LEU B 298 -40.26 -11.05 13.95
CA LEU B 298 -39.53 -10.60 15.13
C LEU B 298 -38.02 -10.53 14.88
N GLY B 299 -37.62 -10.54 13.60
CA GLY B 299 -36.22 -10.53 13.24
C GLY B 299 -35.50 -11.84 13.48
N LEU B 300 -36.19 -12.89 13.89
CA LEU B 300 -35.52 -14.15 14.21
C LEU B 300 -35.13 -14.89 12.93
N ASP B 301 -33.97 -15.56 12.98
CA ASP B 301 -33.42 -16.13 11.75
C ASP B 301 -33.72 -17.62 11.64
N PRO B 302 -34.10 -18.08 10.44
CA PRO B 302 -34.43 -19.50 10.26
C PRO B 302 -33.23 -20.45 10.20
N HIS B 303 -32.00 -19.96 10.48
CA HIS B 303 -30.93 -20.90 10.85
C HIS B 303 -31.36 -21.69 12.07
N TYR B 304 -32.21 -21.09 12.90
CA TYR B 304 -32.66 -21.61 14.17
C TYR B 304 -34.12 -22.04 14.08
N ALA B 305 -34.49 -22.98 14.95
CA ALA B 305 -35.82 -23.53 14.90
C ALA B 305 -36.88 -22.54 15.40
N PHE B 306 -36.54 -21.66 16.35
CA PHE B 306 -37.53 -20.67 16.77
C PHE B 306 -37.75 -19.59 15.72
N GLY B 307 -36.99 -19.59 14.62
CA GLY B 307 -37.11 -18.53 13.65
C GLY B 307 -37.48 -18.97 12.25
N LYS B 308 -38.19 -20.10 12.11
CA LYS B 308 -38.57 -20.59 10.78
C LYS B 308 -39.40 -19.59 9.97
N ALA B 309 -40.16 -18.72 10.63
CA ALA B 309 -41.20 -17.95 9.95
C ALA B 309 -40.69 -16.69 9.27
N GLN B 310 -41.16 -16.46 8.05
CA GLN B 310 -41.02 -15.16 7.38
C GLN B 310 -42.43 -14.59 7.17
N VAL B 311 -42.64 -13.34 7.60
CA VAL B 311 -43.95 -12.74 7.58
C VAL B 311 -43.93 -11.48 6.73
N TYR B 312 -45.08 -11.16 6.15
CA TYR B 312 -45.20 -10.09 5.15
C TYR B 312 -46.38 -9.18 5.49
N PRO B 313 -46.33 -8.48 6.62
CA PRO B 313 -47.49 -7.70 7.07
C PRO B 313 -47.90 -6.60 6.11
N ALA B 314 -46.96 -6.02 5.37
CA ALA B 314 -47.26 -4.95 4.44
C ALA B 314 -47.49 -5.44 3.01
N GLY B 315 -47.53 -6.76 2.80
CA GLY B 315 -47.80 -7.36 1.50
C GLY B 315 -46.76 -7.16 0.42
N ARG B 316 -45.48 -7.19 0.79
CA ARG B 316 -44.41 -6.88 -0.14
C ARG B 316 -43.56 -8.10 -0.52
N PHE B 317 -44.12 -9.30 -0.40
CA PHE B 317 -43.45 -10.50 -0.90
C PHE B 317 -42.88 -10.30 -2.30
N GLU B 318 -43.69 -9.77 -3.22
CA GLU B 318 -43.20 -9.53 -4.57
C GLU B 318 -42.02 -8.57 -4.56
N GLU B 319 -42.11 -7.51 -3.77
CA GLU B 319 -41.05 -6.51 -3.81
C GLU B 319 -39.72 -7.04 -3.29
N HIS B 320 -39.76 -8.05 -2.42
CA HIS B 320 -38.52 -8.62 -1.93
C HIS B 320 -37.82 -9.49 -2.99
N PHE B 321 -38.55 -10.12 -3.90
CA PHE B 321 -37.82 -10.85 -4.94
C PHE B 321 -37.49 -9.97 -6.13
N LEU B 322 -37.75 -8.67 -6.05
CA LEU B 322 -37.38 -7.78 -7.15
C LEU B 322 -35.89 -7.78 -7.43
N PRO B 323 -34.99 -7.64 -6.45
CA PRO B 323 -33.55 -7.62 -6.80
C PRO B 323 -33.09 -8.89 -7.43
N PHE B 324 -33.78 -10.01 -7.17
CA PHE B 324 -33.45 -11.25 -7.84
C PHE B 324 -33.83 -11.22 -9.32
N GLN B 325 -35.03 -10.72 -9.64
N GLN B 325 -35.05 -10.75 -9.62
CA GLN B 325 -35.44 -10.62 -11.03
CA GLN B 325 -35.50 -10.53 -10.98
C GLN B 325 -34.44 -9.79 -11.83
C GLN B 325 -34.45 -9.80 -11.80
N ALA B 326 -33.97 -8.67 -11.27
CA ALA B 326 -32.91 -7.93 -11.93
C ALA B 326 -31.68 -8.80 -12.14
N ALA B 327 -31.38 -9.65 -11.16
CA ALA B 327 -30.20 -10.51 -11.29
C ALA B 327 -30.43 -11.62 -12.29
N ILE B 328 -31.64 -12.19 -12.27
CA ILE B 328 -31.96 -13.23 -13.24
C ILE B 328 -31.87 -12.68 -14.65
N ASP B 329 -32.33 -11.44 -14.85
CA ASP B 329 -32.28 -10.80 -16.16
C ASP B 329 -30.85 -10.52 -16.61
N ALA B 330 -29.95 -10.22 -15.70
CA ALA B 330 -28.58 -9.99 -16.12
C ALA B 330 -27.82 -11.29 -16.34
N GLY B 331 -28.47 -12.43 -16.14
CA GLY B 331 -27.84 -13.70 -16.42
C GLY B 331 -27.14 -14.34 -15.24
N VAL B 332 -27.62 -14.10 -14.01
CA VAL B 332 -26.96 -14.68 -12.85
C VAL B 332 -27.00 -16.19 -12.95
N SER B 333 -25.93 -16.84 -12.49
CA SER B 333 -25.72 -18.25 -12.81
C SER B 333 -26.54 -19.18 -11.92
N SER B 334 -26.68 -18.86 -10.64
CA SER B 334 -27.21 -19.80 -9.65
C SER B 334 -27.99 -19.03 -8.60
N ILE B 335 -28.92 -19.74 -7.95
CA ILE B 335 -29.82 -19.15 -6.97
C ILE B 335 -29.89 -20.08 -5.76
N MET B 336 -29.74 -19.50 -4.56
CA MET B 336 -29.87 -20.24 -3.30
C MET B 336 -31.16 -19.86 -2.58
N PRO B 337 -32.11 -20.77 -2.42
CA PRO B 337 -33.28 -20.49 -1.60
C PRO B 337 -32.92 -20.53 -0.13
N TYR B 338 -33.70 -19.78 0.67
CA TYR B 338 -33.44 -19.67 2.10
C TYR B 338 -34.17 -20.74 2.89
N TYR B 339 -33.78 -20.85 4.17
CA TYR B 339 -34.41 -21.80 5.08
C TYR B 339 -35.85 -21.42 5.35
N GLY B 340 -36.16 -20.12 5.29
CA GLY B 340 -37.45 -19.60 5.74
C GLY B 340 -38.72 -20.31 5.26
N VAL B 341 -39.75 -20.26 6.09
CA VAL B 341 -41.08 -20.75 5.77
C VAL B 341 -41.96 -19.54 5.51
N PRO B 342 -42.45 -19.31 4.30
CA PRO B 342 -43.33 -18.18 4.04
C PRO B 342 -44.70 -18.47 4.65
N VAL B 343 -45.23 -17.49 5.38
CA VAL B 343 -46.47 -17.67 6.12
C VAL B 343 -47.58 -16.89 5.42
N ASP B 344 -48.53 -17.63 4.82
CA ASP B 344 -49.74 -17.08 4.21
C ASP B 344 -49.40 -16.10 3.08
N VAL B 345 -48.67 -16.61 2.09
CA VAL B 345 -48.21 -15.87 0.91
C VAL B 345 -49.01 -16.33 -0.30
N PRO B 346 -49.74 -15.42 -0.92
CA PRO B 346 -50.47 -15.72 -2.16
C PRO B 346 -49.49 -16.14 -3.24
N VAL B 347 -49.80 -17.25 -3.89
CA VAL B 347 -48.98 -17.74 -4.98
C VAL B 347 -49.02 -16.76 -6.13
N VAL B 348 -47.85 -16.39 -6.62
CA VAL B 348 -47.77 -15.40 -7.68
C VAL B 348 -48.27 -16.03 -8.97
N GLY B 349 -49.17 -15.32 -9.67
CA GLY B 349 -49.85 -15.84 -10.84
C GLY B 349 -50.64 -17.09 -10.50
N GLY B 350 -51.41 -17.02 -9.42
CA GLY B 350 -52.05 -18.19 -8.87
C GLY B 350 -53.55 -17.97 -8.68
N GLU B 351 -54.23 -19.10 -8.47
CA GLU B 351 -55.64 -19.07 -8.11
C GLU B 351 -55.84 -18.24 -6.85
N PRO B 352 -56.75 -17.26 -6.85
CA PRO B 352 -56.87 -16.39 -5.67
C PRO B 352 -57.18 -17.20 -4.41
N GLY B 353 -56.54 -16.82 -3.31
CA GLY B 353 -56.66 -17.52 -2.06
C GLY B 353 -55.63 -18.63 -1.85
N GLU B 354 -54.96 -19.07 -2.91
CA GLU B 354 -53.94 -20.12 -2.82
C GLU B 354 -52.63 -19.54 -2.27
N THR B 355 -52.01 -20.26 -1.34
CA THR B 355 -50.75 -19.85 -0.75
C THR B 355 -49.61 -20.84 -1.02
N TYR B 356 -48.38 -20.34 -0.86
CA TYR B 356 -47.20 -21.19 -0.97
C TYR B 356 -47.15 -22.14 0.23
N PRO B 357 -46.58 -23.33 0.07
CA PRO B 357 -46.59 -24.29 1.18
C PRO B 357 -45.87 -23.74 2.40
N HIS B 358 -46.34 -24.17 3.57
CA HIS B 358 -45.65 -23.83 4.82
C HIS B 358 -44.50 -24.81 5.05
N THR B 359 -43.58 -24.79 4.10
CA THR B 359 -42.33 -25.53 4.13
C THR B 359 -41.19 -24.53 3.90
N GLY B 360 -39.97 -24.95 4.20
CA GLY B 360 -38.82 -24.19 3.74
C GLY B 360 -38.83 -24.02 2.23
N PHE B 361 -38.28 -22.89 1.77
CA PHE B 361 -38.40 -22.54 0.35
C PHE B 361 -37.85 -23.62 -0.58
N ALA B 362 -36.72 -24.26 -0.21
CA ALA B 362 -36.08 -25.25 -1.10
C ALA B 362 -36.90 -26.52 -1.33
N PHE B 363 -37.88 -26.80 -0.48
CA PHE B 363 -38.66 -28.03 -0.61
C PHE B 363 -39.91 -27.82 -1.43
N SER B 364 -40.22 -26.58 -1.81
CA SER B 364 -41.49 -26.23 -2.45
C SER B 364 -41.34 -26.09 -3.95
N ASP B 365 -41.86 -27.09 -4.69
CA ASP B 365 -41.95 -27.00 -6.15
C ASP B 365 -42.63 -25.70 -6.57
N SER B 366 -43.64 -25.30 -5.81
CA SER B 366 -44.32 -24.04 -6.03
C SER B 366 -43.35 -22.86 -6.08
N ILE B 367 -42.32 -22.85 -5.23
CA ILE B 367 -41.38 -21.73 -5.14
C ILE B 367 -40.25 -21.82 -6.15
N VAL B 368 -39.59 -22.97 -6.19
CA VAL B 368 -38.37 -23.13 -6.99
C VAL B 368 -38.71 -23.27 -8.46
N ASN B 369 -39.66 -24.15 -8.78
CA ASN B 369 -40.08 -24.32 -10.15
C ASN B 369 -41.14 -23.30 -10.54
N GLY B 370 -42.17 -23.15 -9.71
CA GLY B 370 -43.25 -22.25 -10.02
C GLY B 370 -42.82 -20.80 -10.06
N LEU B 371 -42.43 -20.23 -8.93
CA LEU B 371 -42.09 -18.82 -8.92
C LEU B 371 -40.76 -18.56 -9.65
N LEU B 372 -39.68 -19.24 -9.24
CA LEU B 372 -38.35 -18.91 -9.74
C LEU B 372 -38.20 -19.20 -11.24
N ARG B 373 -38.56 -20.41 -11.68
CA ARG B 373 -38.36 -20.73 -13.09
C ARG B 373 -39.53 -20.26 -13.95
N ASP B 374 -40.76 -20.66 -13.63
CA ASP B 374 -41.88 -20.38 -14.52
C ASP B 374 -42.24 -18.90 -14.51
N GLN B 375 -42.33 -18.29 -13.32
CA GLN B 375 -42.76 -16.89 -13.25
C GLN B 375 -41.63 -15.91 -13.57
N LEU B 376 -40.42 -16.15 -13.06
CA LEU B 376 -39.36 -15.16 -13.18
C LEU B 376 -38.38 -15.45 -14.32
N GLY B 377 -38.44 -16.62 -14.93
CA GLY B 377 -37.67 -16.88 -16.12
C GLY B 377 -36.27 -17.36 -15.88
N PHE B 378 -35.95 -17.81 -14.68
CA PHE B 378 -34.58 -18.22 -14.35
C PHE B 378 -34.27 -19.53 -15.03
N THR B 379 -33.09 -19.59 -15.67
CA THR B 379 -32.70 -20.74 -16.47
C THR B 379 -31.43 -21.44 -15.98
N GLY B 380 -30.85 -21.01 -14.85
CA GLY B 380 -29.67 -21.64 -14.29
C GLY B 380 -30.06 -22.76 -13.33
N TYR B 381 -29.15 -23.07 -12.40
CA TYR B 381 -29.37 -24.12 -11.42
C TYR B 381 -29.58 -23.55 -10.00
N VAL B 382 -30.14 -24.39 -9.14
CA VAL B 382 -30.52 -23.98 -7.80
C VAL B 382 -29.66 -24.75 -6.82
N ASN B 383 -29.05 -24.01 -5.90
CA ASN B 383 -28.09 -24.47 -4.91
C ASN B 383 -28.80 -24.35 -3.57
N SER B 384 -29.00 -25.47 -2.88
CA SER B 384 -29.64 -25.33 -1.57
C SER B 384 -28.71 -24.57 -0.61
N ALA B 385 -29.32 -23.89 0.35
CA ALA B 385 -28.58 -23.45 1.53
C ALA B 385 -28.11 -24.66 2.32
N THR B 386 -27.11 -24.42 3.15
CA THR B 386 -26.39 -25.50 3.79
C THR B 386 -27.18 -26.04 4.96
N GLY B 387 -27.23 -27.37 5.07
CA GLY B 387 -27.85 -27.99 6.21
C GLY B 387 -29.35 -28.18 6.14
N ILE B 388 -29.98 -28.01 4.97
CA ILE B 388 -31.43 -28.22 4.91
C ILE B 388 -31.82 -29.68 5.03
N ILE B 389 -30.95 -30.62 4.70
CA ILE B 389 -31.34 -32.02 4.73
C ILE B 389 -31.35 -32.56 6.16
N ASN B 390 -30.21 -32.45 6.84
CA ASN B 390 -30.12 -33.03 8.19
C ASN B 390 -30.71 -32.10 9.25
N ASP B 391 -30.50 -30.80 9.15
CA ASP B 391 -30.73 -29.91 10.29
C ASP B 391 -31.88 -28.91 10.13
N ARG B 392 -32.17 -28.44 8.93
CA ARG B 392 -33.12 -27.35 8.77
C ARG B 392 -34.16 -27.70 7.71
N ALA B 393 -34.76 -28.89 7.86
CA ALA B 393 -35.86 -29.31 6.99
C ALA B 393 -37.20 -28.79 7.55
N TRP B 394 -37.40 -27.48 7.38
CA TRP B 394 -38.51 -26.80 8.04
C TRP B 394 -39.84 -27.14 7.36
N GLY B 395 -40.79 -27.63 8.15
CA GLY B 395 -42.01 -28.18 7.62
C GLY B 395 -41.92 -29.66 7.37
N LEU B 396 -40.72 -30.21 7.40
CA LEU B 396 -40.48 -31.63 7.14
C LEU B 396 -39.89 -32.32 8.36
N GLU B 397 -40.31 -31.89 9.56
CA GLU B 397 -39.67 -32.34 10.79
C GLU B 397 -39.84 -33.84 11.01
N GLY B 398 -41.01 -34.39 10.65
CA GLY B 398 -41.22 -35.82 10.81
C GLY B 398 -40.58 -36.68 9.73
N ASN B 399 -40.19 -36.09 8.61
CA ASN B 399 -39.67 -36.85 7.49
C ASN B 399 -38.26 -37.36 7.75
N THR B 400 -37.91 -38.42 7.02
CA THR B 400 -36.59 -39.02 7.04
C THR B 400 -35.66 -38.21 6.15
N VAL B 401 -34.36 -38.48 6.30
CA VAL B 401 -33.44 -37.80 5.40
C VAL B 401 -33.66 -38.12 3.97
N PRO B 402 -33.81 -39.37 3.51
CA PRO B 402 -34.14 -39.60 2.09
C PRO B 402 -35.41 -38.92 1.66
N GLU B 403 -36.43 -38.91 2.54
CA GLU B 403 -37.66 -38.19 2.22
C GLU B 403 -37.41 -36.72 1.97
N ARG B 404 -36.50 -36.11 2.75
CA ARG B 404 -36.19 -34.69 2.56
C ARG B 404 -35.34 -34.46 1.32
N VAL B 405 -34.40 -35.36 1.03
CA VAL B 405 -33.60 -35.22 -0.18
C VAL B 405 -34.50 -35.24 -1.42
N ALA B 406 -35.40 -36.23 -1.49
CA ALA B 406 -36.32 -36.30 -2.62
C ALA B 406 -37.18 -35.04 -2.70
N ALA B 407 -37.69 -34.58 -1.56
CA ALA B 407 -38.59 -33.43 -1.57
C ALA B 407 -37.89 -32.19 -2.13
N ALA B 408 -36.61 -32.00 -1.80
CA ALA B 408 -35.87 -30.83 -2.29
C ALA B 408 -35.51 -30.98 -3.75
N ILE B 409 -35.03 -32.15 -4.15
CA ILE B 409 -34.63 -32.37 -5.54
C ILE B 409 -35.84 -32.24 -6.46
N ASN B 410 -36.94 -32.93 -6.12
CA ASN B 410 -38.14 -32.84 -6.96
C ASN B 410 -38.80 -31.48 -6.84
N GLY B 411 -38.64 -30.82 -5.70
CA GLY B 411 -39.04 -29.42 -5.56
C GLY B 411 -38.35 -28.49 -6.53
N GLY B 412 -37.25 -28.91 -7.14
CA GLY B 412 -36.55 -28.10 -8.11
C GLY B 412 -35.12 -27.73 -7.76
N THR B 413 -34.61 -28.14 -6.60
CA THR B 413 -33.23 -27.83 -6.24
C THR B 413 -32.34 -28.88 -6.88
N ASP B 414 -31.20 -28.43 -7.42
CA ASP B 414 -30.30 -29.28 -8.18
C ASP B 414 -29.08 -29.74 -7.40
N THR B 415 -28.66 -29.03 -6.35
CA THR B 415 -27.47 -29.43 -5.61
C THR B 415 -27.66 -29.08 -4.13
N LEU B 416 -27.33 -30.03 -3.26
CA LEU B 416 -27.58 -29.92 -1.83
C LEU B 416 -26.30 -29.52 -1.08
N SER B 417 -26.36 -28.41 -0.37
CA SER B 417 -25.19 -27.87 0.32
C SER B 417 -25.08 -28.48 1.70
N GLY B 418 -23.91 -29.00 2.03
CA GLY B 418 -23.75 -29.66 3.31
C GLY B 418 -24.18 -31.11 3.33
N PHE B 419 -24.64 -31.63 2.21
CA PHE B 419 -25.01 -33.04 2.09
C PHE B 419 -24.00 -33.75 1.21
N SER B 420 -23.46 -34.86 1.70
CA SER B 420 -22.28 -35.45 1.08
C SER B 420 -22.40 -36.95 0.75
N ASP B 421 -23.59 -37.55 0.88
CA ASP B 421 -23.77 -39.00 0.73
C ASP B 421 -24.50 -39.28 -0.59
N VAL B 422 -23.75 -39.60 -1.66
CA VAL B 422 -24.38 -39.76 -2.98
C VAL B 422 -25.24 -41.03 -3.04
N SER B 423 -24.86 -42.07 -2.31
CA SER B 423 -25.68 -43.24 -2.07
C SER B 423 -27.13 -42.88 -1.72
N VAL B 424 -27.37 -41.78 -0.99
CA VAL B 424 -28.76 -41.46 -0.66
C VAL B 424 -29.54 -41.15 -1.92
N ILE B 425 -28.92 -40.42 -2.85
CA ILE B 425 -29.56 -40.07 -4.10
C ILE B 425 -29.66 -41.29 -4.98
N THR B 426 -28.60 -42.11 -4.99
CA THR B 426 -28.64 -43.35 -5.75
C THR B 426 -29.74 -44.29 -5.24
N ASP B 427 -29.87 -44.41 -3.92
CA ASP B 427 -30.94 -45.23 -3.35
C ASP B 427 -32.32 -44.71 -3.73
N LEU B 428 -32.48 -43.39 -3.84
CA LEU B 428 -33.78 -42.85 -4.19
C LEU B 428 -34.14 -43.16 -5.63
N TYR B 429 -33.14 -43.46 -6.47
CA TYR B 429 -33.43 -43.87 -7.85
C TYR B 429 -33.97 -45.30 -7.87
N GLU B 430 -33.32 -46.19 -7.12
CA GLU B 430 -33.93 -47.46 -6.75
C GLU B 430 -35.27 -47.42 -6.02
N ALA B 431 -35.71 -46.35 -5.44
CA ALA B 431 -37.10 -46.49 -5.04
C ALA B 431 -38.02 -45.75 -6.01
N ASP B 432 -37.47 -45.26 -7.13
CA ASP B 432 -38.24 -44.52 -8.12
C ASP B 432 -38.84 -43.27 -7.48
N LEU B 433 -38.17 -42.77 -6.42
CA LEU B 433 -38.56 -41.51 -5.83
C LEU B 433 -37.92 -40.32 -6.51
N ILE B 434 -36.80 -40.52 -7.18
CA ILE B 434 -36.26 -39.54 -8.10
C ILE B 434 -36.12 -40.23 -9.43
N SER B 435 -36.63 -39.59 -10.48
CA SER B 435 -36.52 -40.14 -11.82
C SER B 435 -35.13 -39.85 -12.39
N GLU B 436 -34.68 -40.73 -13.29
CA GLU B 436 -33.41 -40.44 -13.95
C GLU B 436 -33.52 -39.22 -14.83
N GLU B 437 -34.72 -38.90 -15.31
CA GLU B 437 -34.89 -37.64 -16.02
C GLU B 437 -34.61 -36.46 -15.10
N ARG B 438 -35.04 -36.52 -13.85
CA ARG B 438 -34.78 -35.43 -12.92
C ARG B 438 -33.28 -35.24 -12.73
N ILE B 439 -32.57 -36.35 -12.48
CA ILE B 439 -31.14 -36.31 -12.29
C ILE B 439 -30.42 -35.83 -13.56
N ASP B 440 -30.89 -36.29 -14.72
CA ASP B 440 -30.30 -35.84 -15.99
C ASP B 440 -30.45 -34.34 -16.14
N LEU B 441 -31.62 -33.81 -15.76
CA LEU B 441 -31.88 -32.37 -15.84
C LEU B 441 -31.04 -31.59 -14.83
N ALA B 442 -30.81 -32.15 -13.65
CA ALA B 442 -29.88 -31.51 -12.72
C ALA B 442 -28.50 -31.42 -13.34
N ALA B 443 -28.02 -32.54 -13.89
CA ALA B 443 -26.69 -32.59 -14.47
C ALA B 443 -26.50 -31.56 -15.56
N GLU B 444 -27.47 -31.41 -16.44
CA GLU B 444 -27.32 -30.45 -17.53
C GLU B 444 -27.24 -29.03 -17.01
N ARG B 445 -28.06 -28.69 -16.00
CA ARG B 445 -28.01 -27.31 -15.48
C ARG B 445 -26.71 -27.07 -14.72
N LEU B 446 -26.20 -28.10 -14.04
CA LEU B 446 -24.95 -28.01 -13.29
C LEU B 446 -23.72 -28.06 -14.18
N LEU B 447 -23.80 -28.75 -15.34
CA LEU B 447 -22.61 -28.86 -16.18
C LEU B 447 -22.45 -27.65 -17.10
N GLU B 448 -23.56 -27.08 -17.58
CA GLU B 448 -23.50 -25.91 -18.47
C GLU B 448 -22.52 -24.84 -18.04
N PRO B 449 -22.51 -24.37 -16.78
CA PRO B 449 -21.60 -23.26 -16.45
C PRO B 449 -20.13 -23.61 -16.54
N LEU B 450 -19.77 -24.84 -16.15
CA LEU B 450 -18.38 -25.27 -16.28
C LEU B 450 -17.91 -25.20 -17.72
N PHE B 451 -18.77 -25.55 -18.67
CA PHE B 451 -18.42 -25.43 -20.09
C PHE B 451 -18.27 -23.97 -20.47
N ASP B 452 -19.34 -23.20 -20.29
CA ASP B 452 -19.35 -21.82 -20.78
C ASP B 452 -18.22 -21.02 -20.15
N MET B 453 -17.85 -21.35 -18.91
CA MET B 453 -16.75 -20.68 -18.24
C MET B 453 -15.40 -21.18 -18.72
N GLY B 454 -15.39 -22.21 -19.57
CA GLY B 454 -14.16 -22.67 -20.13
C GLY B 454 -13.36 -23.56 -19.21
N LEU B 455 -13.98 -24.14 -18.19
CA LEU B 455 -13.20 -24.96 -17.27
C LEU B 455 -12.81 -26.31 -17.86
N PHE B 456 -13.51 -26.78 -18.91
CA PHE B 456 -13.09 -28.00 -19.58
C PHE B 456 -11.83 -27.79 -20.44
N GLU B 457 -11.53 -26.56 -20.86
CA GLU B 457 -10.32 -26.26 -21.60
C GLU B 457 -9.13 -26.01 -20.67
N ASN B 458 -9.26 -25.09 -19.73
CA ASN B 458 -8.19 -24.81 -18.77
C ASN B 458 -8.82 -24.47 -17.42
N PRO B 459 -8.77 -25.39 -16.45
CA PRO B 459 -9.30 -25.11 -15.11
C PRO B 459 -8.25 -24.68 -14.08
N TYR B 460 -7.03 -24.35 -14.49
CA TYR B 460 -5.95 -24.04 -13.57
C TYR B 460 -5.65 -22.55 -13.56
N VAL B 461 -4.82 -22.17 -12.59
CA VAL B 461 -4.40 -20.80 -12.40
C VAL B 461 -2.92 -20.85 -12.06
N ASP B 462 -2.26 -19.70 -12.22
CA ASP B 462 -0.86 -19.56 -11.90
C ASP B 462 -0.72 -19.06 -10.46
N PRO B 463 -0.09 -19.81 -9.56
CA PRO B 463 0.08 -19.33 -8.18
C PRO B 463 0.88 -18.05 -8.05
N ASP B 464 1.84 -17.78 -8.92
CA ASP B 464 2.63 -16.57 -8.73
C ASP B 464 1.86 -15.33 -9.15
N VAL B 465 0.94 -15.48 -10.09
CA VAL B 465 0.09 -14.37 -10.53
C VAL B 465 -0.94 -14.02 -9.49
N ALA B 466 -1.43 -15.03 -8.74
CA ALA B 466 -2.24 -14.74 -7.57
C ALA B 466 -1.49 -13.84 -6.58
N THR B 467 -0.23 -14.15 -6.33
CA THR B 467 0.57 -13.29 -5.45
C THR B 467 0.62 -11.87 -5.99
N ALA B 468 0.85 -11.72 -7.29
CA ALA B 468 0.95 -10.39 -7.87
C ALA B 468 -0.39 -9.69 -7.95
N THR B 469 -1.51 -10.39 -7.72
CA THR B 469 -2.82 -9.81 -7.90
C THR B 469 -3.58 -9.56 -6.60
N VAL B 470 -3.63 -10.55 -5.71
CA VAL B 470 -4.42 -10.43 -4.49
C VAL B 470 -3.77 -9.40 -3.56
N GLY B 471 -4.42 -8.25 -3.41
CA GLY B 471 -3.94 -7.18 -2.56
C GLY B 471 -3.08 -6.14 -3.24
N ALA B 472 -3.06 -6.13 -4.58
CA ALA B 472 -2.26 -5.17 -5.35
C ALA B 472 -2.53 -3.74 -4.91
N ASP B 473 -1.49 -2.89 -5.03
CA ASP B 473 -1.57 -1.51 -4.57
C ASP B 473 -2.79 -0.77 -5.13
N ASP B 474 -2.95 -0.78 -6.47
CA ASP B 474 -4.11 -0.14 -7.09
C ASP B 474 -5.43 -0.75 -6.59
N HIS B 475 -5.43 -2.04 -6.28
CA HIS B 475 -6.64 -2.67 -5.74
C HIS B 475 -6.97 -2.11 -4.36
N ARG B 476 -5.98 -2.04 -3.47
CA ARG B 476 -6.25 -1.53 -2.12
C ARG B 476 -6.62 -0.05 -2.15
N ALA B 477 -6.15 0.69 -3.16
CA ALA B 477 -6.51 2.09 -3.25
C ALA B 477 -8.00 2.24 -3.55
N VAL B 478 -8.54 1.45 -4.47
CA VAL B 478 -9.97 1.48 -4.73
C VAL B 478 -10.75 1.23 -3.45
N GLY B 479 -10.24 0.32 -2.61
CA GLY B 479 -10.94 0.02 -1.36
C GLY B 479 -10.95 1.18 -0.40
N LEU B 480 -9.80 1.84 -0.20
CA LEU B 480 -9.74 2.99 0.67
C LEU B 480 -10.69 4.09 0.19
N ASP B 481 -10.73 4.32 -1.12
CA ASP B 481 -11.63 5.32 -1.66
C ASP B 481 -13.07 5.05 -1.27
N LEU B 482 -13.54 3.82 -1.46
CA LEU B 482 -14.91 3.50 -1.11
C LEU B 482 -15.14 3.55 0.40
N GLN B 483 -14.11 3.21 1.19
CA GLN B 483 -14.23 3.38 2.63
C GLN B 483 -14.56 4.81 3.00
N ARG B 484 -13.75 5.75 2.50
CA ARG B 484 -13.97 7.14 2.86
C ARG B 484 -15.31 7.64 2.33
N LYS B 485 -15.77 7.07 1.22
CA LYS B 485 -17.03 7.45 0.59
C LYS B 485 -18.24 6.76 1.18
N SER B 486 -18.05 5.72 1.99
CA SER B 486 -19.16 5.02 2.62
C SER B 486 -19.61 5.70 3.90
N LEU B 487 -18.72 6.47 4.51
CA LEU B 487 -18.97 7.20 5.76
C LEU B 487 -20.15 8.15 5.63
N VAL B 488 -21.04 8.12 6.61
CA VAL B 488 -22.23 8.97 6.59
C VAL B 488 -22.19 9.91 7.79
N LEU B 489 -22.20 11.21 7.52
CA LEU B 489 -22.32 12.22 8.57
C LEU B 489 -23.79 12.33 8.95
N LEU B 490 -24.12 11.97 10.19
CA LEU B 490 -25.50 11.99 10.64
C LEU B 490 -25.87 13.31 11.32
N GLN B 491 -24.92 13.92 12.01
CA GLN B 491 -25.19 15.11 12.80
C GLN B 491 -23.86 15.83 13.02
N ASN B 492 -23.80 17.12 12.68
CA ASN B 492 -22.60 17.92 12.89
C ASN B 492 -23.08 19.27 13.44
N GLU B 493 -23.04 19.40 14.77
CA GLU B 493 -23.45 20.59 15.47
C GLU B 493 -22.49 21.74 15.16
N GLU B 494 -23.05 22.94 15.12
CA GLU B 494 -22.28 24.16 14.87
C GLU B 494 -22.10 24.92 16.19
N THR B 495 -20.85 25.05 16.64
CA THR B 495 -20.47 25.80 17.83
C THR B 495 -20.47 27.28 17.51
N ASP B 496 -20.04 28.12 18.46
CA ASP B 496 -19.72 29.51 18.10
C ASP B 496 -18.32 29.64 17.46
N GLU B 497 -17.43 28.65 17.70
CA GLU B 497 -16.03 28.54 17.24
C GLU B 497 -15.84 28.00 15.80
N GLY B 498 -16.90 27.51 15.17
CA GLY B 498 -16.81 26.77 13.92
C GLY B 498 -17.26 25.31 14.09
N PRO B 499 -17.46 24.58 12.99
CA PRO B 499 -18.08 23.26 13.13
C PRO B 499 -17.17 22.25 13.81
N VAL B 500 -17.79 21.34 14.57
CA VAL B 500 -17.03 20.26 15.23
C VAL B 500 -16.24 19.51 14.18
N LEU B 501 -16.93 19.10 13.10
CA LEU B 501 -16.23 18.51 11.98
C LEU B 501 -16.21 19.48 10.80
N PRO B 502 -15.06 19.65 10.13
CA PRO B 502 -13.85 18.86 10.39
C PRO B 502 -13.13 19.23 11.66
N LEU B 503 -12.31 18.32 12.16
CA LEU B 503 -11.46 18.63 13.30
C LEU B 503 -10.51 19.76 12.95
N LYS B 504 -10.12 20.51 13.97
CA LYS B 504 -9.07 21.51 13.83
C LYS B 504 -7.70 20.85 13.99
N GLU B 505 -6.69 21.46 13.39
CA GLU B 505 -5.33 20.94 13.53
C GLU B 505 -4.86 21.10 14.96
N GLY B 506 -4.27 20.04 15.52
CA GLY B 506 -3.73 20.09 16.86
C GLY B 506 -4.78 20.11 17.95
N GLY B 507 -4.38 19.77 19.16
CA GLY B 507 -5.29 19.72 20.29
C GLY B 507 -5.06 18.50 21.17
N ASP B 508 -5.64 18.53 22.35
CA ASP B 508 -5.68 17.39 23.26
C ASP B 508 -6.92 16.56 22.90
N VAL B 509 -6.71 15.30 22.53
CA VAL B 509 -7.77 14.43 22.04
C VAL B 509 -7.84 13.21 22.94
N TYR B 510 -9.06 12.88 23.36
CA TYR B 510 -9.37 11.66 24.10
C TYR B 510 -9.97 10.64 23.12
N ILE B 511 -9.48 9.40 23.15
CA ILE B 511 -9.98 8.34 22.29
C ILE B 511 -10.54 7.22 23.14
N LEU B 512 -11.66 6.65 22.68
CA LEU B 512 -12.29 5.51 23.33
C LEU B 512 -12.91 4.64 22.24
N GLY B 513 -12.62 3.35 22.26
CA GLY B 513 -13.06 2.42 21.21
C GLY B 513 -11.87 1.90 20.42
N ASP B 514 -12.16 1.30 19.26
CA ASP B 514 -11.09 0.70 18.46
C ASP B 514 -10.39 1.74 17.57
N PHE B 515 -9.78 2.71 18.25
CA PHE B 515 -8.87 3.69 17.67
C PHE B 515 -7.45 3.23 17.98
N THR B 516 -6.55 3.35 17.00
CA THR B 516 -5.14 3.07 17.25
C THR B 516 -4.46 4.41 17.59
N GLU B 517 -4.01 4.53 18.84
CA GLU B 517 -3.48 5.78 19.36
C GLU B 517 -2.44 6.42 18.43
N GLU B 518 -1.47 5.63 17.96
CA GLU B 518 -0.36 6.22 17.23
C GLU B 518 -0.77 6.78 15.87
N THR B 519 -1.74 6.17 15.21
CA THR B 519 -2.18 6.75 13.94
C THR B 519 -2.95 8.05 14.17
N VAL B 520 -3.67 8.17 15.30
CA VAL B 520 -4.31 9.43 15.64
C VAL B 520 -3.26 10.47 16.10
N GLU B 521 -2.27 10.02 16.89
CA GLU B 521 -1.12 10.86 17.18
C GLU B 521 -0.44 11.34 15.89
N SER B 522 -0.39 10.47 14.87
CA SER B 522 0.30 10.80 13.63
C SER B 522 -0.33 11.98 12.89
N TYR B 523 -1.61 12.29 13.15
CA TYR B 523 -2.24 13.44 12.52
C TYR B 523 -1.99 14.73 13.29
N GLY B 524 -1.05 14.71 14.23
CA GLY B 524 -0.65 15.91 14.92
C GLY B 524 -1.55 16.26 16.10
N TYR B 525 -1.86 15.26 16.92
CA TYR B 525 -2.70 15.44 18.10
C TYR B 525 -2.00 14.84 19.31
N GLU B 526 -2.21 15.47 20.46
CA GLU B 526 -1.82 14.85 21.72
C GLU B 526 -2.98 13.97 22.17
N VAL B 527 -2.73 12.67 22.35
CA VAL B 527 -3.80 11.69 22.51
C VAL B 527 -3.70 11.06 23.90
N THR B 528 -4.79 11.11 24.64
CA THR B 528 -4.92 10.32 25.86
C THR B 528 -5.86 9.16 25.61
N ASN B 529 -5.45 7.97 26.08
CA ASN B 529 -6.10 6.72 25.73
C ASN B 529 -7.02 6.25 26.84
N GLY B 530 -8.34 6.39 26.62
CA GLY B 530 -9.35 5.90 27.52
C GLY B 530 -9.54 4.40 27.51
N ASN B 531 -8.93 3.70 26.57
CA ASN B 531 -9.07 2.24 26.51
C ASN B 531 -8.05 1.65 27.48
N VAL B 532 -8.51 1.21 28.64
CA VAL B 532 -7.63 0.67 29.67
C VAL B 532 -8.07 -0.74 30.04
N ALA B 533 -7.09 -1.55 30.43
CA ALA B 533 -7.39 -2.89 30.93
C ALA B 533 -8.30 -2.78 32.15
N GLU B 534 -9.15 -3.79 32.33
CA GLU B 534 -9.99 -3.76 33.52
C GLU B 534 -9.14 -4.00 34.76
N GLY B 535 -9.37 -3.19 35.78
CA GLY B 535 -8.53 -3.14 36.96
C GLY B 535 -7.69 -1.90 36.93
N GLU B 536 -7.25 -1.47 35.74
CA GLU B 536 -6.55 -0.22 35.63
C GLU B 536 -7.57 0.91 35.64
N GLU B 537 -7.15 2.08 36.09
CA GLU B 537 -8.03 3.23 36.18
C GLU B 537 -8.05 3.99 34.86
N ARG B 538 -9.21 4.49 34.51
CA ARG B 538 -9.30 5.18 33.23
C ARG B 538 -9.01 6.66 33.41
N PRO B 539 -8.07 7.23 32.65
CA PRO B 539 -7.81 8.67 32.76
C PRO B 539 -9.03 9.46 32.31
N SER B 540 -9.29 10.57 32.99
CA SER B 540 -10.48 11.35 32.71
C SER B 540 -10.33 12.14 31.41
N ALA B 541 -11.46 12.39 30.75
CA ALA B 541 -11.46 13.16 29.51
C ALA B 541 -11.62 14.66 29.75
N ALA B 542 -11.64 15.08 31.02
CA ALA B 542 -11.66 16.50 31.34
C ALA B 542 -10.35 17.12 30.91
N GLY B 543 -10.44 18.25 30.21
CA GLY B 543 -9.26 18.91 29.69
C GLY B 543 -8.90 18.54 28.28
N SER B 544 -9.75 17.80 27.58
CA SER B 544 -9.54 17.42 26.20
C SER B 544 -10.34 18.35 25.30
N ASP B 545 -9.73 18.79 24.21
CA ASP B 545 -10.47 19.64 23.26
C ASP B 545 -11.38 18.83 22.36
N TYR B 546 -11.05 17.56 22.12
CA TYR B 546 -11.86 16.67 21.30
C TYR B 546 -11.91 15.30 21.95
N VAL B 547 -13.09 14.69 21.97
CA VAL B 547 -13.28 13.29 22.38
C VAL B 547 -13.82 12.52 21.18
N LEU B 548 -13.10 11.47 20.77
CA LEU B 548 -13.50 10.61 19.66
C LEU B 548 -13.83 9.23 20.19
N ILE B 549 -15.09 8.80 20.01
CA ILE B 549 -15.57 7.49 20.43
C ILE B 549 -15.97 6.70 19.19
N SER B 550 -15.39 5.50 19.05
CA SER B 550 -15.79 4.56 18.01
C SER B 550 -16.48 3.40 18.73
N MET B 551 -17.77 3.22 18.43
CA MET B 551 -18.62 2.35 19.24
C MET B 551 -19.53 1.51 18.36
N THR B 552 -19.99 0.40 18.93
CA THR B 552 -20.94 -0.48 18.24
C THR B 552 -21.63 -1.32 19.30
N ALA B 553 -22.51 -2.20 18.85
CA ALA B 553 -23.08 -3.22 19.72
C ALA B 553 -22.87 -4.57 19.08
N LYS B 554 -22.61 -5.58 19.90
CA LYS B 554 -22.44 -6.94 19.40
C LYS B 554 -23.28 -7.88 20.24
N THR B 555 -23.59 -9.04 19.68
CA THR B 555 -24.31 -10.03 20.46
C THR B 555 -23.33 -10.86 21.27
N ASN B 556 -23.83 -11.43 22.35
CA ASN B 556 -23.04 -12.31 23.18
C ASN B 556 -23.95 -13.43 23.65
N ALA B 557 -24.39 -14.27 22.71
CA ALA B 557 -25.41 -15.27 22.99
C ALA B 557 -24.88 -16.69 22.93
N GLY B 558 -23.58 -16.88 23.09
CA GLY B 558 -22.98 -18.20 22.99
C GLY B 558 -23.40 -19.17 24.08
N ASP B 559 -24.00 -18.69 25.17
CA ASP B 559 -24.50 -19.55 26.24
C ASP B 559 -25.87 -20.14 25.98
N TYR B 560 -26.62 -19.66 24.99
CA TYR B 560 -27.95 -20.19 24.73
C TYR B 560 -27.94 -21.72 24.61
N VAL B 561 -28.89 -22.36 25.28
CA VAL B 561 -29.12 -23.79 25.14
C VAL B 561 -30.63 -24.01 25.06
N SER B 562 -31.07 -24.73 24.02
CA SER B 562 -32.49 -24.85 23.71
C SER B 562 -33.26 -25.62 24.79
N ASP B 563 -32.70 -26.73 25.26
CA ASP B 563 -33.38 -27.56 26.24
C ASP B 563 -32.96 -27.23 27.68
N ASP B 564 -32.32 -26.09 27.91
CA ASP B 564 -31.97 -25.68 29.27
C ASP B 564 -33.16 -25.00 29.93
N PRO B 565 -33.68 -25.52 31.05
CA PRO B 565 -34.81 -24.84 31.70
C PRO B 565 -34.47 -23.47 32.25
N SER B 566 -33.17 -23.15 32.42
CA SER B 566 -32.73 -21.79 32.76
C SER B 566 -32.78 -20.85 31.55
N LEU B 567 -32.74 -21.40 30.33
CA LEU B 567 -32.59 -20.57 29.15
C LEU B 567 -33.74 -20.83 28.19
N GLY B 568 -33.55 -21.76 27.22
CA GLY B 568 -34.52 -21.95 26.16
C GLY B 568 -35.87 -22.43 26.65
N LEU B 569 -35.89 -23.22 27.74
CA LEU B 569 -37.10 -23.71 28.36
C LEU B 569 -37.40 -23.00 29.68
N ASN B 570 -37.02 -21.73 29.80
CA ASN B 570 -37.29 -20.97 31.00
C ASN B 570 -38.58 -20.21 30.82
N PRO B 571 -39.63 -20.46 31.62
CA PRO B 571 -40.88 -19.72 31.40
C PRO B 571 -40.72 -18.25 31.64
N ASP B 572 -39.77 -17.85 32.49
CA ASP B 572 -39.57 -16.43 32.72
C ASP B 572 -39.06 -15.69 31.50
N HIS B 573 -38.63 -16.40 30.45
CA HIS B 573 -38.23 -15.75 29.20
C HIS B 573 -39.37 -15.59 28.21
N GLY B 574 -40.61 -15.93 28.60
CA GLY B 574 -41.78 -15.67 27.77
C GLY B 574 -42.11 -16.81 26.82
N THR B 575 -42.97 -16.50 25.85
CA THR B 575 -43.31 -17.49 24.83
C THR B 575 -42.96 -16.98 23.44
N ASN B 576 -42.80 -17.93 22.53
CA ASN B 576 -42.53 -17.69 21.13
C ASN B 576 -43.83 -17.27 20.45
N PRO B 577 -43.99 -15.98 20.12
CA PRO B 577 -45.25 -15.52 19.55
C PRO B 577 -45.54 -15.98 18.15
N SER B 578 -44.57 -16.48 17.39
CA SER B 578 -44.87 -16.85 16.01
C SER B 578 -45.61 -18.20 15.96
N VAL B 579 -46.58 -18.27 15.05
CA VAL B 579 -47.34 -19.48 14.82
C VAL B 579 -47.18 -19.88 13.36
N ILE B 580 -46.89 -21.16 13.12
CA ILE B 580 -46.84 -21.73 11.77
C ILE B 580 -47.71 -22.97 11.77
N ILE B 581 -48.85 -22.89 11.11
CA ILE B 581 -49.72 -24.05 10.96
C ILE B 581 -49.20 -24.88 9.80
N GLY B 582 -48.85 -26.13 10.08
CA GLY B 582 -48.46 -27.02 9.01
C GLY B 582 -49.57 -27.20 8.00
N ASP B 583 -49.18 -27.62 6.79
CA ASP B 583 -50.20 -27.90 5.78
C ASP B 583 -51.12 -29.04 6.20
N ASP B 584 -50.70 -29.85 7.18
CA ASP B 584 -51.57 -30.81 7.85
C ASP B 584 -52.65 -30.15 8.68
N GLY B 585 -52.57 -28.85 8.90
CA GLY B 585 -53.54 -28.18 9.75
C GLY B 585 -53.22 -28.11 11.23
N GLU B 586 -52.16 -28.81 11.70
CA GLU B 586 -51.61 -28.72 13.03
C GLU B 586 -50.28 -27.99 13.05
N PRO B 587 -50.09 -27.12 14.08
CA PRO B 587 -48.89 -26.27 14.15
C PRO B 587 -47.58 -27.03 14.19
N LEU B 588 -46.56 -26.39 13.64
CA LEU B 588 -45.20 -26.89 13.77
C LEU B 588 -44.81 -26.91 15.25
N PRO B 589 -44.02 -27.89 15.66
CA PRO B 589 -43.69 -28.03 17.09
C PRO B 589 -43.03 -26.76 17.62
N GLY B 590 -43.53 -26.29 18.76
CA GLY B 590 -42.96 -25.11 19.37
C GLY B 590 -43.39 -23.81 18.73
N LEU B 591 -44.15 -23.85 17.64
CA LEU B 591 -44.61 -22.61 17.03
C LEU B 591 -46.13 -22.62 16.95
N ASP B 592 -46.76 -22.85 18.10
CA ASP B 592 -48.19 -22.69 18.27
C ASP B 592 -48.54 -21.33 18.88
N GLY B 593 -47.54 -20.53 19.22
CA GLY B 593 -47.76 -19.21 19.75
C GLY B 593 -47.78 -19.10 21.26
N GLN B 594 -47.66 -20.21 21.98
CA GLN B 594 -47.60 -20.17 23.42
C GLN B 594 -46.64 -21.22 23.93
N SER B 595 -45.57 -21.46 23.18
CA SER B 595 -44.56 -22.41 23.59
C SER B 595 -43.30 -21.68 24.04
N LEU B 596 -42.52 -22.38 24.86
CA LEU B 596 -41.23 -21.87 25.29
C LEU B 596 -40.32 -21.69 24.09
N TRP B 597 -39.41 -20.72 24.19
CA TRP B 597 -38.56 -20.35 23.07
C TRP B 597 -37.78 -21.56 22.56
N GLY B 598 -37.25 -22.38 23.46
CA GLY B 598 -36.50 -23.54 23.06
C GLY B 598 -37.32 -24.70 22.53
N ALA B 599 -38.65 -24.59 22.51
CA ALA B 599 -39.49 -25.74 22.22
C ALA B 599 -39.53 -26.09 20.73
N ALA B 600 -39.10 -25.19 19.86
CA ALA B 600 -39.12 -25.51 18.44
C ALA B 600 -37.92 -26.34 18.03
N ASP B 601 -36.91 -26.42 18.88
CA ASP B 601 -35.72 -27.18 18.55
C ASP B 601 -36.02 -28.66 18.61
N VAL B 602 -35.42 -29.42 17.70
CA VAL B 602 -35.67 -30.85 17.61
C VAL B 602 -35.20 -31.60 18.87
N CYS B 603 -34.14 -31.13 19.54
CA CYS B 603 -33.79 -31.72 20.84
C CYS B 603 -34.98 -31.77 21.80
N VAL B 604 -35.91 -30.84 21.73
CA VAL B 604 -37.04 -30.83 22.65
C VAL B 604 -38.24 -31.61 22.10
N HIS B 605 -38.66 -31.32 20.86
CA HIS B 605 -39.88 -31.97 20.37
C HIS B 605 -39.63 -33.38 19.83
N LYS B 606 -38.42 -33.68 19.37
CA LYS B 606 -37.95 -35.01 18.99
C LYS B 606 -38.77 -35.66 17.87
N GLU B 607 -39.52 -34.87 17.10
CA GLU B 607 -40.12 -35.39 15.87
C GLU B 607 -39.02 -35.71 14.86
N GLY B 608 -39.23 -36.76 14.10
CA GLY B 608 -38.22 -37.28 13.21
C GLY B 608 -37.72 -38.63 13.69
N HIS B 609 -36.85 -39.23 12.89
CA HIS B 609 -36.49 -40.62 13.16
C HIS B 609 -35.20 -40.75 13.95
N GLU B 610 -34.78 -39.72 14.64
CA GLU B 610 -33.58 -39.87 15.46
C GLU B 610 -34.07 -40.04 16.89
N GLU B 611 -33.33 -40.81 17.67
CA GLU B 611 -33.90 -41.24 18.94
C GLU B 611 -33.71 -40.14 19.98
N ASN B 612 -32.47 -39.69 20.20
CA ASN B 612 -32.24 -38.51 21.01
C ASN B 612 -31.44 -37.50 20.19
N PRO B 613 -32.13 -36.64 19.46
CA PRO B 613 -31.44 -35.67 18.59
C PRO B 613 -30.77 -34.55 19.36
N SER B 614 -29.60 -34.12 18.86
CA SER B 614 -28.92 -32.94 19.37
C SER B 614 -29.68 -31.67 18.97
N CYS B 615 -29.52 -30.63 19.80
CA CYS B 615 -30.10 -29.34 19.50
C CYS B 615 -29.46 -28.74 18.26
N THR B 616 -30.26 -28.06 17.46
CA THR B 616 -29.74 -27.27 16.36
C THR B 616 -29.37 -25.84 16.76
N ASP B 617 -29.95 -25.31 17.84
CA ASP B 617 -29.85 -23.88 18.14
C ASP B 617 -28.79 -23.57 19.19
N ASN B 618 -28.15 -24.57 19.77
CA ASN B 618 -27.24 -24.29 20.88
C ASN B 618 -26.10 -23.38 20.44
N ARG B 619 -25.79 -22.38 21.25
CA ARG B 619 -24.70 -21.43 21.10
C ARG B 619 -25.00 -20.33 20.08
N LEU B 620 -26.16 -20.33 19.41
CA LEU B 620 -26.50 -19.37 18.36
C LEU B 620 -25.27 -19.00 17.53
N ARG B 621 -24.63 -20.03 16.98
CA ARG B 621 -23.27 -19.93 16.48
C ARG B 621 -23.19 -19.12 15.18
N PHE B 622 -24.31 -18.87 14.52
CA PHE B 622 -24.31 -18.07 13.30
C PHE B 622 -24.48 -16.59 13.58
N GLY B 623 -24.83 -16.22 14.80
CA GLY B 623 -25.15 -14.85 15.15
C GLY B 623 -26.58 -14.71 15.62
N GLY B 624 -26.91 -13.49 16.03
CA GLY B 624 -28.21 -13.20 16.61
C GLY B 624 -28.18 -13.24 18.13
N ALA B 625 -29.17 -12.58 18.73
CA ALA B 625 -29.29 -12.50 20.18
C ALA B 625 -30.16 -13.63 20.72
N TYR B 626 -30.21 -13.74 22.05
CA TYR B 626 -31.25 -14.54 22.66
C TYR B 626 -32.58 -14.18 22.01
N PRO B 627 -33.38 -15.16 21.59
CA PRO B 627 -34.63 -14.81 20.89
C PRO B 627 -35.52 -13.84 21.69
N TRP B 628 -35.53 -13.94 23.03
CA TRP B 628 -36.39 -13.05 23.81
C TRP B 628 -35.86 -11.64 23.92
N GLU B 629 -34.68 -11.36 23.37
CA GLU B 629 -34.05 -10.04 23.43
C GLU B 629 -33.78 -9.47 22.04
N SER B 630 -34.35 -10.07 21.00
CA SER B 630 -34.01 -9.65 19.64
C SER B 630 -34.55 -8.27 19.31
N SER B 631 -35.50 -7.75 20.08
CA SER B 631 -36.07 -6.43 19.83
C SER B 631 -35.31 -5.31 20.50
N ILE B 632 -34.28 -5.64 21.30
CA ILE B 632 -33.53 -4.66 22.06
C ILE B 632 -32.44 -4.11 21.15
N LEU B 633 -32.75 -3.10 20.33
CA LEU B 633 -31.72 -2.45 19.52
C LEU B 633 -31.40 -1.03 19.97
N ASP B 634 -31.97 -0.57 21.07
CA ASP B 634 -31.60 0.72 21.61
C ASP B 634 -30.43 0.54 22.56
N PHE B 635 -29.55 1.53 22.58
CA PHE B 635 -28.29 1.40 23.31
C PHE B 635 -28.50 1.27 24.82
N THR B 636 -29.55 1.89 25.39
CA THR B 636 -29.80 1.68 26.82
C THR B 636 -30.26 0.26 27.09
N GLY B 637 -31.19 -0.24 26.28
CA GLY B 637 -31.59 -1.63 26.42
C GLY B 637 -30.43 -2.59 26.32
N MET B 638 -29.59 -2.41 25.29
CA MET B 638 -28.51 -3.37 25.04
C MET B 638 -27.51 -3.39 26.19
N GLU B 639 -27.25 -2.23 26.81
CA GLU B 639 -26.36 -2.20 27.97
C GLU B 639 -26.89 -3.09 29.10
N ALA B 640 -28.21 -3.10 29.29
CA ALA B 640 -28.83 -3.88 30.35
C ALA B 640 -29.15 -5.32 29.94
N ALA B 641 -29.06 -5.66 28.66
CA ALA B 641 -29.51 -6.96 28.16
C ALA B 641 -28.56 -8.08 28.56
N GLU B 642 -29.11 -9.31 28.56
CA GLU B 642 -28.29 -10.49 28.86
C GLU B 642 -27.33 -10.81 27.74
N SER B 643 -27.77 -10.74 26.48
CA SER B 643 -26.96 -11.24 25.39
C SER B 643 -26.54 -10.15 24.41
N TRP B 644 -26.74 -8.88 24.75
CA TRP B 644 -26.16 -7.78 23.99
C TRP B 644 -25.02 -7.19 24.81
N GLU B 645 -24.05 -6.60 24.11
CA GLU B 645 -22.94 -5.90 24.73
C GLU B 645 -22.65 -4.64 23.93
N VAL B 646 -22.43 -3.52 24.62
CA VAL B 646 -22.05 -2.26 23.98
C VAL B 646 -20.56 -2.04 24.17
N VAL B 647 -19.84 -1.74 23.08
CA VAL B 647 -18.40 -1.65 23.07
C VAL B 647 -18.01 -0.27 22.53
N PRO B 648 -17.41 0.60 23.32
CA PRO B 648 -17.19 0.41 24.75
C PRO B 648 -18.49 0.49 25.50
N SER B 649 -18.51 0.08 26.77
CA SER B 649 -19.74 0.06 27.56
C SER B 649 -20.43 1.42 27.54
N LEU B 650 -21.76 1.39 27.42
CA LEU B 650 -22.52 2.63 27.49
C LEU B 650 -22.27 3.36 28.81
N GLU B 651 -22.06 2.62 29.91
CA GLU B 651 -21.71 3.25 31.17
C GLU B 651 -20.47 4.13 31.01
N THR B 652 -19.39 3.56 30.46
CA THR B 652 -18.14 4.31 30.28
C THR B 652 -18.32 5.48 29.31
N ILE B 653 -19.07 5.27 28.23
CA ILE B 653 -19.34 6.35 27.29
C ILE B 653 -20.06 7.49 28.00
N GLN B 654 -20.97 7.16 28.92
CA GLN B 654 -21.72 8.20 29.63
C GLN B 654 -20.86 8.90 30.67
N GLU B 655 -20.01 8.16 31.39
CA GLU B 655 -19.02 8.78 32.28
C GLU B 655 -18.14 9.77 31.52
N VAL B 656 -17.60 9.36 30.38
CA VAL B 656 -16.68 10.19 29.61
C VAL B 656 -17.39 11.43 29.06
N MET B 657 -18.61 11.26 28.51
CA MET B 657 -19.33 12.41 27.98
C MET B 657 -19.63 13.46 29.06
N ALA B 658 -19.64 13.07 30.33
CA ALA B 658 -19.90 14.03 31.39
C ALA B 658 -18.60 14.66 31.90
N GLU B 659 -17.49 13.92 31.82
CA GLU B 659 -16.19 14.46 32.21
C GLU B 659 -15.72 15.57 31.27
N VAL B 660 -16.27 15.63 30.06
CA VAL B 660 -15.94 16.67 29.11
C VAL B 660 -16.85 17.87 29.32
N GLU B 661 -17.89 17.71 30.15
CA GLU B 661 -18.92 18.70 30.41
C GLU B 661 -19.56 19.19 29.11
N ASP B 662 -18.82 19.92 28.27
CA ASP B 662 -19.40 20.26 26.97
C ASP B 662 -19.54 19.02 26.11
N PRO B 663 -20.75 18.47 25.90
CA PRO B 663 -20.87 17.26 25.09
C PRO B 663 -20.71 17.53 23.62
N SER B 664 -20.66 18.81 23.22
CA SER B 664 -20.40 19.21 21.85
C SER B 664 -18.99 18.93 21.39
N LYS B 665 -18.08 18.55 22.29
CA LYS B 665 -16.73 18.17 21.88
C LYS B 665 -16.60 16.67 21.65
N VAL B 666 -17.71 15.94 21.74
CA VAL B 666 -17.71 14.49 21.56
C VAL B 666 -18.13 14.16 20.14
N ILE B 667 -17.35 13.32 19.48
CA ILE B 667 -17.64 12.83 18.13
C ILE B 667 -17.89 11.34 18.23
N LEU B 668 -19.08 10.90 17.82
CA LEU B 668 -19.43 9.48 17.82
C LEU B 668 -19.26 8.90 16.43
N HIS B 669 -18.38 7.91 16.31
CA HIS B 669 -18.34 7.02 15.17
C HIS B 669 -19.04 5.72 15.58
N VAL B 670 -20.13 5.41 14.90
CA VAL B 670 -20.95 4.25 15.24
C VAL B 670 -20.94 3.27 14.08
N TYR B 671 -20.56 2.03 14.37
CA TYR B 671 -20.72 0.94 13.42
C TYR B 671 -22.13 0.39 13.59
N PHE B 672 -23.04 0.78 12.69
CA PHE B 672 -24.42 0.30 12.71
C PHE B 672 -24.52 -1.08 12.05
N ARG B 673 -23.94 -2.07 12.75
CA ARG B 673 -23.98 -3.45 12.27
C ARG B 673 -25.42 -3.91 12.04
N GLN B 674 -26.33 -3.48 12.89
CA GLN B 674 -27.76 -3.52 12.67
C GLN B 674 -28.30 -2.11 12.85
N PRO B 675 -29.50 -1.81 12.33
CA PRO B 675 -30.04 -0.45 12.48
C PRO B 675 -30.30 -0.08 13.95
N TYR B 676 -29.24 0.19 14.69
CA TYR B 676 -29.32 0.47 16.11
C TYR B 676 -30.05 1.77 16.38
N VAL B 677 -30.59 1.87 17.59
CA VAL B 677 -31.43 2.99 18.05
C VAL B 677 -30.63 3.83 19.05
N LEU B 678 -30.40 5.09 18.70
CA LEU B 678 -29.87 6.11 19.63
C LEU B 678 -31.02 6.63 20.48
N ASP B 679 -31.28 5.95 21.61
CA ASP B 679 -32.40 6.31 22.48
C ASP B 679 -32.03 7.54 23.33
N GLU B 680 -33.02 8.40 23.59
CA GLU B 680 -32.74 9.65 24.28
C GLU B 680 -32.21 9.43 25.69
N GLU B 681 -32.68 8.38 26.38
CA GLU B 681 -32.18 8.11 27.72
C GLU B 681 -30.66 7.91 27.72
N SER B 682 -30.09 7.57 26.57
CA SER B 682 -28.67 7.25 26.52
C SER B 682 -27.79 8.49 26.51
N GLY B 683 -28.28 9.61 26.00
CA GLY B 683 -27.48 10.81 25.94
C GLY B 683 -26.55 10.90 24.76
N LEU B 684 -26.59 9.91 23.86
CA LEU B 684 -25.70 9.91 22.69
C LEU B 684 -26.08 11.02 21.71
N ARG B 685 -27.39 11.28 21.55
CA ARG B 685 -27.84 12.31 20.61
C ARG B 685 -27.23 13.67 20.89
N ASP B 686 -26.78 13.91 22.13
CA ASP B 686 -26.19 15.17 22.53
C ASP B 686 -24.76 15.33 22.04
N ALA B 687 -24.24 14.37 21.28
CA ALA B 687 -22.87 14.43 20.81
C ALA B 687 -22.69 15.54 19.78
N GLY B 688 -21.46 16.05 19.72
CA GLY B 688 -21.18 17.14 18.80
C GLY B 688 -21.17 16.71 17.35
N ALA B 689 -20.77 15.47 17.09
CA ALA B 689 -20.87 14.88 15.75
C ALA B 689 -21.19 13.39 15.88
N ILE B 690 -21.95 12.89 14.92
CA ILE B 690 -22.26 11.47 14.85
C ILE B 690 -22.10 11.03 13.40
N LEU B 691 -21.21 10.06 13.17
CA LEU B 691 -21.03 9.43 11.88
C LEU B 691 -21.46 7.98 11.97
N ALA B 692 -22.11 7.50 10.91
CA ALA B 692 -22.37 6.07 10.73
C ALA B 692 -21.28 5.51 9.82
N GLY B 693 -20.50 4.58 10.36
CA GLY B 693 -19.44 3.92 9.61
C GLY B 693 -19.83 2.49 9.34
N PHE B 694 -19.35 1.95 8.22
CA PHE B 694 -19.66 0.59 7.82
C PHE B 694 -18.39 -0.25 7.66
N GLY B 695 -17.37 0.05 8.45
CA GLY B 695 -16.15 -0.71 8.41
C GLY B 695 -15.11 0.12 7.70
N MET B 696 -14.05 0.51 8.40
CA MET B 696 -13.01 1.28 7.74
C MET B 696 -11.76 1.25 8.59
N THR B 697 -10.63 1.47 7.92
CA THR B 697 -9.38 1.64 8.63
C THR B 697 -9.40 2.95 9.41
N ASP B 698 -8.57 3.03 10.45
CA ASP B 698 -8.48 4.29 11.17
C ASP B 698 -7.90 5.37 10.27
N THR B 699 -6.92 5.03 9.42
CA THR B 699 -6.35 6.00 8.51
C THR B 699 -7.42 6.65 7.64
N ALA B 700 -8.42 5.87 7.23
CA ALA B 700 -9.47 6.44 6.39
C ALA B 700 -10.42 7.29 7.22
N LEU B 701 -10.72 6.87 8.45
CA LEU B 701 -11.58 7.69 9.30
C LEU B 701 -10.91 9.00 9.66
N MET B 702 -9.63 8.96 10.02
CA MET B 702 -8.91 10.19 10.33
C MET B 702 -8.80 11.12 9.13
N ASP B 703 -8.72 10.56 7.90
CA ASP B 703 -8.65 11.40 6.72
C ASP B 703 -9.91 12.23 6.54
N VAL B 704 -11.07 11.69 6.93
CA VAL B 704 -12.31 12.45 6.81
C VAL B 704 -12.49 13.36 8.01
N LEU B 705 -12.11 12.89 9.20
CA LEU B 705 -12.26 13.67 10.42
C LEU B 705 -11.51 14.99 10.32
N THR B 706 -10.30 14.94 9.79
CA THR B 706 -9.41 16.11 9.71
C THR B 706 -9.67 16.96 8.49
N GLY B 707 -10.62 16.58 7.65
CA GLY B 707 -11.00 17.41 6.52
C GLY B 707 -10.19 17.19 5.26
N ALA B 708 -9.24 16.25 5.26
CA ALA B 708 -8.58 15.85 4.02
C ALA B 708 -9.59 15.41 2.97
N TYR B 709 -10.68 14.77 3.40
CA TYR B 709 -11.78 14.41 2.53
C TYR B 709 -13.09 14.73 3.25
N ALA B 710 -14.10 15.12 2.48
CA ALA B 710 -15.39 15.46 3.05
C ALA B 710 -16.34 14.26 2.99
N PRO B 711 -17.13 14.04 4.04
CA PRO B 711 -18.10 12.95 4.01
C PRO B 711 -19.15 13.16 2.92
N GLN B 712 -19.55 12.08 2.28
CA GLN B 712 -20.61 12.18 1.28
C GLN B 712 -21.56 11.01 1.30
N GLY B 713 -21.30 9.96 2.08
CA GLY B 713 -22.20 8.83 2.12
C GLY B 713 -23.57 9.22 2.62
N LYS B 714 -24.56 8.45 2.20
CA LYS B 714 -25.94 8.63 2.63
C LYS B 714 -26.49 7.28 3.09
N LEU B 715 -27.38 7.33 4.08
CA LEU B 715 -27.85 6.10 4.74
C LEU B 715 -28.55 5.20 3.74
N PRO B 716 -28.19 3.92 3.66
CA PRO B 716 -28.93 2.97 2.82
C PRO B 716 -30.10 2.30 3.53
N PHE B 717 -30.38 2.69 4.76
CA PHE B 717 -31.57 2.29 5.49
C PHE B 717 -31.90 3.38 6.49
N ALA B 718 -33.15 3.44 6.91
CA ALA B 718 -33.50 4.46 7.89
C ALA B 718 -33.13 3.98 9.29
N LEU B 719 -32.83 4.95 10.15
CA LEU B 719 -32.56 4.69 11.55
C LEU B 719 -33.74 5.18 12.36
N ALA B 720 -34.14 4.40 13.36
CA ALA B 720 -35.22 4.80 14.25
C ALA B 720 -34.64 5.38 15.54
N GLY B 721 -35.46 6.14 16.26
CA GLY B 721 -34.99 6.79 17.46
C GLY B 721 -35.55 6.26 18.76
N THR B 722 -36.51 5.34 18.69
CA THR B 722 -37.23 4.85 19.87
C THR B 722 -37.45 3.35 19.72
N ARG B 723 -37.57 2.66 20.87
CA ARG B 723 -37.77 1.22 20.82
C ARG B 723 -39.11 0.78 20.22
N GLU B 724 -40.16 1.59 20.32
CA GLU B 724 -41.50 1.10 19.92
C GLU B 724 -41.56 1.02 18.38
N ALA B 725 -40.85 1.94 17.70
CA ALA B 725 -40.75 1.87 16.25
C ALA B 725 -40.16 0.53 15.81
N ILE B 726 -39.17 0.05 16.57
CA ILE B 726 -38.59 -1.26 16.31
C ILE B 726 -39.66 -2.34 16.40
N ILE B 727 -40.50 -2.29 17.44
CA ILE B 727 -41.52 -3.32 17.62
C ILE B 727 -42.77 -3.06 16.77
N GLU B 728 -42.96 -1.81 16.33
CA GLU B 728 -44.07 -1.37 15.45
C GLU B 728 -43.78 -1.46 13.94
N GLN B 729 -42.52 -1.44 13.49
CA GLN B 729 -42.33 -1.40 12.03
C GLN B 729 -42.73 -2.75 11.40
N ASP B 730 -43.21 -2.70 10.15
CA ASP B 730 -43.56 -3.90 9.41
C ASP B 730 -42.30 -4.64 8.96
N SER B 731 -42.25 -5.96 9.22
CA SER B 731 -41.05 -6.73 8.90
C SER B 731 -40.65 -6.61 7.44
N ASP B 732 -41.63 -6.50 6.53
CA ASP B 732 -41.36 -6.52 5.09
C ASP B 732 -41.32 -5.14 4.47
N ARG B 733 -41.48 -4.09 5.27
CA ARG B 733 -41.55 -2.73 4.74
C ARG B 733 -40.33 -1.93 5.16
N PRO B 734 -39.72 -1.17 4.26
CA PRO B 734 -38.59 -0.31 4.66
C PRO B 734 -39.06 0.90 5.44
N GLY B 735 -38.18 1.42 6.26
CA GLY B 735 -38.44 2.64 6.96
C GLY B 735 -39.30 2.40 8.18
N TYR B 736 -39.82 3.51 8.72
CA TYR B 736 -40.67 3.48 9.90
C TYR B 736 -41.81 4.49 9.79
N ASP B 737 -42.14 4.95 8.59
CA ASP B 737 -43.13 6.01 8.46
C ASP B 737 -44.54 5.52 8.72
N GLU B 738 -44.73 4.21 8.83
CA GLU B 738 -45.98 3.65 9.27
C GLU B 738 -46.04 3.62 10.78
N THR B 739 -45.05 4.19 11.47
CA THR B 739 -44.96 4.12 12.91
C THR B 739 -45.42 5.40 13.58
N GLU B 740 -45.73 5.30 14.87
CA GLU B 740 -46.12 6.48 15.63
C GLU B 740 -44.92 7.38 15.88
N ASP B 741 -43.76 6.79 16.26
CA ASP B 741 -42.58 7.61 16.55
C ASP B 741 -41.80 7.95 15.29
N GLY B 742 -41.89 7.12 14.25
CA GLY B 742 -41.24 7.42 12.98
C GLY B 742 -39.72 7.32 13.03
N ALA B 743 -39.11 7.63 11.88
CA ALA B 743 -37.67 7.53 11.74
C ALA B 743 -36.98 8.75 12.32
N LEU B 744 -35.83 8.54 12.95
CA LEU B 744 -34.97 9.64 13.36
C LEU B 744 -34.09 10.10 12.19
N TYR B 745 -33.69 9.17 11.34
CA TYR B 745 -33.01 9.51 10.10
C TYR B 745 -33.68 8.68 9.01
N PRO B 746 -34.01 9.28 7.86
CA PRO B 746 -34.63 8.52 6.77
C PRO B 746 -33.59 7.89 5.87
N PHE B 747 -34.05 6.91 5.09
CA PHE B 747 -33.28 6.47 3.94
C PHE B 747 -32.79 7.69 3.17
N GLY B 748 -31.52 7.67 2.78
CA GLY B 748 -30.95 8.75 1.98
C GLY B 748 -30.36 9.90 2.75
N TYR B 749 -30.41 9.88 4.08
CA TYR B 749 -29.94 11.04 4.84
C TYR B 749 -28.42 11.07 4.89
N GLY B 750 -27.88 12.28 4.85
CA GLY B 750 -26.43 12.44 4.93
C GLY B 750 -25.96 13.88 4.82
N LEU B 751 -25.24 14.35 5.83
CA LEU B 751 -24.69 15.68 5.85
C LEU B 751 -23.31 15.67 5.20
N THR B 752 -22.79 16.88 4.94
CA THR B 752 -21.44 17.02 4.40
C THR B 752 -20.78 18.18 5.14
N TYR B 753 -19.46 18.28 5.02
CA TYR B 753 -18.76 19.48 5.44
C TYR B 753 -19.16 20.58 4.49
N GLU B 754 -19.33 21.80 5.00
CA GLU B 754 -19.72 22.83 4.07
C GLU B 754 -18.63 23.88 3.99
N ASP B 755 -18.28 24.21 2.76
CA ASP B 755 -17.20 25.12 2.36
C ASP B 755 -17.69 25.94 1.17
N ASP B 756 -18.86 25.58 0.61
CA ASP B 756 -19.41 26.10 -0.63
C ASP B 756 -20.38 27.26 -0.37
C2 B9I C . 34.07 8.08 4.36
C4 B9I C . 31.89 6.80 4.47
C5 B9I C . 31.95 8.75 3.14
C6 B9I C . 33.29 8.97 3.40
O6 B9I C . 28.09 10.94 3.06
C8 B9I C . 33.17 10.82 1.83
O8 B9I C . 27.04 13.77 1.82
O2 B9I C . 35.29 7.60 3.62
O4 B9I C . 30.98 11.27 0.76
C7 B9I C . 33.88 10.03 2.71
C1 B9I C . 36.37 8.37 3.99
C10 B9I C . 30.97 12.68 0.86
C11 B9I C . 30.09 13.19 -0.29
C12 B9I C . 28.86 13.91 0.22
C13 B9I C . 28.22 13.11 1.35
C14 B9I C . 29.19 12.97 2.54
C15 B9I C . 28.91 11.74 3.40
C16 B9I C . 31.20 9.51 2.27
C17 B9I C . 31.10 5.74 4.89
C18 B9I C . 31.66 4.75 5.66
C25 B9I C . 33.00 4.81 6.02
C26 B9I C . 33.77 5.88 5.59
C27 B9I C . 34.72 8.76 5.54
C28 B9I C . 36.08 8.91 5.32
C29 B9I C . 36.94 9.49 6.25
C3 B9I C . 33.24 6.90 4.79
C30 B9I C . 36.38 9.89 7.44
C31 B9I C . 35.02 9.73 7.69
C32 B9I C . 34.17 9.14 6.76
C9 B9I C . 31.81 10.56 1.60
O1 B9I C . 37.37 8.47 3.29
O10 B9I C . 30.85 14.02 -1.15
O11 B9I C . 30.84 3.71 6.06
O3 B9I C . 31.22 7.73 3.72
O5 B9I C . 29.51 11.61 4.46
O7 B9I C . 30.56 13.11 2.15
O9 B9I C . 27.96 14.12 -0.86
ZN ZN D . 28.48 19.87 -21.19
ZN ZN E . 34.71 33.98 25.29
ZN ZN F . 41.40 13.75 20.87
ZN ZN G . 37.46 16.50 -11.18
ZN ZN H . 53.30 20.70 -5.01
ZN ZN I . 19.36 16.46 39.41
ZN ZN J . 52.22 -0.44 -24.75
ZN ZN K . 55.37 16.12 11.11
ZN ZN L . 23.54 4.92 -9.32
ZN ZN M . 35.38 16.56 28.48
ZN ZN N . 0.99 11.18 6.22
ZN ZN O . 19.67 26.37 34.62
ZN ZN P . 3.64 6.94 22.34
ZN ZN Q . 4.19 14.93 20.63
ZN ZN R . -0.62 -18.30 -18.99
ZN ZN S . 25.47 -16.24 -27.69
ZN ZN T . 43.78 -1.99 -19.22
ZN ZN U . 33.62 13.74 -36.67
ZN ZN V . 10.51 36.77 34.73
ZN ZN W . 11.05 32.08 -7.55
ZN ZN X . 28.69 19.72 24.51
ZN ZN Y . -3.15 6.41 -34.89
C ACT Z . 45.89 13.72 1.00
O ACT Z . 46.78 14.34 0.32
OXT ACT Z . 45.26 14.15 2.04
CH3 ACT Z . 45.57 12.25 0.50
S SO4 AA . 48.55 28.17 0.29
O1 SO4 AA . 47.47 28.56 -0.62
O2 SO4 AA . 49.60 27.54 -0.52
O3 SO4 AA . 48.06 27.30 1.36
O4 SO4 AA . 49.10 29.32 1.02
S SO4 BA . 53.99 -2.64 -5.48
O1 SO4 BA . 54.44 -3.20 -6.75
O2 SO4 BA . 52.73 -3.31 -5.07
O3 SO4 BA . 55.01 -2.86 -4.46
O4 SO4 BA . 53.77 -1.20 -5.64
S SO4 CA . 34.49 26.83 -26.68
O1 SO4 CA . 33.77 27.90 -27.37
O2 SO4 CA . 33.76 25.60 -26.97
O3 SO4 CA . 34.57 27.07 -25.24
O4 SO4 CA . 35.81 26.82 -27.30
C2 B9I DA . -22.01 -25.31 8.61
C4 B9I DA . -20.03 -23.73 8.61
C5 B9I DA . -22.06 -22.97 7.65
C6 B9I DA . -22.72 -24.14 7.98
O6 B9I DA . -22.37 -22.57 3.89
C8 B9I DA . -24.77 -23.07 7.20
O8 B9I DA . -23.68 -18.79 2.25
O2 B9I DA . -22.79 -25.67 9.85
O4 B9I DA . -24.67 -20.80 6.32
C7 B9I DA . -24.11 -24.15 7.75
C1 B9I DA . -23.61 -26.73 9.56
C10 B9I DA . -25.61 -20.93 5.25
C11 B9I DA . -26.15 -19.54 4.93
C12 B9I DA . -25.71 -19.07 3.57
C13 B9I DA . -24.22 -19.38 3.44
C14 B9I DA . -24.03 -20.91 3.40
C15 B9I DA . -22.67 -21.39 3.89
C16 B9I DA . -22.70 -21.87 7.11
C17 B9I DA . -18.74 -23.38 8.96
C18 B9I DA . -17.98 -24.24 9.73
C25 B9I DA . -18.52 -25.45 10.14
C26 B9I DA . -19.80 -25.79 9.78
C27 B9I DA . -22.08 -26.61 7.84
C28 B9I DA . -23.03 -27.45 8.42
C29 B9I DA . -23.28 -28.73 7.93
C3 B9I DA . -20.61 -24.93 9.00
C30 B9I DA . -22.54 -29.15 6.85
C31 B9I DA . -21.57 -28.33 6.27
C32 B9I DA . -21.32 -27.06 6.75
C9 B9I DA . -24.06 -21.92 6.86
O1 B9I DA . -24.60 -26.97 10.22
O10 B9I DA . -27.56 -19.46 5.13
O11 B9I DA . -16.69 -23.89 10.09
O3 B9I DA . -20.71 -22.80 7.86
O5 B9I DA . -21.87 -20.58 4.28
O7 B9I DA . -25.05 -21.60 4.12
O9 B9I DA . -25.93 -17.66 3.52
ZN ZN EA . 0.48 -29.50 -35.92
ZN ZN FA . -17.67 -44.53 -7.89
ZN ZN GA . -20.77 -8.36 11.73
ZN ZN HA . -8.17 -9.42 -16.81
ZN ZN IA . -24.28 21.09 23.95
ZN ZN JA . -4.98 -5.21 -10.88
ZN ZN KA . 4.15 -19.12 -13.61
ZN ZN LA . -17.80 -36.88 -11.65
ZN ZN MA . -27.99 -46.47 1.17
ZN ZN NA . -34.41 -34.61 12.17
ZN ZN OA . -37.95 -44.49 12.16
ZN ZN PA . -13.69 -33.04 -37.78
ZN ZN QA . -11.91 -38.84 -25.63
ZN ZN RA . -39.86 -2.61 8.46
ZN ZN SA . -29.67 -43.19 -19.08
ZN ZN TA . -37.91 -16.10 11.14
S SO4 UA . -33.16 -2.51 -13.91
O1 SO4 UA . -33.87 -3.49 -14.74
O2 SO4 UA . -32.62 -1.42 -14.75
O3 SO4 UA . -32.07 -3.19 -13.22
O4 SO4 UA . -34.09 -1.99 -12.91
#